data_5AE3
#
_entry.id   5AE3
#
_cell.length_a   61.159
_cell.length_b   98.850
_cell.length_c   107.722
_cell.angle_alpha   90.80
_cell.angle_beta   90.50
_cell.angle_gamma   94.79
#
_symmetry.space_group_name_H-M   'P 1'
#
loop_
_entity.id
_entity.type
_entity.pdbx_description
1 polymer 'ALKYLDIHYDROXYACETONEPHOSPHATE SYNTHASE, PEROXISOMAL'
2 non-polymer '[(2R,3S,6S,7R,8R)-3-[(3-formamido-2-oxidanyl-phenyl)carbonylamino]-8-hexyl-2,6-dimethyl-4,9-bis(oxidanylidene)-1,5-dioxonan-7-yl] 3-methylbutanoate'
3 non-polymer 'FLAVIN-ADENINE DINUCLEOTIDE'
4 non-polymer 'SULFATE ION'
5 water water
#
_entity_poly.entity_id   1
_entity_poly.type   'polypeptide(L)'
_entity_poly.pdbx_seq_one_letter_code
;MAEAAAAAAAAAAAGETSASSGSAAERDPDQDRAGRRLRVLSGHLLGRPQEALSTNECKARRAASAATAAPTATPAAPES
GIIPKKRQELMKWNGWGYNDSKFFLNKKGQLELTGKRYPLSGVALPTFKDWIQNTFGINLDHKTTSKASLNPSDTPPSIV
NEDFLHELKKTNISYSQEADDRVFRAHGHCLHEIFLLREGMFERIPDIVLWPTCHDDVVKIVNLACKYNLCIIPIGGGTS
VSYGLMCPADETRTIISLDTSQMNRILWVDENNLTAHVEAGITGQELERQLKESGYCTGHEPDSLEFSTVGGWISTRASG
MKKNIYGNIEDLVVHMKVVTPRGVIEKSCQGPRMSTGPDIHHFIMGSEGTLGVITEATIKIRPTPEYQKYGSVAFPNFEQ
GVACLREIAKQRCAPASIRLMDNQQFQFGHALKPQVSSIFTSFLDGLKKFYITKFKGFDPNQLSVATLLFEGDREKVLQH
EKQVYDIAAKFGGLAAGEDNGQRGYLLTYVIAYMRDLGLEYYIIGESFETSAPWDRVVDLCRNVKERIRRECKEKGVQFP
PLSTCRVTQTYDAGACIYFYFAFNYRGISDPLAVFEQTEAAAREEILANGGSLSHHHGVGKLRKQWLKESISDVGFGMLK
SVKDYVDPTNIFGNRNLL
;
_entity_poly.pdbx_strand_id   A,B,C,D
#
loop_
_chem_comp.id
_chem_comp.type
_chem_comp.name
_chem_comp.formula
AWB non-polymer '[(2R,3S,6S,7R,8R)-3-[(3-formamido-2-oxidanyl-phenyl)carbonylamino]-8-hexyl-2,6-dimethyl-4,9-bis(oxidanylidene)-1,5-dioxonan-7-yl] 3-methylbutanoate' 'C28 H40 N2 O9'
FAD non-polymer 'FLAVIN-ADENINE DINUCLEOTIDE' 'C27 H33 N9 O15 P2'
SO4 non-polymer 'SULFATE ION' 'O4 S -2'
#
# COMPACT_ATOMS: atom_id res chain seq x y z
N PRO A 84 5.66 11.30 24.82
CA PRO A 84 4.69 11.64 25.86
C PRO A 84 3.99 10.35 26.33
N LYS A 85 3.50 10.31 27.56
CA LYS A 85 2.92 9.06 28.09
C LYS A 85 1.73 8.57 27.34
N LYS A 86 0.85 9.51 26.98
CA LYS A 86 -0.35 9.23 26.18
C LYS A 86 0.07 9.29 24.70
N ARG A 87 0.45 8.15 24.17
CA ARG A 87 1.15 8.13 22.90
C ARG A 87 0.18 8.48 21.78
N GLN A 88 -1.02 7.91 21.86
CA GLN A 88 -2.07 8.13 20.85
C GLN A 88 -2.42 9.60 20.58
N GLU A 89 -2.20 10.49 21.54
CA GLU A 89 -2.35 11.93 21.27
C GLU A 89 -1.62 12.35 20.00
N LEU A 90 -0.39 11.92 19.86
CA LEU A 90 0.49 12.36 18.78
C LEU A 90 0.81 11.24 17.70
N MET A 91 0.66 9.96 18.09
CA MET A 91 0.88 8.82 17.18
C MET A 91 -0.36 8.00 16.91
N LYS A 92 -0.37 7.24 15.83
CA LYS A 92 -1.56 6.48 15.46
C LYS A 92 -1.74 5.25 16.34
N TRP A 93 -2.92 5.04 16.92
CA TRP A 93 -3.23 3.83 17.71
C TRP A 93 -3.30 2.56 16.84
N ASN A 94 -3.43 2.76 15.54
CA ASN A 94 -3.72 1.65 14.63
C ASN A 94 -2.85 1.67 13.39
N GLY A 95 -1.71 2.36 13.48
CA GLY A 95 -0.81 2.45 12.33
C GLY A 95 0.59 2.90 12.66
N TRP A 96 1.42 3.00 11.64
CA TRP A 96 2.74 3.57 11.77
C TRP A 96 2.65 5.06 12.04
N GLY A 97 3.36 5.52 13.04
CA GLY A 97 3.82 6.86 13.05
C GLY A 97 2.91 7.93 13.54
N TYR A 98 3.15 9.15 13.06
CA TYR A 98 2.44 10.31 13.57
C TYR A 98 1.01 10.50 13.01
N ASN A 99 0.09 10.93 13.85
CA ASN A 99 -1.30 11.21 13.46
C ASN A 99 -1.36 12.21 12.34
N ASP A 100 -0.54 13.25 12.38
CA ASP A 100 -0.54 14.28 11.31
C ASP A 100 0.13 13.91 9.97
N SER A 101 0.44 12.61 9.76
CA SER A 101 1.20 12.15 8.60
C SER A 101 0.59 10.88 8.00
N LYS A 102 -0.09 11.03 6.87
CA LYS A 102 -0.64 9.91 6.11
C LYS A 102 -0.74 10.24 4.64
N PHE A 103 -0.83 9.22 3.83
CA PHE A 103 -1.08 9.42 2.43
C PHE A 103 -2.56 9.67 2.23
N PHE A 104 -2.88 10.64 1.38
CA PHE A 104 -4.27 10.94 1.01
C PHE A 104 -4.28 11.42 -0.43
N LEU A 105 -5.49 11.69 -0.92
CA LEU A 105 -5.73 12.15 -2.29
C LEU A 105 -5.93 13.62 -2.23
N ASN A 106 -5.10 14.37 -2.94
CA ASN A 106 -5.20 15.83 -2.85
C ASN A 106 -6.38 16.39 -3.75
N LYS A 107 -6.51 17.71 -3.84
CA LYS A 107 -7.61 18.37 -4.61
C LYS A 107 -7.48 18.11 -6.11
N LYS A 108 -6.32 17.61 -6.58
CA LYS A 108 -6.14 17.14 -7.96
C LYS A 108 -6.17 15.65 -8.16
N GLY A 109 -6.64 14.88 -7.20
CA GLY A 109 -6.62 13.39 -7.30
C GLY A 109 -5.23 12.73 -7.26
N GLN A 110 -4.25 13.40 -6.65
CA GLN A 110 -2.86 12.89 -6.60
C GLN A 110 -2.51 12.53 -5.16
N LEU A 111 -1.77 11.44 -5.00
CA LEU A 111 -1.34 10.98 -3.69
C LEU A 111 -0.28 11.92 -3.14
N GLU A 112 -0.34 12.12 -1.84
CA GLU A 112 0.41 13.16 -1.19
C GLU A 112 0.38 12.90 0.33
N LEU A 113 1.54 13.06 0.99
CA LEU A 113 1.60 12.92 2.42
C LEU A 113 1.16 14.23 3.11
N THR A 114 0.32 14.11 4.14
CA THR A 114 -0.10 15.27 4.93
C THR A 114 1.01 15.72 5.89
N GLY A 115 0.79 16.87 6.53
CA GLY A 115 1.65 17.36 7.57
C GLY A 115 2.83 18.06 7.00
N LYS A 116 3.76 18.43 7.89
CA LYS A 116 5.03 19.09 7.50
C LYS A 116 6.29 18.43 8.09
N ARG A 117 6.24 17.15 8.45
CA ARG A 117 7.35 16.48 9.11
C ARG A 117 8.50 15.99 8.29
N TYR A 118 8.25 15.56 7.06
CA TYR A 118 9.27 14.91 6.23
C TYR A 118 9.52 15.76 5.01
N PRO A 119 10.74 15.65 4.42
CA PRO A 119 10.99 16.33 3.13
C PRO A 119 9.89 16.20 2.06
N LEU A 120 9.26 15.02 2.00
CA LEU A 120 8.23 14.69 1.04
C LEU A 120 6.84 14.99 1.56
N SER A 121 6.69 15.46 2.79
CA SER A 121 5.43 15.94 3.28
C SER A 121 4.89 17.09 2.43
N GLY A 122 3.63 17.02 2.04
CA GLY A 122 3.03 18.06 1.23
C GLY A 122 3.53 18.09 -0.20
N VAL A 123 4.17 17.02 -0.67
CA VAL A 123 4.67 17.00 -2.03
C VAL A 123 3.78 16.03 -2.83
N ALA A 124 3.14 16.57 -3.87
CA ALA A 124 2.24 15.80 -4.71
C ALA A 124 3.04 14.74 -5.42
N LEU A 125 2.55 13.49 -5.46
CA LEU A 125 3.18 12.44 -6.23
C LEU A 125 2.23 12.08 -7.37
N PRO A 126 2.34 12.78 -8.52
CA PRO A 126 1.37 12.59 -9.61
C PRO A 126 1.28 11.16 -10.16
N THR A 127 2.43 10.50 -10.31
CA THR A 127 2.50 9.19 -10.91
C THR A 127 2.23 8.01 -9.94
N PHE A 128 2.23 8.28 -8.63
CA PHE A 128 2.17 7.20 -7.63
C PHE A 128 0.87 6.40 -7.73
N LYS A 129 -0.26 7.11 -7.85
CA LYS A 129 -1.55 6.43 -8.03
C LYS A 129 -1.59 5.41 -9.19
N ASP A 130 -1.15 5.81 -10.36
CA ASP A 130 -1.04 4.94 -11.51
C ASP A 130 -0.20 3.70 -11.26
N TRP A 131 1.04 3.91 -10.77
CA TRP A 131 1.92 2.80 -10.43
C TRP A 131 1.16 1.83 -9.48
N ILE A 132 0.49 2.32 -8.47
CA ILE A 132 -0.21 1.36 -7.57
C ILE A 132 -1.29 0.58 -8.34
N GLN A 133 -1.96 1.25 -9.29
CA GLN A 133 -3.06 0.63 -10.03
C GLN A 133 -2.48 -0.45 -10.92
N ASN A 134 -1.46 -0.13 -11.71
CA ASN A 134 -0.82 -1.11 -12.58
C ASN A 134 -0.17 -2.23 -11.81
N THR A 135 0.44 -1.93 -10.67
CA THR A 135 1.18 -2.96 -9.94
C THR A 135 0.24 -3.97 -9.23
N PHE A 136 -0.87 -3.51 -8.63
CA PHE A 136 -1.77 -4.39 -7.87
C PHE A 136 -3.20 -4.54 -8.41
N GLY A 137 -3.49 -3.95 -9.58
CA GLY A 137 -4.82 -4.03 -10.19
C GLY A 137 -5.95 -3.56 -9.30
N ILE A 138 -5.80 -2.40 -8.71
CA ILE A 138 -6.87 -1.78 -7.89
C ILE A 138 -7.26 -0.43 -8.51
N ASN A 139 -8.30 0.19 -7.96
CA ASN A 139 -8.81 1.44 -8.54
C ASN A 139 -8.68 2.71 -7.70
N LEU A 140 -8.28 2.58 -6.44
CA LEU A 140 -8.03 3.73 -5.57
C LEU A 140 -9.29 4.59 -5.45
N ASP A 141 -9.22 5.81 -4.93
CA ASP A 141 -10.42 6.63 -4.67
C ASP A 141 -11.47 5.81 -3.86
N HIS A 142 -12.05 4.80 -4.51
CA HIS A 142 -12.89 3.73 -3.90
C HIS A 142 -12.26 2.97 -2.71
N LYS A 143 -12.49 3.41 -1.48
CA LYS A 143 -11.96 2.70 -0.27
C LYS A 143 -13.09 2.06 0.53
N THR A 155 -13.82 -5.28 25.58
CA THR A 155 -12.41 -5.67 25.51
C THR A 155 -11.74 -5.72 26.92
N PRO A 156 -10.71 -6.58 27.11
CA PRO A 156 -10.18 -7.01 28.43
C PRO A 156 -10.21 -6.02 29.62
N PRO A 157 -10.64 -6.48 30.80
CA PRO A 157 -10.59 -5.64 31.99
C PRO A 157 -9.16 -5.63 32.56
N SER A 158 -8.88 -4.67 33.45
CA SER A 158 -7.59 -4.64 34.13
C SER A 158 -7.62 -5.46 35.43
N ILE A 159 -7.21 -6.74 35.35
CA ILE A 159 -6.99 -7.58 36.54
C ILE A 159 -5.64 -7.22 37.21
N VAL A 160 -5.72 -6.53 38.36
CA VAL A 160 -4.51 -6.05 39.11
C VAL A 160 -4.70 -6.12 40.64
N ASN A 161 -3.80 -6.82 41.31
CA ASN A 161 -3.80 -6.97 42.75
C ASN A 161 -3.71 -5.63 43.47
N GLU A 162 -4.63 -5.42 44.41
CA GLU A 162 -4.80 -4.14 45.10
C GLU A 162 -3.66 -3.84 46.08
N ASP A 163 -3.07 -4.88 46.66
CA ASP A 163 -1.90 -4.72 47.54
C ASP A 163 -0.65 -4.28 46.74
N PHE A 164 -0.37 -4.98 45.64
CA PHE A 164 0.61 -4.48 44.65
C PHE A 164 0.33 -2.99 44.33
N LEU A 165 -0.93 -2.72 44.02
CA LEU A 165 -1.36 -1.38 43.61
C LEU A 165 -1.05 -0.32 44.66
N HIS A 166 -1.27 -0.63 45.94
CA HIS A 166 -1.02 0.29 47.05
C HIS A 166 0.47 0.56 47.23
N GLU A 167 1.28 -0.49 47.13
CA GLU A 167 2.74 -0.34 47.11
C GLU A 167 3.21 0.48 45.90
N LEU A 168 2.63 0.20 44.73
CA LEU A 168 2.98 0.97 43.54
C LEU A 168 2.67 2.48 43.69
N LYS A 169 1.63 2.84 44.44
CA LYS A 169 1.34 4.26 44.72
C LYS A 169 2.44 4.91 45.56
N LYS A 170 2.92 4.24 46.61
CA LYS A 170 4.02 4.78 47.44
C LYS A 170 5.23 5.20 46.62
N THR A 171 5.51 4.45 45.56
CA THR A 171 6.68 4.68 44.69
C THR A 171 6.63 5.98 43.89
N ASN A 172 5.44 6.55 43.68
CA ASN A 172 5.24 7.67 42.76
C ASN A 172 5.56 7.35 41.30
N ILE A 173 5.61 6.07 40.94
CA ILE A 173 5.81 5.70 39.56
C ILE A 173 4.44 5.86 38.91
N SER A 174 4.38 6.76 37.95
CA SER A 174 3.18 6.93 37.13
C SER A 174 2.73 5.62 36.46
N TYR A 175 1.43 5.35 36.40
CA TYR A 175 0.91 4.14 35.76
C TYR A 175 -0.47 4.36 35.18
N SER A 176 -0.98 3.41 34.43
CA SER A 176 -2.33 3.50 33.87
C SER A 176 -2.93 2.12 33.66
N GLN A 177 -4.23 2.01 33.93
CA GLN A 177 -5.03 0.83 33.54
C GLN A 177 -5.95 1.12 32.40
N GLU A 178 -5.79 2.32 31.82
CA GLU A 178 -6.66 2.76 30.76
C GLU A 178 -6.42 1.85 29.56
N ALA A 179 -7.50 1.46 28.91
CA ALA A 179 -7.47 0.52 27.81
C ALA A 179 -6.74 1.05 26.56
N ASP A 180 -6.78 2.36 26.33
CA ASP A 180 -6.06 2.92 25.17
C ASP A 180 -4.54 2.84 25.39
N ASP A 181 -4.06 3.18 26.59
CA ASP A 181 -2.64 2.98 27.00
C ASP A 181 -2.16 1.51 26.93
N ARG A 182 -3.06 0.59 27.27
CA ARG A 182 -2.73 -0.83 27.32
C ARG A 182 -2.69 -1.46 25.93
N VAL A 183 -3.71 -1.18 25.12
CA VAL A 183 -3.74 -1.68 23.75
C VAL A 183 -2.61 -1.09 22.87
N PHE A 184 -2.19 0.15 23.15
CA PHE A 184 -1.19 0.78 22.30
C PHE A 184 0.12 -0.01 22.48
N ARG A 185 0.35 -0.56 23.70
CA ARG A 185 1.57 -1.28 24.00
C ARG A 185 1.40 -2.80 23.91
N ALA A 186 0.36 -3.24 23.23
CA ALA A 186 0.08 -4.67 23.11
C ALA A 186 0.66 -5.24 21.85
N HIS A 187 1.37 -4.44 21.05
CA HIS A 187 1.74 -4.90 19.72
C HIS A 187 2.93 -4.14 19.21
N GLY A 188 3.55 -4.72 18.21
CA GLY A 188 4.54 -4.03 17.40
C GLY A 188 3.97 -3.75 16.05
N HIS A 189 4.82 -3.89 15.05
CA HIS A 189 4.47 -3.53 13.71
C HIS A 189 4.58 -4.62 12.71
N CYS A 190 4.25 -5.85 13.14
CA CYS A 190 4.07 -6.90 12.17
C CYS A 190 2.75 -6.66 11.45
N LEU A 191 2.70 -7.06 10.19
CA LEU A 191 1.48 -6.92 9.41
C LEU A 191 0.30 -7.56 10.13
N HIS A 192 0.50 -8.79 10.60
CA HIS A 192 -0.50 -9.49 11.41
C HIS A 192 -1.10 -8.61 12.51
N GLU A 193 -0.25 -7.95 13.30
CA GLU A 193 -0.73 -7.15 14.43
C GLU A 193 -1.53 -5.93 14.00
N ILE A 194 -1.06 -5.24 12.96
CA ILE A 194 -1.70 -4.02 12.48
C ILE A 194 -3.09 -4.30 11.92
N PHE A 195 -3.13 -5.23 10.97
CA PHE A 195 -4.37 -5.63 10.28
C PHE A 195 -5.42 -5.98 11.31
N LEU A 196 -5.01 -6.76 12.28
CA LEU A 196 -5.88 -7.21 13.36
C LEU A 196 -6.41 -6.01 14.14
N LEU A 197 -5.50 -5.11 14.53
CA LEU A 197 -5.83 -3.84 15.20
C LEU A 197 -6.84 -2.98 14.44
N ARG A 198 -6.73 -2.96 13.11
CA ARG A 198 -7.57 -2.10 12.28
C ARG A 198 -9.06 -2.47 12.34
N GLU A 199 -9.35 -3.74 12.61
CA GLU A 199 -10.73 -4.20 12.60
C GLU A 199 -10.79 -5.54 13.30
N GLY A 200 -10.49 -5.52 14.59
CA GLY A 200 -10.49 -6.75 15.40
C GLY A 200 -10.02 -6.44 16.80
N MET A 201 -9.60 -7.46 17.55
CA MET A 201 -9.02 -7.22 18.88
C MET A 201 -8.08 -8.32 19.34
N PHE A 202 -7.08 -7.90 20.10
CA PHE A 202 -6.06 -8.79 20.60
C PHE A 202 -6.67 -9.65 21.67
N GLU A 203 -6.06 -10.80 21.82
CA GLU A 203 -6.49 -11.75 22.79
C GLU A 203 -6.06 -11.22 24.15
N ARG A 204 -4.75 -11.06 24.32
CA ARG A 204 -4.14 -10.59 25.57
C ARG A 204 -3.50 -9.23 25.31
N ILE A 205 -3.66 -8.31 26.27
CA ILE A 205 -2.99 -7.00 26.28
C ILE A 205 -2.44 -6.82 27.69
N PRO A 206 -1.49 -5.90 27.90
CA PRO A 206 -0.98 -5.66 29.26
C PRO A 206 -2.11 -5.28 30.21
N ASP A 207 -1.96 -5.59 31.49
CA ASP A 207 -2.95 -5.22 32.50
C ASP A 207 -2.71 -3.80 33.00
N ILE A 208 -1.46 -3.44 33.16
CA ILE A 208 -1.07 -2.14 33.68
C ILE A 208 0.18 -1.62 32.93
N VAL A 209 0.33 -0.29 32.85
CA VAL A 209 1.42 0.32 32.12
C VAL A 209 2.08 1.14 33.15
N LEU A 210 3.39 0.93 33.35
CA LEU A 210 4.22 1.73 34.23
C LEU A 210 5.26 2.52 33.40
N TRP A 211 5.57 3.73 33.84
CA TRP A 211 6.57 4.61 33.24
C TRP A 211 7.62 4.94 34.29
N PRO A 212 8.57 4.02 34.53
CA PRO A 212 9.72 4.41 35.32
C PRO A 212 10.57 5.45 34.60
N THR A 213 11.15 6.32 35.41
CA THR A 213 11.90 7.43 34.90
C THR A 213 13.39 7.28 35.25
N CYS A 214 13.79 6.18 35.89
CA CYS A 214 15.20 6.01 36.22
C CYS A 214 15.50 4.55 36.57
N HIS A 215 16.79 4.23 36.54
CA HIS A 215 17.26 2.88 36.85
C HIS A 215 16.65 2.34 38.22
N ASP A 216 16.68 3.16 39.28
CA ASP A 216 16.11 2.79 40.60
C ASP A 216 14.63 2.48 40.54
N ASP A 217 13.87 3.22 39.74
CA ASP A 217 12.45 2.87 39.54
C ASP A 217 12.30 1.45 39.01
N VAL A 218 13.22 1.07 38.15
CA VAL A 218 13.16 -0.24 37.52
C VAL A 218 13.53 -1.34 38.55
N VAL A 219 14.47 -1.03 39.41
CA VAL A 219 14.84 -1.97 40.47
C VAL A 219 13.59 -2.25 41.31
N LYS A 220 12.90 -1.18 41.71
CA LYS A 220 11.60 -1.30 42.44
C LYS A 220 10.51 -2.08 41.71
N ILE A 221 10.35 -1.85 40.42
CA ILE A 221 9.32 -2.57 39.68
C ILE A 221 9.59 -4.07 39.64
N VAL A 222 10.85 -4.43 39.46
CA VAL A 222 11.19 -5.84 39.27
C VAL A 222 11.03 -6.53 40.63
N ASN A 223 11.46 -5.85 41.69
CA ASN A 223 11.29 -6.32 43.07
C ASN A 223 9.79 -6.48 43.45
N LEU A 224 8.94 -5.53 43.06
CA LEU A 224 7.47 -5.72 43.14
C LEU A 224 6.95 -6.87 42.29
N ALA A 225 7.54 -7.08 41.13
CA ALA A 225 7.14 -8.21 40.29
C ALA A 225 7.47 -9.59 40.94
N CYS A 226 8.58 -9.69 41.65
CA CYS A 226 8.97 -10.94 42.39
C CYS A 226 7.98 -11.21 43.53
N LYS A 227 7.63 -10.17 44.24
CA LYS A 227 6.84 -10.24 45.46
C LYS A 227 5.39 -10.56 45.15
N TYR A 228 4.85 -9.95 44.09
CA TYR A 228 3.46 -10.21 43.71
C TYR A 228 3.28 -11.13 42.55
N ASN A 229 4.33 -11.83 42.11
CA ASN A 229 4.19 -12.73 40.96
C ASN A 229 3.64 -12.07 39.64
N LEU A 230 4.19 -10.92 39.28
CA LEU A 230 3.82 -10.23 38.04
C LEU A 230 4.70 -10.67 36.86
N CYS A 231 4.21 -10.47 35.65
CA CYS A 231 4.98 -10.65 34.42
C CYS A 231 5.30 -9.25 33.84
N ILE A 232 6.55 -9.05 33.42
CA ILE A 232 6.98 -7.79 32.78
C ILE A 232 7.36 -8.01 31.31
N ILE A 233 6.85 -7.09 30.49
CA ILE A 233 7.15 -7.02 29.03
C ILE A 233 7.60 -5.62 28.80
N PRO A 234 8.92 -5.44 28.59
CA PRO A 234 9.40 -4.07 28.40
C PRO A 234 9.06 -3.56 27.03
N ILE A 235 8.88 -2.26 26.92
CA ILE A 235 8.61 -1.66 25.62
C ILE A 235 9.31 -0.36 25.52
N GLY A 236 9.91 -0.05 24.38
CA GLY A 236 10.48 1.26 24.20
C GLY A 236 9.65 1.92 23.12
N GLY A 237 10.11 1.77 21.89
CA GLY A 237 9.48 2.40 20.77
C GLY A 237 8.23 1.71 20.27
N GLY A 238 8.02 0.45 20.62
CA GLY A 238 6.97 -0.34 20.05
C GLY A 238 7.16 -0.74 18.58
N THR A 239 8.41 -0.77 18.09
CA THR A 239 8.65 -1.00 16.66
C THR A 239 9.09 -2.41 16.28
N SER A 240 8.93 -3.34 17.21
CA SER A 240 9.22 -4.74 16.91
C SER A 240 8.52 -5.18 15.68
N VAL A 241 9.23 -5.91 14.83
CA VAL A 241 8.60 -6.61 13.72
C VAL A 241 8.79 -8.15 13.88
N SER A 242 8.68 -8.67 15.09
CA SER A 242 8.86 -10.11 15.29
C SER A 242 7.89 -10.69 16.32
N TYR A 243 6.78 -9.98 16.58
CA TYR A 243 5.83 -10.28 17.67
C TYR A 243 6.55 -10.28 19.01
N GLY A 244 7.59 -9.46 19.15
CA GLY A 244 8.36 -9.42 20.38
C GLY A 244 7.61 -8.81 21.54
N LEU A 245 6.53 -8.08 21.26
CA LEU A 245 5.77 -7.41 22.31
C LEU A 245 4.43 -8.03 22.61
N MET A 246 4.02 -8.97 21.75
CA MET A 246 2.72 -9.63 21.90
C MET A 246 2.64 -10.35 23.27
N CYS A 247 1.52 -10.22 23.96
CA CYS A 247 1.31 -10.83 25.28
C CYS A 247 0.88 -12.28 25.00
N PRO A 248 1.60 -13.24 25.56
CA PRO A 248 1.13 -14.63 25.30
C PRO A 248 -0.33 -14.86 25.77
N ALA A 249 -1.08 -15.61 24.98
CA ALA A 249 -2.53 -15.65 25.14
C ALA A 249 -2.91 -16.31 26.49
N ASP A 250 -2.17 -17.34 26.87
CA ASP A 250 -2.46 -18.00 28.14
C ASP A 250 -1.73 -17.43 29.37
N GLU A 251 -1.04 -16.30 29.25
CA GLU A 251 -0.35 -15.77 30.40
C GLU A 251 -1.42 -15.33 31.38
N THR A 252 -1.51 -16.02 32.51
CA THR A 252 -2.53 -15.76 33.53
C THR A 252 -2.13 -14.64 34.48
N ARG A 253 -0.83 -14.50 34.77
CA ARG A 253 -0.37 -13.45 35.71
C ARG A 253 -0.66 -12.04 35.17
N THR A 254 -0.64 -11.10 36.10
CA THR A 254 -0.72 -9.67 35.83
C THR A 254 0.47 -9.29 34.92
N ILE A 255 0.18 -8.89 33.69
CA ILE A 255 1.21 -8.39 32.77
C ILE A 255 1.35 -6.90 32.94
N ILE A 256 2.54 -6.48 33.33
CA ILE A 256 2.98 -5.08 33.29
C ILE A 256 3.69 -4.75 31.95
N SER A 257 3.27 -3.68 31.30
CA SER A 257 4.05 -3.06 30.24
C SER A 257 4.93 -2.04 30.89
N LEU A 258 6.23 -2.34 30.93
CA LEU A 258 7.22 -1.46 31.49
C LEU A 258 7.72 -0.59 30.29
N ASP A 259 7.26 0.66 30.30
CA ASP A 259 7.48 1.62 29.23
C ASP A 259 8.70 2.36 29.63
N THR A 260 9.73 2.34 28.78
CA THR A 260 11.01 3.05 29.04
C THR A 260 11.06 4.50 28.52
N SER A 261 9.92 5.01 28.01
CA SER A 261 9.96 6.20 27.19
C SER A 261 10.28 7.38 28.03
N GLN A 262 9.94 7.34 29.32
CA GLN A 262 10.34 8.43 30.24
C GLN A 262 11.77 8.36 30.78
N MET A 263 12.54 7.28 30.51
CA MET A 263 14.03 7.20 30.86
C MET A 263 14.89 7.51 29.64
N ASN A 264 15.16 8.77 29.43
CA ASN A 264 15.66 9.18 28.16
C ASN A 264 16.69 10.25 28.23
N ARG A 265 17.35 10.37 29.36
CA ARG A 265 18.37 11.38 29.49
C ARG A 265 19.70 10.87 28.91
N ILE A 266 20.46 11.79 28.33
CA ILE A 266 21.84 11.60 28.15
C ILE A 266 22.44 11.95 29.52
N LEU A 267 23.22 11.02 30.10
CA LEU A 267 23.71 11.19 31.50
C LEU A 267 25.10 11.86 31.57
N TRP A 268 25.96 11.50 30.62
CA TRP A 268 27.17 12.23 30.35
C TRP A 268 27.70 11.99 28.94
N VAL A 269 28.30 13.03 28.40
CA VAL A 269 29.07 12.97 27.18
C VAL A 269 30.60 13.07 27.53
N ASP A 270 31.34 11.97 27.39
CA ASP A 270 32.81 11.95 27.55
C ASP A 270 33.50 12.23 26.21
N GLU A 271 33.96 13.44 26.06
CA GLU A 271 34.62 13.88 24.84
C GLU A 271 36.04 13.34 24.75
N ASN A 272 36.66 12.99 25.88
CA ASN A 272 38.05 12.42 25.82
C ASN A 272 38.06 11.02 25.19
N ASN A 273 37.16 10.16 25.65
CA ASN A 273 36.95 8.77 25.15
C ASN A 273 35.97 8.58 24.02
N LEU A 274 35.27 9.66 23.63
CA LEU A 274 34.22 9.66 22.65
C LEU A 274 33.21 8.57 22.94
N THR A 275 32.63 8.64 24.14
CA THR A 275 31.49 7.83 24.49
C THR A 275 30.38 8.69 25.09
N ALA A 276 29.13 8.23 25.00
CA ALA A 276 28.01 8.89 25.70
C ALA A 276 27.30 7.84 26.52
N HIS A 277 26.98 8.16 27.76
CA HIS A 277 26.22 7.25 28.65
C HIS A 277 24.80 7.74 28.71
N VAL A 278 23.84 6.88 28.38
CA VAL A 278 22.47 7.31 28.21
C VAL A 278 21.51 6.34 28.88
N GLU A 279 20.30 6.81 29.15
CA GLU A 279 19.19 5.98 29.57
C GLU A 279 18.58 5.29 28.36
N ALA A 280 18.12 4.06 28.58
CA ALA A 280 17.80 3.14 27.52
C ALA A 280 16.58 3.54 26.76
N GLY A 281 15.72 4.38 27.29
CA GLY A 281 14.50 4.78 26.58
C GLY A 281 14.67 5.94 25.60
N ILE A 282 15.83 6.54 25.52
CA ILE A 282 16.01 7.64 24.53
C ILE A 282 15.87 7.13 23.08
N THR A 283 15.00 7.75 22.30
CA THR A 283 14.88 7.37 20.85
C THR A 283 16.09 7.73 20.03
N GLY A 284 16.25 7.13 18.85
CA GLY A 284 17.36 7.51 17.93
C GLY A 284 17.39 9.01 17.55
N GLN A 285 16.27 9.53 17.20
CA GLN A 285 16.11 10.94 16.85
C GLN A 285 16.50 11.89 17.94
N GLU A 286 16.03 11.62 19.18
CA GLU A 286 16.32 12.47 20.33
C GLU A 286 17.81 12.37 20.68
N LEU A 287 18.32 11.14 20.66
CA LEU A 287 19.76 10.95 20.88
C LEU A 287 20.57 11.80 19.89
N GLU A 288 20.35 11.63 18.60
CA GLU A 288 21.15 12.36 17.62
C GLU A 288 20.99 13.87 17.77
N ARG A 289 19.80 14.34 18.09
CA ARG A 289 19.55 15.75 18.09
C ARG A 289 20.30 16.32 19.25
N GLN A 290 20.24 15.69 20.43
CA GLN A 290 20.97 16.24 21.58
C GLN A 290 22.47 16.15 21.37
N LEU A 291 22.98 14.99 20.91
CA LEU A 291 24.43 14.86 20.62
C LEU A 291 24.95 15.92 19.64
N LYS A 292 24.17 16.23 18.62
CA LYS A 292 24.57 17.19 17.60
C LYS A 292 24.76 18.63 18.16
N GLU A 293 24.06 18.97 19.23
CA GLU A 293 24.27 20.27 19.86
C GLU A 293 25.67 20.35 20.45
N SER A 294 26.23 19.23 20.89
CA SER A 294 27.64 19.19 21.31
C SER A 294 28.61 18.96 20.17
N GLY A 295 28.12 18.84 18.94
CA GLY A 295 28.97 18.54 17.77
C GLY A 295 29.31 17.05 17.51
N TYR A 296 28.48 16.15 18.03
CA TYR A 296 28.68 14.69 18.00
C TYR A 296 27.48 13.98 17.44
N CYS A 297 27.69 12.72 17.04
CA CYS A 297 26.58 11.82 16.63
C CYS A 297 26.94 10.37 17.00
N THR A 298 25.95 9.49 16.99
CA THR A 298 26.26 8.07 17.01
C THR A 298 26.41 7.53 15.62
N GLY A 299 25.54 7.99 14.73
CA GLY A 299 25.47 7.47 13.37
C GLY A 299 24.71 6.20 13.18
N HIS A 300 24.08 5.69 14.26
CA HIS A 300 23.23 4.56 14.23
C HIS A 300 21.85 4.99 13.75
N GLU A 301 21.45 4.53 12.58
CA GLU A 301 20.29 5.05 11.90
C GLU A 301 19.51 3.90 11.32
N PRO A 302 18.82 3.13 12.18
CA PRO A 302 17.82 2.20 11.68
C PRO A 302 16.68 3.01 11.15
N ASP A 303 15.94 2.47 10.24
CA ASP A 303 14.85 3.18 9.61
C ASP A 303 13.75 3.59 10.59
N SER A 304 13.67 2.98 11.79
CA SER A 304 12.69 3.29 12.80
C SER A 304 13.16 4.26 13.87
N LEU A 305 14.30 4.90 13.69
CA LEU A 305 14.93 5.73 14.71
C LEU A 305 14.10 6.85 15.32
N GLU A 306 13.06 7.27 14.62
CA GLU A 306 12.22 8.26 15.15
C GLU A 306 11.62 7.77 16.41
N PHE A 307 11.37 6.45 16.54
CA PHE A 307 10.75 5.89 17.73
C PHE A 307 11.52 4.79 18.44
N SER A 308 12.40 4.03 17.77
CA SER A 308 13.16 2.96 18.41
C SER A 308 14.18 3.53 19.34
N THR A 309 14.49 2.78 20.41
CA THR A 309 15.24 3.23 21.51
C THR A 309 16.59 2.48 21.65
N VAL A 310 17.47 3.05 22.44
CA VAL A 310 18.74 2.40 22.74
C VAL A 310 18.54 0.98 23.34
N GLY A 311 17.66 0.87 24.35
CA GLY A 311 17.35 -0.44 24.95
C GLY A 311 16.76 -1.39 23.96
N GLY A 312 15.82 -0.93 23.15
CA GLY A 312 15.34 -1.72 22.03
C GLY A 312 16.49 -2.20 21.10
N TRP A 313 17.42 -1.32 20.74
CA TRP A 313 18.48 -1.71 19.75
C TRP A 313 19.36 -2.83 20.28
N ILE A 314 19.66 -2.74 21.56
CA ILE A 314 20.51 -3.73 22.19
C ILE A 314 19.73 -5.07 22.26
N SER A 315 18.45 -4.99 22.58
CA SER A 315 17.64 -6.19 22.81
C SER A 315 17.43 -6.93 21.54
N THR A 316 17.38 -6.17 20.44
CA THR A 316 17.16 -6.83 19.16
C THR A 316 18.33 -6.96 18.25
N ARG A 317 19.48 -6.59 18.69
CA ARG A 317 20.66 -6.55 17.78
C ARG A 317 20.45 -5.68 16.52
N ALA A 318 20.07 -4.41 16.76
CA ALA A 318 19.71 -3.49 15.70
C ALA A 318 20.87 -3.15 14.79
N SER A 319 20.49 -2.97 13.55
CA SER A 319 21.45 -2.56 12.52
C SER A 319 20.96 -1.27 11.88
N GLY A 320 21.92 -0.43 11.55
CA GLY A 320 21.65 0.86 11.02
C GLY A 320 22.23 1.06 9.63
N MET A 321 21.62 1.99 8.91
CA MET A 321 21.94 2.32 7.53
C MET A 321 23.42 2.58 7.33
N LYS A 322 24.06 3.23 8.29
CA LYS A 322 25.44 3.63 8.21
C LYS A 322 26.44 2.80 9.01
N LYS A 323 26.07 1.51 9.19
CA LYS A 323 26.88 0.45 9.77
C LYS A 323 28.32 0.48 9.23
N ASN A 324 28.46 0.70 7.92
CA ASN A 324 29.80 0.69 7.31
C ASN A 324 30.75 1.64 7.97
N ILE A 325 30.27 2.74 8.53
CA ILE A 325 31.15 3.66 9.16
C ILE A 325 31.10 3.51 10.64
N TYR A 326 29.91 3.39 11.15
CA TYR A 326 29.74 3.56 12.60
C TYR A 326 29.69 2.27 13.38
N GLY A 327 29.40 1.15 12.71
CA GLY A 327 29.16 -0.13 13.38
C GLY A 327 27.68 -0.43 13.50
N ASN A 328 27.39 -1.71 13.65
CA ASN A 328 26.11 -2.16 14.21
C ASN A 328 26.13 -2.01 15.72
N ILE A 329 25.03 -2.33 16.39
CA ILE A 329 24.86 -2.02 17.81
C ILE A 329 25.93 -2.71 18.69
N GLU A 330 26.28 -3.92 18.33
CA GLU A 330 27.35 -4.67 19.03
C GLU A 330 28.72 -4.01 18.96
N ASP A 331 28.97 -3.26 17.89
CA ASP A 331 30.19 -2.43 17.77
C ASP A 331 30.13 -1.14 18.60
N LEU A 332 28.96 -0.53 18.65
CA LEU A 332 28.74 0.74 19.29
C LEU A 332 28.64 0.70 20.84
N VAL A 333 28.09 -0.37 21.40
CA VAL A 333 27.86 -0.43 22.85
C VAL A 333 29.10 -0.84 23.57
N VAL A 334 29.58 0.01 24.46
CA VAL A 334 30.85 -0.13 25.22
C VAL A 334 30.53 -0.64 26.63
N HIS A 335 29.27 -0.52 27.06
CA HIS A 335 28.89 -0.70 28.47
C HIS A 335 27.38 -0.68 28.62
N MET A 336 26.87 -1.38 29.64
CA MET A 336 25.45 -1.40 29.93
C MET A 336 25.12 -1.86 31.35
N LYS A 337 23.92 -1.43 31.77
CA LYS A 337 23.34 -1.77 33.04
C LYS A 337 22.03 -2.40 32.78
N VAL A 338 21.83 -3.56 33.43
CA VAL A 338 20.70 -4.43 33.22
C VAL A 338 20.11 -4.95 34.55
N VAL A 339 18.82 -4.74 34.73
CA VAL A 339 18.11 -5.12 35.95
C VAL A 339 17.44 -6.43 35.67
N THR A 340 17.91 -7.45 36.38
CA THR A 340 17.29 -8.76 36.30
C THR A 340 16.68 -9.13 37.67
N PRO A 341 15.77 -10.08 37.66
CA PRO A 341 15.27 -10.56 38.94
C PRO A 341 16.39 -11.03 39.88
N ARG A 342 17.48 -11.57 39.33
CA ARG A 342 18.63 -11.90 40.17
C ARG A 342 19.58 -10.81 40.62
N GLY A 343 19.44 -9.62 40.06
CA GLY A 343 20.26 -8.50 40.43
C GLY A 343 20.69 -7.78 39.14
N VAL A 344 21.57 -6.83 39.35
CA VAL A 344 22.00 -5.88 38.36
C VAL A 344 23.27 -6.36 37.65
N ILE A 345 23.19 -6.58 36.35
CA ILE A 345 24.40 -6.90 35.55
C ILE A 345 25.07 -5.59 35.14
N GLU A 346 26.37 -5.53 35.42
CA GLU A 346 27.22 -4.39 35.12
C GLU A 346 28.72 -4.70 35.21
N LYS A 347 29.49 -4.33 34.19
CA LYS A 347 30.95 -4.47 34.32
C LYS A 347 31.48 -3.28 35.10
N SER A 348 32.66 -3.46 35.68
CA SER A 348 33.31 -2.42 36.46
C SER A 348 34.47 -1.77 35.74
N CYS A 349 34.44 -1.65 34.41
CA CYS A 349 35.33 -0.69 33.71
C CYS A 349 34.94 -0.42 32.27
N GLN A 350 35.50 0.67 31.77
CA GLN A 350 35.16 1.28 30.50
C GLN A 350 36.17 0.93 29.42
N GLY A 351 37.13 0.05 29.72
CA GLY A 351 38.10 -0.44 28.75
C GLY A 351 37.49 -0.75 27.41
N PRO A 352 38.17 -0.39 26.30
CA PRO A 352 37.63 -0.65 24.95
C PRO A 352 37.50 -2.13 24.55
N ARG A 353 38.40 -2.94 25.04
CA ARG A 353 38.40 -4.34 24.62
C ARG A 353 39.05 -5.15 25.71
N MET A 354 38.40 -6.23 26.09
CA MET A 354 38.81 -7.06 27.21
C MET A 354 38.85 -8.52 26.88
N SER A 355 39.78 -9.22 27.54
CA SER A 355 39.79 -10.67 27.62
C SER A 355 39.58 -11.16 29.05
N THR A 356 38.33 -11.21 29.44
CA THR A 356 37.97 -11.67 30.78
C THR A 356 36.83 -12.64 30.67
N GLY A 357 37.04 -13.69 29.90
CA GLY A 357 36.02 -14.68 29.79
C GLY A 357 35.02 -14.34 28.72
N PRO A 358 33.95 -15.11 28.64
CA PRO A 358 32.88 -14.85 27.66
C PRO A 358 32.28 -13.45 27.84
N ASP A 359 32.14 -12.72 26.75
CA ASP A 359 31.72 -11.31 26.82
C ASP A 359 30.22 -11.31 27.16
N ILE A 360 29.91 -10.98 28.42
CA ILE A 360 28.53 -11.00 28.96
C ILE A 360 27.55 -9.97 28.30
N HIS A 361 28.12 -8.92 27.72
CA HIS A 361 27.38 -8.02 26.83
C HIS A 361 26.63 -8.70 25.73
N HIS A 362 27.21 -9.76 25.19
CA HIS A 362 26.58 -10.55 24.16
C HIS A 362 25.59 -11.57 24.69
N PHE A 363 25.49 -11.74 26.02
CA PHE A 363 24.45 -12.57 26.59
C PHE A 363 23.15 -11.75 26.62
N ILE A 364 23.29 -10.41 26.65
CA ILE A 364 22.20 -9.48 26.72
C ILE A 364 21.77 -9.00 25.32
N MET A 365 22.73 -8.61 24.49
CA MET A 365 22.44 -8.20 23.17
C MET A 365 21.71 -9.30 22.41
N GLY A 366 20.50 -8.99 21.94
CA GLY A 366 19.69 -9.98 21.27
C GLY A 366 18.83 -10.77 22.25
N SER A 367 18.84 -10.45 23.54
CA SER A 367 17.95 -11.17 24.49
C SER A 367 16.43 -10.81 24.39
N GLU A 368 16.05 -9.88 23.48
CA GLU A 368 14.63 -9.53 23.22
C GLU A 368 13.68 -9.49 24.44
N GLY A 369 14.09 -8.81 25.48
CA GLY A 369 13.23 -8.60 26.64
C GLY A 369 12.87 -9.86 27.49
N THR A 370 13.71 -10.90 27.44
CA THR A 370 13.46 -12.12 28.14
C THR A 370 14.25 -12.25 29.42
N LEU A 371 15.12 -11.29 29.73
CA LEU A 371 16.07 -11.40 30.84
C LEU A 371 15.96 -10.32 31.88
N GLY A 372 15.47 -9.16 31.50
CA GLY A 372 15.66 -8.01 32.32
C GLY A 372 15.49 -6.77 31.49
N VAL A 373 15.69 -5.65 32.17
CA VAL A 373 15.52 -4.36 31.59
C VAL A 373 16.88 -3.73 31.46
N ILE A 374 17.24 -3.34 30.21
CA ILE A 374 18.40 -2.51 29.97
C ILE A 374 17.98 -1.14 30.40
N THR A 375 18.70 -0.56 31.35
CA THR A 375 18.33 0.77 31.87
C THR A 375 19.25 1.89 31.42
N GLU A 376 20.51 1.57 31.16
CA GLU A 376 21.49 2.54 30.72
C GLU A 376 22.53 1.84 29.85
N ALA A 377 23.16 2.62 28.98
CA ALA A 377 24.13 2.07 28.05
C ALA A 377 25.11 3.16 27.71
N THR A 378 26.38 2.79 27.55
CA THR A 378 27.39 3.69 27.02
C THR A 378 27.64 3.38 25.57
N ILE A 379 27.66 4.41 24.76
CA ILE A 379 27.66 4.23 23.31
C ILE A 379 28.74 5.05 22.74
N LYS A 380 29.45 4.49 21.78
CA LYS A 380 30.44 5.21 21.02
C LYS A 380 29.81 6.38 20.25
N ILE A 381 30.49 7.53 20.31
CA ILE A 381 30.14 8.71 19.51
C ILE A 381 31.25 9.11 18.56
N ARG A 382 30.91 9.92 17.58
CA ARG A 382 31.86 10.44 16.60
C ARG A 382 31.59 11.96 16.38
N PRO A 383 32.60 12.73 15.91
CA PRO A 383 32.34 14.07 15.39
C PRO A 383 31.26 14.05 14.34
N THR A 384 30.34 14.98 14.39
CA THR A 384 29.40 15.13 13.29
C THR A 384 30.17 15.22 11.93
N PRO A 385 29.71 14.55 10.90
CA PRO A 385 30.48 14.54 9.65
C PRO A 385 30.45 15.91 8.99
N GLU A 386 31.62 16.38 8.57
CA GLU A 386 31.78 17.62 7.74
C GLU A 386 30.82 17.71 6.56
N TYR A 387 30.62 16.59 5.87
CA TYR A 387 30.05 16.61 4.55
C TYR A 387 29.43 15.30 4.23
N GLN A 388 28.32 15.32 3.49
CA GLN A 388 27.64 14.12 2.97
C GLN A 388 27.50 14.28 1.50
N LYS A 389 27.55 13.20 0.74
CA LYS A 389 27.40 13.25 -0.69
C LYS A 389 26.62 12.04 -1.18
N TYR A 390 25.53 12.25 -1.90
CA TYR A 390 24.79 11.16 -2.52
C TYR A 390 25.26 10.82 -3.93
N GLY A 391 24.93 9.62 -4.36
CA GLY A 391 25.14 9.24 -5.72
C GLY A 391 24.35 7.99 -6.08
N SER A 392 24.51 7.56 -7.31
CA SER A 392 23.72 6.48 -7.87
C SER A 392 24.44 5.94 -9.07
N VAL A 393 24.29 4.64 -9.30
CA VAL A 393 25.00 3.96 -10.36
C VAL A 393 24.00 3.01 -10.98
N ALA A 394 23.90 3.03 -12.31
CA ALA A 394 23.06 2.10 -13.05
C ALA A 394 23.88 0.93 -13.57
N PHE A 395 23.31 -0.26 -13.47
CA PHE A 395 23.96 -1.48 -13.91
C PHE A 395 23.10 -2.18 -14.98
N PRO A 396 23.77 -2.88 -15.93
CA PRO A 396 23.05 -3.66 -16.96
C PRO A 396 22.02 -4.65 -16.39
N ASN A 397 22.34 -5.21 -15.22
CA ASN A 397 21.43 -6.12 -14.52
C ASN A 397 21.82 -6.29 -13.03
N PHE A 398 20.91 -6.88 -12.27
CA PHE A 398 21.05 -7.11 -10.82
C PHE A 398 22.39 -7.81 -10.48
N GLU A 399 22.70 -8.83 -11.28
CA GLU A 399 23.82 -9.74 -11.06
C GLU A 399 25.13 -8.99 -11.20
N GLN A 400 25.20 -8.07 -12.16
CA GLN A 400 26.36 -7.22 -12.30
C GLN A 400 26.49 -6.28 -11.11
N GLY A 401 25.38 -5.74 -10.66
CA GLY A 401 25.46 -4.91 -9.46
C GLY A 401 25.97 -5.69 -8.24
N VAL A 402 25.43 -6.88 -8.05
CA VAL A 402 25.83 -7.71 -6.93
C VAL A 402 27.37 -7.93 -6.92
N ALA A 403 27.90 -8.29 -8.09
CA ALA A 403 29.32 -8.50 -8.28
C ALA A 403 30.09 -7.22 -8.06
N CYS A 404 29.50 -6.08 -8.42
CA CYS A 404 30.14 -4.80 -8.06
C CYS A 404 30.18 -4.64 -6.48
N LEU A 405 29.04 -4.87 -5.83
CA LEU A 405 28.96 -4.82 -4.36
C LEU A 405 29.99 -5.80 -3.68
N ARG A 406 30.12 -7.00 -4.20
CA ARG A 406 31.12 -7.95 -3.76
C ARG A 406 32.48 -7.37 -3.81
N GLU A 407 32.83 -6.83 -4.98
CA GLU A 407 34.14 -6.24 -5.19
C GLU A 407 34.38 -5.02 -4.34
N ILE A 408 33.36 -4.20 -4.15
CA ILE A 408 33.47 -3.10 -3.20
C ILE A 408 33.80 -3.60 -1.79
N ALA A 409 33.21 -4.74 -1.41
CA ALA A 409 33.49 -5.31 -0.08
C ALA A 409 34.92 -5.95 -0.03
N LYS A 410 35.33 -6.56 -1.14
CA LYS A 410 36.68 -7.13 -1.25
C LYS A 410 37.77 -6.10 -1.19
N GLN A 411 37.54 -4.92 -1.74
CA GLN A 411 38.47 -3.79 -1.54
C GLN A 411 38.21 -2.97 -0.26
N ARG A 412 37.42 -3.50 0.67
CA ARG A 412 37.04 -2.82 1.89
C ARG A 412 36.78 -1.31 1.75
N CYS A 413 35.95 -0.90 0.78
CA CYS A 413 35.75 0.51 0.56
C CYS A 413 34.30 0.87 0.35
N ALA A 414 33.46 0.29 1.18
CA ALA A 414 32.02 0.57 1.16
C ALA A 414 31.81 1.99 1.61
N PRO A 415 30.88 2.69 1.01
CA PRO A 415 30.53 3.99 1.57
C PRO A 415 29.61 3.82 2.75
N ALA A 416 29.25 4.91 3.38
CA ALA A 416 28.33 4.89 4.52
C ALA A 416 27.16 3.95 4.28
N SER A 417 26.59 4.03 3.09
CA SER A 417 25.41 3.32 2.77
C SER A 417 25.46 3.06 1.28
N ILE A 418 25.14 1.82 0.91
CA ILE A 418 24.97 1.39 -0.45
C ILE A 418 23.85 0.39 -0.51
N ARG A 419 22.92 0.62 -1.44
CA ARG A 419 21.76 -0.21 -1.68
C ARG A 419 21.65 -0.56 -3.14
N LEU A 420 21.57 -1.85 -3.47
CA LEU A 420 21.32 -2.30 -4.81
C LEU A 420 19.85 -2.66 -4.94
N MET A 421 19.19 -1.99 -5.86
CA MET A 421 17.77 -2.27 -6.07
C MET A 421 17.55 -3.01 -7.35
N ASP A 422 16.68 -4.00 -7.31
CA ASP A 422 16.39 -4.78 -8.51
C ASP A 422 15.63 -3.93 -9.56
N ASN A 423 15.29 -4.53 -10.69
CA ASN A 423 14.66 -3.75 -11.77
C ASN A 423 13.28 -3.16 -11.45
N GLN A 424 12.42 -3.94 -10.79
CA GLN A 424 11.11 -3.43 -10.39
C GLN A 424 11.24 -2.20 -9.54
N GLN A 425 12.27 -2.16 -8.69
CA GLN A 425 12.48 -0.98 -7.84
C GLN A 425 12.98 0.15 -8.70
N PHE A 426 13.90 -0.14 -9.61
CA PHE A 426 14.35 0.86 -10.53
C PHE A 426 13.14 1.51 -11.23
N GLN A 427 12.19 0.66 -11.62
CA GLN A 427 11.02 1.16 -12.33
C GLN A 427 10.10 2.01 -11.50
N PHE A 428 9.88 1.64 -10.25
CA PHE A 428 9.09 2.49 -9.40
C PHE A 428 9.66 3.93 -9.36
N GLY A 429 10.95 4.05 -9.06
CA GLY A 429 11.60 5.33 -8.86
C GLY A 429 11.72 6.15 -10.14
N HIS A 430 12.13 5.50 -11.23
CA HIS A 430 12.03 6.11 -12.56
C HIS A 430 10.60 6.67 -12.81
N ALA A 431 9.58 5.86 -12.52
CA ALA A 431 8.17 6.27 -12.61
C ALA A 431 7.77 7.45 -11.72
N LEU A 432 8.43 7.64 -10.58
CA LEU A 432 8.10 8.73 -9.66
C LEU A 432 8.97 9.98 -9.80
N GLY A 457 21.14 1.99 -24.42
CA GLY A 457 22.14 0.93 -24.51
C GLY A 457 22.17 -0.09 -23.36
N PHE A 458 21.26 0.04 -22.40
CA PHE A 458 20.94 -1.05 -21.44
C PHE A 458 19.49 -1.46 -21.67
N ASP A 459 19.11 -2.70 -21.32
CA ASP A 459 17.69 -3.13 -21.35
C ASP A 459 16.93 -2.51 -20.15
N PRO A 460 15.85 -1.70 -20.40
CA PRO A 460 15.09 -1.14 -19.27
C PRO A 460 14.33 -2.13 -18.38
N ASN A 461 14.09 -3.35 -18.88
CA ASN A 461 13.48 -4.43 -18.06
C ASN A 461 14.49 -5.26 -17.24
N GLN A 462 15.78 -5.10 -17.50
CA GLN A 462 16.84 -5.79 -16.74
C GLN A 462 17.66 -4.87 -15.79
N LEU A 463 17.77 -3.62 -16.18
CA LEU A 463 18.45 -2.54 -15.50
C LEU A 463 18.32 -2.53 -13.96
N SER A 464 19.47 -2.36 -13.26
CA SER A 464 19.46 -2.14 -11.80
C SER A 464 20.21 -0.89 -11.45
N VAL A 465 19.96 -0.40 -10.25
CA VAL A 465 20.53 0.87 -9.79
C VAL A 465 20.92 0.68 -8.35
N ALA A 466 22.06 1.26 -8.00
CA ALA A 466 22.53 1.38 -6.65
C ALA A 466 22.45 2.82 -6.25
N THR A 467 21.99 3.08 -5.02
CA THR A 467 22.07 4.40 -4.42
C THR A 467 23.18 4.44 -3.38
N LEU A 468 23.69 5.62 -3.06
CA LEU A 468 24.88 5.74 -2.23
C LEU A 468 24.88 6.98 -1.42
N LEU A 469 25.34 6.83 -0.17
CA LEU A 469 25.66 7.92 0.66
C LEU A 469 27.09 7.73 1.14
N PHE A 470 27.90 8.80 1.03
CA PHE A 470 29.22 8.95 1.65
C PHE A 470 29.14 10.04 2.68
N GLU A 471 29.92 9.96 3.76
CA GLU A 471 29.98 11.06 4.70
C GLU A 471 31.28 10.99 5.43
N GLY A 472 31.72 12.11 6.02
CA GLY A 472 33.07 12.28 6.57
C GLY A 472 33.58 13.63 6.14
N ASP A 473 34.90 13.79 6.19
CA ASP A 473 35.59 15.01 5.70
C ASP A 473 35.43 15.13 4.21
N ARG A 474 35.29 16.35 3.72
CA ARG A 474 34.98 16.58 2.32
C ARG A 474 36.00 15.94 1.40
N GLU A 475 37.29 16.10 1.74
CA GLU A 475 38.41 15.65 0.86
C GLU A 475 38.37 14.16 0.77
N LYS A 476 38.17 13.46 1.89
CA LYS A 476 38.08 12.00 1.93
C LYS A 476 36.86 11.42 1.30
N VAL A 477 35.69 12.05 1.51
CA VAL A 477 34.48 11.62 0.84
C VAL A 477 34.69 11.60 -0.67
N LEU A 478 35.22 12.68 -1.22
CA LEU A 478 35.36 12.84 -2.67
C LEU A 478 36.40 11.95 -3.25
N GLN A 479 37.55 11.83 -2.57
CA GLN A 479 38.50 10.82 -2.99
C GLN A 479 37.74 9.51 -3.02
N HIS A 480 37.06 9.16 -1.91
CA HIS A 480 36.36 7.86 -1.79
C HIS A 480 35.29 7.61 -2.83
N GLU A 481 34.48 8.62 -3.13
CA GLU A 481 33.43 8.48 -4.16
C GLU A 481 34.02 8.08 -5.53
N LYS A 482 35.11 8.73 -5.89
CA LYS A 482 35.78 8.46 -7.18
C LYS A 482 36.25 7.02 -7.22
N GLN A 483 36.90 6.61 -6.14
CA GLN A 483 37.31 5.20 -6.05
C GLN A 483 36.18 4.19 -6.28
N VAL A 484 34.98 4.45 -5.80
CA VAL A 484 33.89 3.48 -5.93
C VAL A 484 33.29 3.49 -7.31
N TYR A 485 33.06 4.68 -7.86
CA TYR A 485 32.64 4.81 -9.28
C TYR A 485 33.63 4.14 -10.27
N ASP A 486 34.93 4.23 -10.01
CA ASP A 486 35.90 3.53 -10.85
C ASP A 486 35.80 2.02 -10.69
N ILE A 487 35.57 1.53 -9.46
CA ILE A 487 35.28 0.09 -9.30
C ILE A 487 34.01 -0.32 -10.08
N ALA A 488 32.91 0.42 -9.90
CA ALA A 488 31.60 0.09 -10.55
C ALA A 488 31.64 0.07 -12.09
N ALA A 489 32.38 1.02 -12.67
CA ALA A 489 32.64 1.09 -14.14
C ALA A 489 33.22 -0.21 -14.73
N LYS A 490 33.98 -0.97 -13.92
CA LYS A 490 34.44 -2.33 -14.34
C LYS A 490 33.36 -3.38 -14.45
N PHE A 491 32.15 -3.14 -13.94
CA PHE A 491 30.99 -4.06 -14.11
C PHE A 491 29.87 -3.40 -14.92
N GLY A 492 30.26 -2.42 -15.74
CA GLY A 492 29.32 -1.75 -16.61
C GLY A 492 28.52 -0.72 -15.87
N GLY A 493 29.05 -0.24 -14.74
CA GLY A 493 28.35 0.76 -13.94
C GLY A 493 28.58 2.15 -14.47
N LEU A 494 27.48 2.89 -14.69
CA LEU A 494 27.52 4.31 -15.10
C LEU A 494 26.86 5.14 -14.04
N ALA A 495 27.51 6.20 -13.63
CA ALA A 495 27.03 7.13 -12.63
C ALA A 495 25.72 7.69 -13.11
N ALA A 496 24.68 7.61 -12.29
CA ALA A 496 23.32 8.04 -12.67
C ALA A 496 22.86 9.29 -11.91
N GLY A 497 23.76 9.94 -11.21
CA GLY A 497 23.49 11.22 -10.61
C GLY A 497 23.09 11.23 -9.14
N GLU A 498 23.57 12.24 -8.43
CA GLU A 498 23.23 12.41 -7.03
C GLU A 498 21.77 12.63 -6.72
N ASP A 499 21.02 13.11 -7.71
CA ASP A 499 19.63 13.47 -7.48
C ASP A 499 18.85 12.19 -7.24
N ASN A 500 19.08 11.19 -8.07
CA ASN A 500 18.45 9.88 -7.86
C ASN A 500 18.88 9.19 -6.55
N GLY A 501 20.12 9.43 -6.11
CA GLY A 501 20.58 9.03 -4.81
C GLY A 501 19.84 9.71 -3.68
N GLN A 502 19.89 11.03 -3.68
CA GLN A 502 19.22 11.83 -2.66
C GLN A 502 17.75 11.52 -2.61
N ARG A 503 17.16 11.33 -3.78
CA ARG A 503 15.73 11.05 -3.89
C ARG A 503 15.48 9.70 -3.25
N GLY A 504 16.27 8.72 -3.69
CA GLY A 504 16.20 7.37 -3.16
C GLY A 504 16.17 7.29 -1.64
N TYR A 505 17.04 8.05 -0.98
CA TYR A 505 17.10 8.06 0.50
C TYR A 505 16.00 8.90 1.15
N LEU A 506 15.36 9.80 0.38
CA LEU A 506 14.17 10.54 0.89
C LEU A 506 12.94 9.66 1.12
N LEU A 507 12.88 8.49 0.53
CA LEU A 507 11.77 7.59 0.78
C LEU A 507 11.88 6.84 2.08
N THR A 508 13.11 6.66 2.59
CA THR A 508 13.36 5.81 3.73
C THR A 508 12.32 5.87 4.86
N TYR A 509 12.04 7.09 5.32
CA TYR A 509 11.15 7.30 6.49
C TYR A 509 9.63 7.40 6.12
N VAL A 510 9.27 7.31 4.84
CA VAL A 510 7.85 7.38 4.47
C VAL A 510 7.33 6.03 4.02
N ILE A 511 8.22 5.04 3.85
CA ILE A 511 7.82 3.72 3.36
C ILE A 511 6.82 3.10 4.30
N ALA A 512 7.07 3.20 5.61
CA ALA A 512 6.17 2.63 6.60
C ALA A 512 4.74 3.26 6.54
N TYR A 513 4.64 4.52 6.09
CA TYR A 513 3.33 5.16 5.85
C TYR A 513 2.61 4.57 4.63
N MET A 514 3.34 3.99 3.68
CA MET A 514 2.76 3.48 2.44
C MET A 514 2.06 2.15 2.73
N ARG A 515 2.56 1.46 3.72
CA ARG A 515 1.96 0.23 4.18
C ARG A 515 0.52 0.45 4.63
N ASP A 516 0.29 1.46 5.46
CA ASP A 516 -1.07 1.90 5.86
C ASP A 516 -2.00 2.23 4.67
N LEU A 517 -1.51 3.05 3.76
CA LEU A 517 -2.18 3.39 2.53
C LEU A 517 -2.58 2.14 1.78
N GLY A 518 -1.69 1.15 1.71
CA GLY A 518 -2.02 -0.12 1.09
C GLY A 518 -3.22 -0.83 1.69
N LEU A 519 -3.28 -0.85 3.01
CA LEU A 519 -4.39 -1.42 3.77
C LEU A 519 -5.75 -0.70 3.60
N GLU A 520 -5.76 0.61 3.30
CA GLU A 520 -7.02 1.29 2.95
C GLU A 520 -7.64 0.69 1.70
N TYR A 521 -6.81 -0.01 0.91
CA TYR A 521 -7.19 -0.51 -0.37
C TYR A 521 -6.90 -1.98 -0.48
N ILE A 523 -4.77 -3.91 0.02
CA ILE A 523 -3.38 -4.35 -0.27
C ILE A 523 -2.56 -4.63 0.99
N ILE A 524 -2.10 -5.87 1.15
CA ILE A 524 -1.29 -6.23 2.32
C ILE A 524 0.14 -6.42 1.88
N GLY A 525 1.06 -5.80 2.63
CA GLY A 525 2.48 -5.85 2.35
C GLY A 525 3.34 -5.96 3.60
N GLU A 526 4.56 -6.46 3.39
CA GLU A 526 5.56 -6.57 4.45
C GLU A 526 6.94 -6.71 3.81
N SER A 527 7.95 -6.31 4.56
CA SER A 527 9.33 -6.56 4.24
C SER A 527 9.88 -7.63 5.18
N PHE A 528 10.80 -8.40 4.65
CA PHE A 528 11.59 -9.26 5.48
C PHE A 528 12.98 -9.33 4.91
N GLU A 529 13.87 -9.81 5.74
CA GLU A 529 15.26 -9.75 5.46
C GLU A 529 16.08 -10.94 5.89
N THR A 530 17.30 -10.98 5.42
CA THR A 530 18.20 -12.09 5.73
C THR A 530 19.63 -11.66 5.45
N SER A 531 20.57 -12.48 5.91
CA SER A 531 21.98 -12.32 5.63
C SER A 531 22.48 -13.59 5.00
N ALA A 532 23.32 -13.42 4.00
CA ALA A 532 23.78 -14.61 3.26
C ALA A 532 25.19 -14.46 2.77
N PRO A 533 25.88 -15.60 2.58
CA PRO A 533 27.22 -15.54 2.04
C PRO A 533 27.21 -14.99 0.60
N TRP A 534 28.30 -14.34 0.20
CA TRP A 534 28.37 -13.70 -1.12
C TRP A 534 27.96 -14.65 -2.24
N ASP A 535 28.45 -15.88 -2.20
CA ASP A 535 28.18 -16.84 -3.31
C ASP A 535 26.78 -17.42 -3.38
N ARG A 536 25.95 -17.22 -2.34
CA ARG A 536 24.54 -17.54 -2.37
C ARG A 536 23.59 -16.40 -2.74
N VAL A 537 24.03 -15.12 -2.74
CA VAL A 537 23.11 -13.96 -2.84
C VAL A 537 22.18 -13.99 -4.10
N VAL A 538 22.77 -14.21 -5.27
CA VAL A 538 22.04 -14.08 -6.50
C VAL A 538 20.96 -15.20 -6.57
N ASP A 539 21.39 -16.44 -6.31
CA ASP A 539 20.46 -17.57 -6.39
C ASP A 539 19.41 -17.44 -5.33
N LEU A 540 19.80 -16.95 -4.17
CA LEU A 540 18.87 -16.76 -3.06
C LEU A 540 17.76 -15.76 -3.39
N CYS A 541 18.13 -14.63 -4.01
CA CYS A 541 17.15 -13.61 -4.42
C CYS A 541 16.18 -14.15 -5.45
N ARG A 542 16.70 -14.78 -6.49
CA ARG A 542 15.87 -15.31 -7.57
C ARG A 542 14.94 -16.40 -7.06
N ASN A 543 15.47 -17.35 -6.31
CA ASN A 543 14.59 -18.37 -5.72
C ASN A 543 13.56 -17.89 -4.71
N VAL A 544 13.88 -16.88 -3.92
CA VAL A 544 12.93 -16.46 -2.87
C VAL A 544 11.74 -15.74 -3.51
N LYS A 545 12.07 -14.92 -4.52
CA LYS A 545 11.09 -14.20 -5.31
C LYS A 545 10.18 -15.15 -6.07
N GLU A 546 10.78 -16.19 -6.65
CA GLU A 546 10.02 -17.25 -7.31
C GLU A 546 9.19 -18.12 -6.36
N ARG A 547 9.73 -18.49 -5.21
CA ARG A 547 8.89 -19.18 -4.23
C ARG A 547 7.62 -18.37 -3.89
N ILE A 548 7.76 -17.03 -3.81
CA ILE A 548 6.68 -16.18 -3.31
C ILE A 548 5.58 -16.01 -4.34
N ARG A 549 5.99 -15.76 -5.58
CA ARG A 549 5.09 -15.79 -6.70
C ARG A 549 4.34 -17.11 -6.75
N ARG A 550 5.08 -18.20 -6.66
CA ARG A 550 4.56 -19.54 -6.91
C ARG A 550 3.57 -19.96 -5.82
N GLU A 551 3.88 -19.66 -4.56
CA GLU A 551 2.94 -19.88 -3.45
C GLU A 551 1.67 -19.00 -3.54
N CYS A 552 1.81 -17.76 -3.99
CA CYS A 552 0.67 -16.83 -4.10
C CYS A 552 -0.38 -17.34 -5.11
N LYS A 553 0.11 -17.80 -6.26
CA LYS A 553 -0.74 -18.39 -7.30
C LYS A 553 -1.44 -19.65 -6.83
N GLU A 554 -0.73 -20.45 -6.03
CA GLU A 554 -1.26 -21.68 -5.47
C GLU A 554 -2.30 -21.44 -4.38
N LYS A 555 -2.23 -20.33 -3.67
CA LYS A 555 -3.28 -19.99 -2.70
C LYS A 555 -4.41 -19.13 -3.33
N GLY A 556 -4.41 -19.00 -4.66
CA GLY A 556 -5.45 -18.26 -5.36
C GLY A 556 -5.40 -16.73 -5.29
N VAL A 557 -4.24 -16.17 -5.00
CA VAL A 557 -4.04 -14.73 -5.14
C VAL A 557 -4.26 -14.38 -6.62
N GLN A 558 -5.15 -13.43 -6.86
CA GLN A 558 -5.77 -13.25 -8.16
C GLN A 558 -4.89 -12.48 -9.14
N PHE A 559 -3.81 -11.86 -8.65
CA PHE A 559 -2.92 -11.04 -9.46
C PHE A 559 -1.46 -11.43 -9.10
N PRO A 560 -0.49 -11.30 -10.02
CA PRO A 560 0.91 -11.55 -9.59
C PRO A 560 1.44 -10.50 -8.55
N PRO A 561 1.90 -10.96 -7.38
CA PRO A 561 2.15 -10.01 -6.28
C PRO A 561 3.38 -9.12 -6.54
N LEU A 562 3.51 -8.06 -5.74
CA LEU A 562 4.75 -7.34 -5.64
C LEU A 562 5.75 -8.25 -4.89
N SER A 563 6.90 -8.45 -5.50
CA SER A 563 7.90 -9.35 -4.96
C SER A 563 9.24 -8.87 -5.48
N THR A 564 9.87 -8.00 -4.71
CA THR A 564 11.14 -7.39 -5.08
C THR A 564 12.23 -7.64 -4.03
N CYS A 565 13.47 -7.30 -4.38
CA CYS A 565 14.55 -7.42 -3.44
C CYS A 565 15.60 -6.35 -3.58
N ARG A 566 16.30 -6.13 -2.47
CA ARG A 566 17.49 -5.32 -2.51
C ARG A 566 18.54 -5.76 -1.58
N VAL A 567 19.75 -5.36 -1.93
CA VAL A 567 20.92 -5.55 -1.10
C VAL A 567 21.19 -4.25 -0.39
N THR A 568 21.10 -4.31 0.94
CA THR A 568 21.22 -3.17 1.85
C THR A 568 22.54 -3.07 2.66
N GLN A 569 23.30 -4.14 2.79
CA GLN A 569 24.55 -4.03 3.57
C GLN A 569 25.46 -4.99 2.96
N THR A 570 26.74 -4.67 3.05
CA THR A 570 27.76 -5.55 2.57
C THR A 570 28.60 -5.78 3.77
N TYR A 571 29.18 -6.97 3.84
CA TYR A 571 30.22 -7.33 4.79
C TYR A 571 31.32 -8.06 4.09
N ASP A 572 32.42 -8.31 4.80
CA ASP A 572 33.48 -9.18 4.27
C ASP A 572 32.94 -10.52 3.73
N ALA A 573 32.18 -11.19 4.58
CA ALA A 573 31.72 -12.55 4.32
C ALA A 573 30.32 -12.62 3.70
N GLY A 574 29.69 -11.49 3.33
CA GLY A 574 28.36 -11.53 2.75
C GLY A 574 27.53 -10.27 2.77
N ALA A 575 26.21 -10.42 2.72
CA ALA A 575 25.28 -9.31 2.53
C ALA A 575 23.91 -9.54 3.18
N CYS A 576 23.33 -8.42 3.61
CA CYS A 576 21.97 -8.36 4.07
C CYS A 576 21.11 -8.19 2.82
N ILE A 577 20.09 -9.03 2.66
CA ILE A 577 19.10 -8.90 1.58
C ILE A 577 17.76 -8.58 2.18
N TYR A 578 17.08 -7.59 1.62
CA TYR A 578 15.69 -7.28 1.99
C TYR A 578 14.76 -7.74 0.88
N PHE A 579 13.64 -8.34 1.25
CA PHE A 579 12.56 -8.69 0.31
C PHE A 579 11.29 -7.88 0.67
N TYR A 580 10.60 -7.39 -0.34
CA TYR A 580 9.35 -6.68 -0.14
C TYR A 580 8.29 -7.49 -0.87
N PHE A 581 7.24 -7.83 -0.12
CA PHE A 581 6.19 -8.67 -0.57
C PHE A 581 4.87 -7.94 -0.33
N ALA A 582 4.05 -7.78 -1.37
CA ALA A 582 2.72 -7.19 -1.22
C ALA A 582 1.73 -7.74 -2.23
N PHE A 583 0.45 -7.78 -1.84
CA PHE A 583 -0.60 -8.18 -2.77
C PHE A 583 -2.02 -7.71 -2.39
N ASN A 584 -2.81 -7.58 -3.45
CA ASN A 584 -4.22 -7.23 -3.38
C ASN A 584 -4.93 -8.47 -2.90
N TYR A 585 -5.61 -8.42 -1.75
CA TYR A 585 -6.22 -9.63 -1.22
C TYR A 585 -7.73 -9.84 -1.53
N ARG A 586 -8.41 -8.88 -2.19
CA ARG A 586 -9.84 -9.12 -2.48
C ARG A 586 -10.00 -10.29 -3.49
N GLY A 587 -10.92 -11.20 -3.16
CA GLY A 587 -10.93 -12.57 -3.70
C GLY A 587 -10.62 -13.64 -2.65
N ILE A 588 -9.91 -13.26 -1.56
CA ILE A 588 -9.41 -14.22 -0.56
C ILE A 588 -10.25 -14.22 0.73
N SER A 589 -10.52 -15.45 1.20
CA SER A 589 -11.32 -15.73 2.40
C SER A 589 -10.61 -15.42 3.72
N ASP A 590 -9.33 -15.79 3.79
CA ASP A 590 -8.49 -15.55 4.95
C ASP A 590 -7.18 -14.95 4.42
N PRO A 591 -7.20 -13.63 4.13
CA PRO A 591 -6.02 -12.97 3.55
C PRO A 591 -4.76 -12.99 4.45
N LEU A 592 -4.96 -13.01 5.77
CA LEU A 592 -3.86 -13.20 6.73
C LEU A 592 -3.22 -14.58 6.66
N ALA A 593 -4.04 -15.62 6.61
CA ALA A 593 -3.53 -16.99 6.53
C ALA A 593 -2.64 -17.11 5.29
N VAL A 594 -3.16 -16.57 4.19
CA VAL A 594 -2.42 -16.57 2.93
C VAL A 594 -1.09 -15.83 3.08
N PHE A 595 -1.16 -14.63 3.66
CA PHE A 595 0.02 -13.83 3.94
C PHE A 595 1.03 -14.58 4.82
N GLU A 596 0.58 -15.05 5.98
CA GLU A 596 1.45 -15.67 6.95
C GLU A 596 2.09 -16.94 6.40
N GLN A 597 1.31 -17.73 5.68
CA GLN A 597 1.82 -18.94 5.06
C GLN A 597 2.80 -18.66 3.94
N THR A 598 2.60 -17.55 3.22
CA THR A 598 3.55 -17.20 2.17
C THR A 598 4.89 -16.72 2.81
N GLU A 599 4.80 -15.95 3.89
CA GLU A 599 5.95 -15.45 4.68
C GLU A 599 6.80 -16.66 5.17
N ALA A 600 6.17 -17.63 5.85
CA ALA A 600 6.82 -18.88 6.27
C ALA A 600 7.45 -19.62 5.09
N ALA A 601 6.69 -19.86 4.02
CA ALA A 601 7.27 -20.50 2.83
C ALA A 601 8.55 -19.82 2.40
N ALA A 602 8.50 -18.49 2.27
CA ALA A 602 9.67 -17.77 1.78
C ALA A 602 10.85 -17.86 2.79
N ARG A 603 10.55 -17.82 4.09
CA ARG A 603 11.58 -18.06 5.13
C ARG A 603 12.26 -19.44 4.94
N GLU A 604 11.46 -20.46 4.61
CA GLU A 604 11.98 -21.79 4.31
C GLU A 604 12.84 -21.70 3.05
N GLU A 605 12.38 -20.99 2.02
CA GLU A 605 13.19 -20.80 0.80
C GLU A 605 14.54 -20.16 1.14
N ILE A 606 14.47 -19.11 1.95
CA ILE A 606 15.64 -18.42 2.47
C ILE A 606 16.66 -19.36 3.13
N LEU A 607 16.21 -20.10 4.15
CA LEU A 607 17.11 -21.00 4.90
C LEU A 607 17.70 -22.12 4.04
N ALA A 608 16.92 -22.60 3.09
CA ALA A 608 17.39 -23.55 2.10
C ALA A 608 18.43 -22.98 1.13
N ASN A 609 18.44 -21.67 0.92
CA ASN A 609 19.47 -21.13 0.06
C ASN A 609 20.69 -20.58 0.82
N GLY A 610 20.89 -21.01 2.06
CA GLY A 610 22.01 -20.51 2.88
C GLY A 610 21.80 -19.17 3.62
N GLY A 611 20.59 -18.59 3.50
CA GLY A 611 20.27 -17.36 4.23
C GLY A 611 20.11 -17.61 5.71
N SER A 612 20.39 -16.61 6.53
CA SER A 612 20.11 -16.72 7.95
C SER A 612 18.63 -16.46 8.26
N LEU A 613 18.29 -16.72 9.54
CA LEU A 613 16.97 -16.63 10.07
C LEU A 613 16.52 -15.21 10.19
N SER A 614 17.44 -14.39 10.63
CA SER A 614 17.31 -12.95 10.60
C SER A 614 18.71 -12.31 10.69
N HIS A 615 18.95 -11.36 9.82
CA HIS A 615 20.01 -10.37 9.97
C HIS A 615 19.85 -9.35 11.10
N HIS A 616 18.72 -8.67 11.22
CA HIS A 616 18.50 -7.67 12.26
C HIS A 616 17.12 -7.55 12.96
N HIS A 617 16.01 -7.90 12.31
CA HIS A 617 14.68 -7.80 12.97
C HIS A 617 14.55 -8.68 14.24
N GLY A 618 15.29 -9.78 14.22
CA GLY A 618 15.33 -10.69 15.35
C GLY A 618 14.33 -11.81 15.16
N VAL A 619 14.00 -12.44 16.30
CA VAL A 619 13.25 -13.69 16.35
C VAL A 619 11.84 -13.50 16.94
N GLY A 620 11.80 -12.90 18.11
CA GLY A 620 10.58 -12.58 18.84
C GLY A 620 9.84 -13.89 19.02
N LYS A 621 8.53 -13.86 18.78
CA LYS A 621 7.76 -15.10 18.63
C LYS A 621 7.53 -15.56 17.20
N LEU A 622 7.71 -14.67 16.24
CA LEU A 622 7.50 -15.00 14.82
C LEU A 622 8.42 -16.08 14.23
N ARG A 623 9.68 -16.17 14.68
CA ARG A 623 10.63 -17.11 14.10
C ARG A 623 11.21 -18.13 15.06
N LYS A 624 10.60 -18.23 16.23
CA LYS A 624 11.06 -19.16 17.28
C LYS A 624 11.30 -20.56 16.78
N GLN A 625 10.41 -21.05 15.91
CA GLN A 625 10.43 -22.44 15.49
C GLN A 625 11.61 -22.84 14.62
N TRP A 626 12.35 -21.88 14.05
CA TRP A 626 13.59 -22.20 13.32
C TRP A 626 14.84 -22.01 14.17
N LEU A 627 14.67 -21.54 15.39
CA LEU A 627 15.78 -21.09 16.21
C LEU A 627 16.74 -22.19 16.54
N LYS A 628 16.19 -23.24 17.16
CA LYS A 628 16.92 -24.45 17.51
C LYS A 628 17.73 -24.99 16.36
N GLU A 629 17.11 -25.18 15.23
CA GLU A 629 17.85 -25.54 14.04
C GLU A 629 19.00 -24.54 13.69
N SER A 630 18.77 -23.24 13.88
CA SER A 630 19.78 -22.22 13.56
C SER A 630 21.03 -22.26 14.44
N ILE A 631 20.84 -22.44 15.75
CA ILE A 631 21.95 -22.31 16.72
C ILE A 631 22.29 -23.61 17.38
N SER A 632 21.65 -24.70 16.95
CA SER A 632 21.87 -26.05 17.44
C SER A 632 21.18 -26.26 18.78
N ASP A 633 20.87 -27.52 19.06
CA ASP A 633 20.22 -27.91 20.34
C ASP A 633 20.97 -27.46 21.54
N VAL A 634 22.29 -27.75 21.65
CA VAL A 634 23.05 -27.38 22.83
C VAL A 634 23.12 -25.85 23.00
N GLY A 635 23.31 -25.10 21.90
CA GLY A 635 23.24 -23.65 22.00
C GLY A 635 21.91 -23.11 22.43
N PHE A 636 20.84 -23.76 21.98
CA PHE A 636 19.50 -23.38 22.44
C PHE A 636 19.40 -23.57 23.96
N GLY A 637 19.93 -24.69 24.44
CA GLY A 637 19.97 -24.96 25.89
C GLY A 637 20.84 -24.01 26.67
N MET A 638 21.95 -23.59 26.06
CA MET A 638 22.82 -22.56 26.68
C MET A 638 22.04 -21.28 26.86
N LEU A 639 21.24 -20.90 25.85
CA LEU A 639 20.34 -19.74 26.04
C LEU A 639 19.35 -20.02 27.20
N LYS A 640 18.81 -21.23 27.25
CA LYS A 640 17.82 -21.55 28.27
C LYS A 640 18.40 -21.52 29.67
N SER A 641 19.64 -21.93 29.84
CA SER A 641 20.26 -21.95 31.15
C SER A 641 20.48 -20.57 31.68
N VAL A 642 20.79 -19.59 30.80
CA VAL A 642 21.04 -18.23 31.28
C VAL A 642 19.73 -17.62 31.70
N LYS A 643 18.69 -17.82 30.89
CA LYS A 643 17.31 -17.38 31.20
C LYS A 643 16.81 -17.93 32.58
N ASP A 644 17.12 -19.20 32.84
CA ASP A 644 16.63 -19.89 34.03
C ASP A 644 17.38 -19.43 35.21
N TYR A 645 18.64 -19.05 35.00
CA TYR A 645 19.42 -18.53 36.10
C TYR A 645 19.02 -17.13 36.42
N VAL A 646 19.04 -16.27 35.43
CA VAL A 646 18.74 -14.84 35.60
C VAL A 646 17.26 -14.53 35.98
N ASP A 647 16.35 -15.30 35.40
CA ASP A 647 14.90 -15.06 35.52
C ASP A 647 14.19 -16.42 35.83
N PRO A 648 14.46 -16.99 37.02
CA PRO A 648 13.94 -18.36 37.39
C PRO A 648 12.42 -18.56 37.32
N THR A 649 11.66 -17.51 37.59
CA THR A 649 10.20 -17.53 37.51
C THR A 649 9.63 -16.86 36.27
N ASN A 650 10.48 -16.54 35.26
CA ASN A 650 9.97 -16.06 33.99
C ASN A 650 9.05 -14.88 34.20
N ILE A 651 9.51 -13.98 35.05
CA ILE A 651 8.93 -12.65 35.16
C ILE A 651 8.93 -11.93 33.79
N PHE A 652 10.06 -11.99 33.13
CA PHE A 652 10.18 -11.45 31.77
C PHE A 652 9.58 -12.48 30.81
N GLY A 653 8.23 -12.46 30.79
CA GLY A 653 7.45 -13.57 30.23
C GLY A 653 6.97 -13.44 28.81
N ASN A 654 7.60 -12.55 27.99
CA ASN A 654 7.14 -12.38 26.62
C ASN A 654 7.29 -13.59 25.78
N ARG A 655 8.15 -14.54 26.25
CA ARG A 655 8.37 -15.86 25.59
C ARG A 655 9.01 -15.75 24.24
N ASN A 656 9.71 -14.67 23.97
CA ASN A 656 10.47 -14.56 22.72
C ASN A 656 11.64 -15.54 22.79
N LEU A 657 12.18 -15.86 21.63
CA LEU A 657 13.30 -16.73 21.46
C LEU A 657 12.99 -18.18 21.82
N LEU A 658 12.77 -18.43 23.11
CA LEU A 658 12.67 -19.78 23.66
C LEU A 658 11.20 -20.18 23.87
N ILE B 82 54.21 -27.96 11.42
CA ILE B 82 53.41 -28.72 12.43
C ILE B 82 54.24 -29.09 13.68
N ILE B 83 53.60 -28.91 14.84
CA ILE B 83 54.14 -29.31 16.14
C ILE B 83 54.13 -30.86 16.11
N PRO B 84 55.31 -31.52 16.32
CA PRO B 84 55.36 -32.99 16.38
C PRO B 84 54.93 -33.52 17.77
N LYS B 85 54.49 -34.78 17.83
CA LYS B 85 53.96 -35.36 19.09
C LYS B 85 54.90 -35.17 20.27
N LYS B 86 56.12 -35.67 20.13
CA LYS B 86 57.19 -35.48 21.11
C LYS B 86 57.74 -34.08 20.92
N ARG B 87 57.15 -33.08 21.58
CA ARG B 87 57.50 -31.68 21.28
C ARG B 87 58.93 -31.40 21.63
N GLN B 88 59.37 -31.95 22.78
CA GLN B 88 60.77 -31.85 23.24
C GLN B 88 61.83 -32.13 22.19
N GLU B 89 61.52 -32.90 21.16
CA GLU B 89 62.39 -33.06 19.98
C GLU B 89 62.87 -31.71 19.49
N LEU B 90 61.90 -30.87 19.17
CA LEU B 90 62.15 -29.63 18.46
C LEU B 90 62.11 -28.38 19.36
N MET B 91 61.41 -28.47 20.48
CA MET B 91 61.18 -27.35 21.39
C MET B 91 61.73 -27.58 22.79
N LYS B 92 62.00 -26.50 23.50
CA LYS B 92 62.67 -26.59 24.82
C LYS B 92 61.68 -27.08 25.86
N TRP B 93 62.02 -28.17 26.56
CA TRP B 93 61.18 -28.71 27.64
C TRP B 93 61.08 -27.75 28.82
N ASN B 94 62.08 -26.87 28.98
CA ASN B 94 62.21 -25.92 30.11
C ASN B 94 62.16 -24.43 29.77
N GLY B 95 61.72 -24.09 28.56
CA GLY B 95 61.71 -22.70 28.13
C GLY B 95 60.89 -22.47 26.86
N TRP B 96 61.13 -21.31 26.27
CA TRP B 96 60.35 -20.86 25.14
C TRP B 96 61.02 -21.30 23.85
N GLY B 97 60.19 -21.69 22.86
CA GLY B 97 60.61 -21.81 21.49
C GLY B 97 61.42 -23.06 21.17
N TYR B 98 62.20 -22.93 20.12
CA TYR B 98 62.91 -24.06 19.50
C TYR B 98 64.22 -24.30 20.22
N ASN B 99 64.59 -25.57 20.29
CA ASN B 99 65.87 -26.00 20.88
C ASN B 99 67.04 -25.31 20.26
N ASP B 100 67.01 -25.12 18.94
CA ASP B 100 68.15 -24.54 18.20
C ASP B 100 68.26 -23.01 18.26
N SER B 101 67.41 -22.40 19.07
CA SER B 101 67.27 -20.95 19.14
C SER B 101 67.44 -20.45 20.60
N LYS B 102 68.63 -19.93 20.91
CA LYS B 102 68.93 -19.36 22.24
C LYS B 102 69.93 -18.22 22.15
N PHE B 103 69.93 -17.35 23.13
CA PHE B 103 70.96 -16.30 23.14
C PHE B 103 72.22 -16.92 23.70
N PHE B 104 73.35 -16.59 23.09
CA PHE B 104 74.68 -17.09 23.49
C PHE B 104 75.67 -15.98 23.16
N LEU B 105 76.87 -16.06 23.75
CA LEU B 105 77.93 -15.12 23.47
C LEU B 105 78.72 -15.73 22.31
N ASN B 106 78.85 -14.99 21.22
CA ASN B 106 79.58 -15.40 20.08
C ASN B 106 81.13 -15.26 20.31
N LYS B 107 81.92 -15.41 19.26
CA LYS B 107 83.38 -15.49 19.36
C LYS B 107 84.08 -14.13 19.50
N LYS B 108 83.33 -13.04 19.32
CA LYS B 108 83.72 -11.72 19.81
C LYS B 108 83.13 -11.34 21.16
N GLY B 109 82.60 -12.28 21.93
CA GLY B 109 82.00 -11.93 23.21
C GLY B 109 80.66 -11.13 23.12
N GLN B 110 80.01 -11.16 21.96
CA GLN B 110 78.76 -10.39 21.72
C GLN B 110 77.51 -11.29 21.79
N LEU B 111 76.43 -10.78 22.38
CA LEU B 111 75.17 -11.57 22.44
C LEU B 111 74.60 -11.79 21.07
N GLU B 112 74.10 -13.01 20.86
CA GLU B 112 73.66 -13.44 19.52
C GLU B 112 72.78 -14.65 19.63
N LEU B 113 71.73 -14.71 18.81
CA LEU B 113 70.79 -15.83 18.76
C LEU B 113 71.30 -16.89 17.82
N THR B 114 71.30 -18.13 18.28
CA THR B 114 71.72 -19.31 17.49
C THR B 114 70.69 -19.73 16.46
N GLY B 115 71.01 -20.73 15.64
CA GLY B 115 70.11 -21.23 14.61
C GLY B 115 69.93 -20.25 13.45
N LYS B 116 68.90 -20.52 12.64
CA LYS B 116 68.61 -19.75 11.40
C LYS B 116 67.12 -19.37 11.19
N ARG B 117 66.33 -19.32 12.26
CA ARG B 117 64.87 -19.27 12.13
C ARG B 117 64.31 -17.89 11.95
N TYR B 118 64.97 -16.91 12.54
CA TYR B 118 64.51 -15.56 12.59
C TYR B 118 65.40 -14.63 11.76
N PRO B 119 64.93 -13.40 11.50
CA PRO B 119 65.82 -12.38 10.89
C PRO B 119 67.01 -11.94 11.76
N LEU B 120 66.87 -11.98 13.09
CA LEU B 120 67.98 -11.71 13.98
C LEU B 120 68.84 -12.93 14.27
N SER B 121 68.49 -14.11 13.75
CA SER B 121 69.28 -15.28 14.04
C SER B 121 70.62 -15.12 13.35
N GLY B 122 71.72 -15.30 14.09
CA GLY B 122 73.09 -15.16 13.59
C GLY B 122 73.56 -13.72 13.36
N VAL B 123 72.92 -12.78 14.04
CA VAL B 123 73.19 -11.35 13.92
C VAL B 123 73.68 -10.91 15.31
N ALA B 124 74.91 -10.41 15.38
CA ALA B 124 75.54 -10.10 16.66
C ALA B 124 74.88 -8.85 17.17
N LEU B 125 74.62 -8.77 18.48
CA LEU B 125 74.14 -7.54 19.10
C LEU B 125 75.25 -6.93 20.01
N PRO B 126 76.18 -6.12 19.43
CA PRO B 126 77.42 -5.77 20.21
C PRO B 126 77.14 -5.03 21.53
N THR B 127 76.24 -4.06 21.45
CA THR B 127 75.77 -3.29 22.58
C THR B 127 74.92 -4.00 23.61
N PHE B 128 74.28 -5.11 23.23
CA PHE B 128 73.27 -5.73 24.11
C PHE B 128 73.74 -6.13 25.52
N LYS B 129 74.87 -6.81 25.59
CA LYS B 129 75.50 -7.22 26.85
C LYS B 129 75.66 -6.05 27.82
N ASP B 130 76.10 -4.93 27.24
CA ASP B 130 76.36 -3.67 27.94
C ASP B 130 75.07 -3.21 28.59
N TRP B 131 74.02 -3.16 27.77
CA TRP B 131 72.73 -2.67 28.21
C TRP B 131 72.29 -3.52 29.38
N ILE B 132 72.42 -4.83 29.27
CA ILE B 132 71.96 -5.68 30.35
C ILE B 132 72.70 -5.26 31.65
N GLN B 133 74.03 -5.13 31.55
CA GLN B 133 74.89 -4.90 32.72
C GLN B 133 74.53 -3.56 33.37
N ASN B 134 74.34 -2.51 32.59
CA ASN B 134 73.86 -1.25 33.14
C ASN B 134 72.52 -1.35 33.80
N THR B 135 71.62 -2.09 33.16
CA THR B 135 70.23 -2.16 33.60
C THR B 135 70.05 -3.01 34.87
N PHE B 136 70.68 -4.18 34.96
CA PHE B 136 70.42 -5.10 36.08
C PHE B 136 71.59 -5.25 37.07
N GLY B 137 72.69 -4.55 36.79
CA GLY B 137 73.95 -4.70 37.53
C GLY B 137 74.38 -6.14 37.72
N ILE B 138 74.27 -6.91 36.65
CA ILE B 138 74.97 -8.20 36.55
C ILE B 138 76.23 -8.01 35.73
N ASN B 139 77.06 -9.03 35.73
CA ASN B 139 78.32 -8.95 35.06
C ASN B 139 78.36 -9.82 33.86
N LEU B 140 77.94 -11.09 33.96
CA LEU B 140 77.93 -12.01 32.79
C LEU B 140 79.28 -12.76 32.66
N THR B 155 58.83 -36.93 40.11
CA THR B 155 58.04 -36.90 38.88
C THR B 155 56.86 -37.87 38.99
N PRO B 156 55.64 -37.33 39.24
CA PRO B 156 54.50 -38.16 39.70
C PRO B 156 54.10 -39.33 38.79
N PRO B 157 53.41 -40.35 39.37
CA PRO B 157 53.07 -41.50 38.54
C PRO B 157 51.83 -41.24 37.70
N SER B 158 51.73 -41.97 36.59
CA SER B 158 50.55 -41.87 35.73
C SER B 158 49.45 -42.73 36.34
N ILE B 159 48.40 -42.07 36.81
CA ILE B 159 47.23 -42.74 37.41
C ILE B 159 46.03 -42.69 36.47
N VAL B 160 45.79 -43.84 35.83
CA VAL B 160 44.82 -44.01 34.77
C VAL B 160 44.12 -45.33 34.97
N ASN B 161 42.80 -45.31 34.83
CA ASN B 161 41.92 -46.50 34.90
C ASN B 161 42.18 -47.44 33.74
N GLU B 162 42.06 -48.74 34.01
CA GLU B 162 42.33 -49.80 33.02
C GLU B 162 41.20 -50.09 32.03
N ASP B 163 39.97 -49.78 32.44
CA ASP B 163 38.80 -49.96 31.58
C ASP B 163 38.77 -48.86 30.52
N PHE B 164 39.05 -47.64 30.96
CA PHE B 164 39.23 -46.50 30.05
C PHE B 164 40.36 -46.80 29.07
N LEU B 165 41.53 -47.05 29.61
CA LEU B 165 42.65 -47.44 28.77
C LEU B 165 42.27 -48.60 27.84
N HIS B 166 41.57 -49.62 28.34
CA HIS B 166 41.20 -50.73 27.48
C HIS B 166 40.46 -50.27 26.21
N GLU B 167 39.40 -49.48 26.38
CA GLU B 167 38.61 -48.89 25.28
C GLU B 167 39.37 -47.80 24.46
N LEU B 168 40.25 -47.07 25.12
CA LEU B 168 41.09 -46.12 24.43
C LEU B 168 41.86 -46.82 23.30
N LYS B 169 42.32 -48.06 23.52
CA LYS B 169 43.07 -48.82 22.50
C LYS B 169 42.26 -49.26 21.31
N LYS B 170 40.96 -49.44 21.48
CA LYS B 170 40.07 -49.74 20.34
C LYS B 170 39.97 -48.64 19.31
N THR B 171 40.21 -47.39 19.72
CA THR B 171 39.97 -46.23 18.86
C THR B 171 41.01 -46.05 17.78
N ASN B 172 42.25 -46.45 18.06
CA ASN B 172 43.43 -46.08 17.22
C ASN B 172 43.88 -44.63 17.38
N ILE B 173 43.44 -43.97 18.45
CA ILE B 173 43.85 -42.61 18.79
C ILE B 173 45.11 -42.71 19.62
N SER B 174 46.12 -42.02 19.15
CA SER B 174 47.42 -42.13 19.71
C SER B 174 47.48 -41.52 21.10
N TYR B 175 48.32 -42.09 21.98
CA TYR B 175 48.39 -41.66 23.37
C TYR B 175 49.72 -41.89 24.00
N SER B 176 49.92 -41.28 25.16
CA SER B 176 51.13 -41.45 25.99
C SER B 176 50.94 -41.23 27.50
N GLN B 177 51.59 -42.06 28.33
CA GLN B 177 51.69 -41.85 29.80
C GLN B 177 53.12 -41.54 30.28
N GLU B 178 54.02 -41.17 29.37
CA GLU B 178 55.40 -40.88 29.70
C GLU B 178 55.44 -39.54 30.38
N ALA B 179 56.39 -39.36 31.29
CA ALA B 179 56.51 -38.13 32.05
C ALA B 179 56.89 -36.94 31.17
N ASP B 180 57.75 -37.16 30.20
CA ASP B 180 58.27 -36.02 29.44
C ASP B 180 57.14 -35.41 28.61
N ASP B 181 56.29 -36.26 28.03
CA ASP B 181 55.10 -35.83 27.28
C ASP B 181 54.08 -35.12 28.17
N ARG B 182 53.80 -35.68 29.35
CA ARG B 182 52.89 -35.11 30.35
C ARG B 182 53.37 -33.79 31.02
N VAL B 183 54.67 -33.70 31.27
CA VAL B 183 55.28 -32.49 31.81
C VAL B 183 55.35 -31.36 30.80
N PHE B 184 55.60 -31.68 29.53
CA PHE B 184 55.60 -30.64 28.52
C PHE B 184 54.21 -29.95 28.55
N ARG B 185 53.14 -30.71 28.81
CA ARG B 185 51.75 -30.18 28.71
C ARG B 185 51.18 -29.76 30.02
N ALA B 186 52.01 -29.60 31.05
CA ALA B 186 51.49 -29.23 32.37
C ALA B 186 51.57 -27.77 32.67
N HIS B 187 51.99 -26.93 31.73
CA HIS B 187 52.22 -25.51 31.99
C HIS B 187 52.20 -24.70 30.71
N GLY B 188 51.93 -23.40 30.87
CA GLY B 188 52.22 -22.37 29.88
C GLY B 188 53.54 -21.67 30.08
N HIS B 189 53.56 -20.37 29.85
CA HIS B 189 54.77 -19.57 29.84
C HIS B 189 54.73 -18.37 30.76
N CYS B 190 54.05 -18.54 31.90
CA CYS B 190 54.15 -17.61 33.03
C CYS B 190 55.50 -17.83 33.67
N LEU B 191 56.08 -16.74 34.14
CA LEU B 191 57.38 -16.72 34.80
C LEU B 191 57.43 -17.81 35.88
N HIS B 192 56.41 -17.85 36.73
CA HIS B 192 56.35 -18.79 37.83
C HIS B 192 56.47 -20.22 37.34
N GLU B 193 55.77 -20.56 36.28
CA GLU B 193 55.76 -21.91 35.76
C GLU B 193 57.12 -22.35 35.21
N ILE B 194 57.79 -21.41 34.55
CA ILE B 194 59.05 -21.63 33.81
C ILE B 194 60.24 -21.67 34.81
N PHE B 195 60.20 -20.79 35.80
CA PHE B 195 61.06 -20.88 36.95
C PHE B 195 60.97 -22.26 37.64
N LEU B 196 59.76 -22.70 37.95
CA LEU B 196 59.58 -24.04 38.55
C LEU B 196 60.10 -25.18 37.65
N LEU B 197 59.77 -25.12 36.37
CA LEU B 197 60.29 -26.07 35.36
C LEU B 197 61.81 -26.27 35.36
N ARG B 198 62.54 -25.23 35.76
CA ARG B 198 64.01 -25.26 35.81
C ARG B 198 64.54 -25.68 37.18
N GLU B 199 63.86 -25.28 38.25
CA GLU B 199 64.31 -25.44 39.63
C GLU B 199 63.75 -26.68 40.36
N GLY B 200 62.49 -27.06 40.10
CA GLY B 200 61.83 -28.12 40.87
C GLY B 200 60.85 -28.94 40.05
N MET B 201 59.65 -29.15 40.59
CA MET B 201 58.60 -29.90 39.88
C MET B 201 57.18 -29.55 40.36
N PHE B 202 56.23 -29.65 39.43
CA PHE B 202 54.83 -29.23 39.59
C PHE B 202 54.04 -30.10 40.55
N GLU B 203 53.13 -29.49 41.30
CA GLU B 203 52.27 -30.24 42.22
C GLU B 203 51.42 -31.35 41.52
N ARG B 204 51.03 -31.12 40.27
CA ARG B 204 50.14 -32.05 39.54
C ARG B 204 50.35 -31.86 38.04
N ILE B 205 50.39 -32.97 37.31
CA ILE B 205 50.51 -32.95 35.86
C ILE B 205 49.49 -33.91 35.29
N PRO B 206 49.18 -33.79 33.97
CA PRO B 206 48.21 -34.72 33.37
C PRO B 206 48.71 -36.13 33.47
N ASP B 207 47.78 -37.05 33.49
CA ASP B 207 48.06 -38.47 33.68
C ASP B 207 48.26 -39.21 32.33
N ILE B 208 47.53 -38.78 31.31
CA ILE B 208 47.70 -39.31 29.96
C ILE B 208 47.61 -38.13 28.92
N VAL B 209 48.22 -38.31 27.75
CA VAL B 209 48.21 -37.33 26.68
C VAL B 209 47.56 -38.02 25.50
N LEU B 210 46.48 -37.42 25.01
CA LEU B 210 45.81 -37.90 23.84
C LEU B 210 46.03 -36.84 22.70
N TRP B 211 46.17 -37.37 21.47
CA TRP B 211 46.32 -36.61 20.21
C TRP B 211 45.23 -36.99 19.24
N PRO B 212 44.00 -36.43 19.39
CA PRO B 212 42.98 -36.48 18.34
C PRO B 212 43.43 -35.82 17.00
N THR B 213 43.10 -36.45 15.89
CA THR B 213 43.38 -35.95 14.58
C THR B 213 42.15 -35.33 13.91
N CYS B 214 40.97 -35.47 14.49
CA CYS B 214 39.81 -34.82 13.91
C CYS B 214 38.69 -34.65 14.92
N HIS B 215 37.68 -33.91 14.47
CA HIS B 215 36.47 -33.69 15.26
C HIS B 215 35.86 -35.01 15.81
N ASP B 216 35.79 -36.06 15.00
CA ASP B 216 35.23 -37.35 15.47
C ASP B 216 36.00 -38.02 16.59
N ASP B 217 37.35 -37.95 16.53
CA ASP B 217 38.17 -38.42 17.65
C ASP B 217 37.85 -37.68 18.90
N VAL B 218 37.72 -36.37 18.76
CA VAL B 218 37.44 -35.55 19.91
C VAL B 218 36.12 -35.97 20.53
N VAL B 219 35.12 -36.23 19.71
CA VAL B 219 33.83 -36.74 20.19
C VAL B 219 34.04 -38.04 21.01
N LYS B 220 34.82 -38.96 20.47
CA LYS B 220 35.10 -40.21 21.18
C LYS B 220 35.68 -39.92 22.53
N ILE B 221 36.58 -38.98 22.58
CA ILE B 221 37.26 -38.72 23.83
C ILE B 221 36.33 -38.16 24.90
N VAL B 222 35.46 -37.27 24.47
CA VAL B 222 34.55 -36.65 25.41
C VAL B 222 33.55 -37.67 25.95
N ASN B 223 33.10 -38.56 25.05
CA ASN B 223 32.23 -39.68 25.39
C ASN B 223 32.90 -40.63 26.39
N LEU B 224 34.18 -40.98 26.14
CA LEU B 224 34.95 -41.79 27.09
C LEU B 224 35.12 -41.13 28.42
N ALA B 225 35.24 -39.82 28.41
CA ALA B 225 35.47 -39.09 29.62
C ALA B 225 34.21 -39.02 30.46
N CYS B 226 33.05 -38.97 29.76
CA CYS B 226 31.76 -39.05 30.38
C CYS B 226 31.63 -40.46 31.00
N LYS B 227 31.94 -41.50 30.26
CA LYS B 227 31.74 -42.87 30.71
C LYS B 227 32.61 -43.22 31.92
N TYR B 228 33.92 -42.97 31.84
CA TYR B 228 34.89 -43.24 32.94
C TYR B 228 35.19 -42.09 33.91
N ASN B 229 34.34 -41.06 33.93
CA ASN B 229 34.50 -39.92 34.83
C ASN B 229 35.92 -39.29 34.84
N LEU B 230 36.46 -39.03 33.65
CA LEU B 230 37.81 -38.45 33.50
C LEU B 230 37.68 -36.94 33.42
N CYS B 231 38.77 -36.25 33.68
CA CYS B 231 38.85 -34.80 33.51
C CYS B 231 39.70 -34.48 32.25
N ILE B 232 39.21 -33.55 31.41
CA ILE B 232 39.96 -33.04 30.19
C ILE B 232 40.43 -31.58 30.29
N ILE B 233 41.74 -31.38 30.10
CA ILE B 233 42.31 -30.05 29.88
C ILE B 233 42.84 -29.89 28.38
N PRO B 234 42.12 -29.15 27.53
CA PRO B 234 42.63 -29.02 26.14
C PRO B 234 43.94 -28.27 26.10
N ILE B 235 44.84 -28.68 25.22
CA ILE B 235 46.06 -27.90 24.96
C ILE B 235 46.36 -27.74 23.47
N GLY B 236 46.81 -26.54 23.08
CA GLY B 236 47.10 -26.22 21.70
C GLY B 236 48.59 -25.97 21.67
N GLY B 237 48.97 -24.73 21.47
CA GLY B 237 50.35 -24.37 21.53
C GLY B 237 51.01 -24.39 22.90
N GLY B 238 50.23 -24.45 23.97
CA GLY B 238 50.79 -24.39 25.32
C GLY B 238 51.45 -23.06 25.66
N THR B 239 50.96 -21.95 25.06
CA THR B 239 51.53 -20.62 25.22
C THR B 239 50.81 -19.72 26.22
N SER B 240 49.81 -20.26 26.91
CA SER B 240 49.03 -19.54 27.96
C SER B 240 49.93 -18.77 28.86
N VAL B 241 49.57 -17.53 29.20
CA VAL B 241 50.25 -16.78 30.24
C VAL B 241 49.24 -16.43 31.37
N SER B 242 48.40 -17.37 31.74
CA SER B 242 47.38 -17.08 32.72
C SER B 242 47.07 -18.26 33.65
N TYR B 243 47.94 -19.29 33.62
CA TYR B 243 47.79 -20.57 34.29
C TYR B 243 46.63 -21.34 33.79
N GLY B 244 46.38 -21.24 32.49
CA GLY B 244 45.20 -21.83 31.87
C GLY B 244 45.35 -23.30 31.64
N LEU B 245 46.59 -23.76 31.64
CA LEU B 245 46.87 -25.16 31.51
C LEU B 245 47.18 -25.90 32.81
N MET B 246 47.53 -25.15 33.85
CA MET B 246 47.94 -25.74 35.14
C MET B 246 46.84 -26.67 35.65
N CYS B 247 47.21 -27.92 35.92
CA CYS B 247 46.33 -28.91 36.57
C CYS B 247 46.00 -28.55 38.06
N PRO B 248 44.71 -28.46 38.44
CA PRO B 248 44.44 -28.23 39.89
C PRO B 248 45.04 -29.34 40.78
N ALA B 249 45.77 -28.95 41.82
CA ALA B 249 46.44 -29.89 42.74
C ALA B 249 45.48 -30.93 43.36
N ASP B 250 44.27 -30.49 43.71
CA ASP B 250 43.31 -31.38 44.39
C ASP B 250 42.39 -32.15 43.47
N GLU B 251 42.62 -32.05 42.15
CA GLU B 251 41.85 -32.84 41.19
C GLU B 251 42.39 -34.23 41.21
N THR B 252 41.58 -35.18 41.69
CA THR B 252 41.96 -36.59 41.83
C THR B 252 41.42 -37.48 40.72
N ARG B 253 40.54 -36.97 39.86
CA ARG B 253 40.25 -37.75 38.64
C ARG B 253 41.51 -37.89 37.77
N THR B 254 41.51 -38.94 36.94
CA THR B 254 42.45 -39.02 35.84
C THR B 254 42.32 -37.78 34.91
N ILE B 255 43.46 -37.15 34.62
CA ILE B 255 43.54 -35.93 33.80
C ILE B 255 44.10 -36.24 32.42
N ILE B 256 43.29 -35.97 31.41
CA ILE B 256 43.71 -36.12 30.04
C ILE B 256 44.11 -34.73 29.56
N SER B 257 45.34 -34.62 29.06
CA SER B 257 45.76 -33.50 28.21
C SER B 257 45.35 -33.78 26.82
N LEU B 258 44.26 -33.15 26.38
CA LEU B 258 43.76 -33.36 25.05
C LEU B 258 44.52 -32.32 24.16
N ASP B 259 45.51 -32.82 23.45
CA ASP B 259 46.43 -32.05 22.66
C ASP B 259 45.83 -31.95 21.23
N THR B 260 45.70 -30.75 20.72
CA THR B 260 45.06 -30.53 19.43
C THR B 260 46.01 -30.38 18.24
N SER B 261 47.31 -30.59 18.45
CA SER B 261 48.34 -30.33 17.45
C SER B 261 48.32 -31.15 16.18
N GLN B 262 47.75 -32.34 16.28
CA GLN B 262 47.54 -33.19 15.09
C GLN B 262 46.17 -32.95 14.45
N MET B 263 45.40 -31.99 14.97
CA MET B 263 44.14 -31.58 14.33
C MET B 263 44.38 -30.23 13.66
N ASN B 264 45.06 -30.22 12.54
CA ASN B 264 45.69 -29.03 12.04
C ASN B 264 45.52 -28.73 10.59
N ARG B 265 44.54 -29.32 9.93
CA ARG B 265 44.34 -29.05 8.51
C ARG B 265 43.44 -27.87 8.22
N ILE B 266 43.71 -27.24 7.08
CA ILE B 266 42.77 -26.42 6.39
C ILE B 266 41.81 -27.37 5.64
N LEU B 267 40.53 -27.27 5.95
CA LEU B 267 39.52 -28.16 5.35
C LEU B 267 39.06 -27.57 4.01
N TRP B 268 38.77 -26.26 3.93
CA TRP B 268 38.48 -25.65 2.65
C TRP B 268 38.81 -24.19 2.69
N VAL B 269 39.25 -23.68 1.54
CA VAL B 269 39.39 -22.24 1.33
C VAL B 269 38.29 -21.84 0.37
N ASP B 270 37.40 -20.96 0.83
CA ASP B 270 36.28 -20.46 0.03
C ASP B 270 36.65 -19.12 -0.55
N GLU B 271 37.01 -19.12 -1.81
CA GLU B 271 37.47 -17.86 -2.42
C GLU B 271 36.34 -16.92 -2.74
N ASN B 272 35.12 -17.43 -2.81
CA ASN B 272 34.00 -16.57 -3.09
C ASN B 272 33.70 -15.63 -1.90
N ASN B 273 33.69 -16.18 -0.68
CA ASN B 273 33.30 -15.48 0.51
C ASN B 273 34.51 -14.94 1.33
N LEU B 274 35.72 -15.18 0.82
CA LEU B 274 36.97 -15.01 1.53
C LEU B 274 36.86 -15.47 2.97
N THR B 275 36.66 -16.77 3.13
CA THR B 275 36.81 -17.48 4.40
C THR B 275 37.58 -18.83 4.23
N ALA B 276 38.22 -19.26 5.32
CA ALA B 276 38.91 -20.49 5.41
C ALA B 276 38.36 -21.29 6.61
N HIS B 277 37.90 -22.51 6.33
CA HIS B 277 37.44 -23.44 7.38
C HIS B 277 38.61 -24.33 7.76
N VAL B 278 39.04 -24.25 9.02
CA VAL B 278 40.23 -24.93 9.46
C VAL B 278 39.98 -25.78 10.72
N GLU B 279 40.85 -26.75 10.94
CA GLU B 279 40.85 -27.50 12.21
C GLU B 279 41.58 -26.68 13.23
N ALA B 280 41.25 -26.87 14.50
CA ALA B 280 41.52 -25.85 15.48
C ALA B 280 42.91 -25.97 16.04
N GLY B 281 43.63 -27.06 15.78
CA GLY B 281 44.98 -27.15 16.27
C GLY B 281 46.01 -26.58 15.32
N ILE B 282 45.58 -26.08 14.15
CA ILE B 282 46.53 -25.38 13.23
C ILE B 282 47.12 -24.12 13.92
N THR B 283 48.42 -24.04 13.87
CA THR B 283 49.11 -22.94 14.40
C THR B 283 49.02 -21.78 13.45
N GLY B 284 49.29 -20.58 13.99
CA GLY B 284 49.23 -19.37 13.22
C GLY B 284 50.21 -19.35 12.07
N GLN B 285 51.48 -19.63 12.36
CA GLN B 285 52.48 -19.83 11.32
C GLN B 285 52.10 -20.86 10.23
N GLU B 286 51.61 -22.04 10.60
CA GLU B 286 51.26 -23.02 9.57
C GLU B 286 50.02 -22.55 8.76
N LEU B 287 49.10 -21.84 9.41
CA LEU B 287 47.91 -21.32 8.73
C LEU B 287 48.34 -20.25 7.69
N GLU B 288 49.21 -19.35 8.08
CA GLU B 288 49.63 -18.27 7.19
C GLU B 288 50.44 -18.79 6.03
N ARG B 289 51.33 -19.75 6.26
CA ARG B 289 52.12 -20.29 5.17
C ARG B 289 51.22 -21.00 4.13
N GLN B 290 50.26 -21.78 4.54
CA GLN B 290 49.40 -22.46 3.60
C GLN B 290 48.47 -21.52 2.85
N LEU B 291 47.84 -20.55 3.55
CA LEU B 291 47.03 -19.55 2.86
C LEU B 291 47.85 -18.74 1.80
N LYS B 292 49.07 -18.37 2.18
CA LYS B 292 49.92 -17.55 1.36
C LYS B 292 50.25 -18.25 0.02
N GLU B 293 50.17 -19.58 -0.05
CA GLU B 293 50.34 -20.28 -1.31
C GLU B 293 49.21 -20.06 -2.30
N SER B 294 48.02 -19.75 -1.79
CA SER B 294 46.88 -19.37 -2.60
C SER B 294 46.77 -17.88 -2.75
N GLY B 295 47.74 -17.11 -2.31
CA GLY B 295 47.63 -15.64 -2.34
C GLY B 295 46.85 -14.97 -1.22
N TYR B 296 46.60 -15.70 -0.12
CA TYR B 296 45.78 -15.21 1.01
C TYR B 296 46.49 -15.20 2.35
N CYS B 297 45.94 -14.42 3.27
CA CYS B 297 46.37 -14.37 4.69
C CYS B 297 45.14 -14.18 5.60
N THR B 298 45.32 -14.40 6.91
CA THR B 298 44.29 -13.97 7.89
C THR B 298 44.69 -12.60 8.42
N GLY B 299 45.99 -12.39 8.52
CA GLY B 299 46.52 -11.19 9.13
C GLY B 299 46.48 -11.11 10.64
N HIS B 300 45.97 -12.14 11.34
CA HIS B 300 46.05 -12.30 12.77
C HIS B 300 47.48 -12.74 13.23
N GLU B 301 48.16 -11.85 13.94
CA GLU B 301 49.58 -12.06 14.24
C GLU B 301 49.80 -11.76 15.66
N PRO B 302 49.34 -12.67 16.55
CA PRO B 302 49.77 -12.57 17.93
C PRO B 302 51.27 -12.89 17.98
N ASP B 303 52.02 -12.38 18.96
CA ASP B 303 53.46 -12.64 19.03
C ASP B 303 53.80 -14.10 19.25
N SER B 304 52.85 -14.89 19.70
CA SER B 304 53.06 -16.30 19.89
C SER B 304 52.66 -17.13 18.67
N LEU B 305 52.49 -16.50 17.48
CA LEU B 305 51.82 -17.15 16.32
C LEU B 305 52.53 -18.41 15.77
N GLU B 306 53.83 -18.56 16.08
CA GLU B 306 54.51 -19.78 15.71
C GLU B 306 53.90 -21.01 16.35
N PHE B 307 53.47 -20.91 17.60
CA PHE B 307 52.92 -22.05 18.32
C PHE B 307 51.41 -21.90 18.70
N SER B 308 50.90 -20.69 18.82
CA SER B 308 49.45 -20.59 19.17
C SER B 308 48.56 -21.02 18.01
N THR B 309 47.41 -21.54 18.41
CA THR B 309 46.48 -22.17 17.53
C THR B 309 45.15 -21.42 17.43
N VAL B 310 44.42 -21.68 16.35
CA VAL B 310 43.07 -21.12 16.16
C VAL B 310 42.20 -21.40 17.38
N GLY B 311 42.20 -22.62 17.83
CA GLY B 311 41.45 -23.02 19.02
C GLY B 311 41.81 -22.23 20.27
N GLY B 312 43.11 -22.04 20.51
CA GLY B 312 43.54 -21.27 21.61
C GLY B 312 43.13 -19.81 21.55
N TRP B 313 43.24 -19.18 20.36
CA TRP B 313 42.91 -17.79 20.17
C TRP B 313 41.46 -17.52 20.51
N ILE B 314 40.61 -18.48 20.18
CA ILE B 314 39.18 -18.33 20.41
C ILE B 314 38.95 -18.51 21.91
N SER B 315 39.63 -19.48 22.50
CA SER B 315 39.50 -19.77 23.95
C SER B 315 39.94 -18.63 24.81
N THR B 316 40.91 -17.86 24.33
CA THR B 316 41.52 -16.76 25.13
C THR B 316 41.20 -15.35 24.67
N ARG B 317 40.37 -15.21 23.66
CA ARG B 317 40.12 -13.91 23.02
C ARG B 317 41.43 -13.23 22.58
N ALA B 318 42.15 -13.87 21.69
CA ALA B 318 43.48 -13.39 21.34
C ALA B 318 43.42 -12.14 20.45
N SER B 319 44.39 -11.24 20.65
CA SER B 319 44.58 -10.06 19.85
C SER B 319 45.90 -10.16 19.11
N GLY B 320 45.91 -9.64 17.89
CA GLY B 320 47.02 -9.71 17.01
C GLY B 320 47.53 -8.33 16.67
N MET B 321 48.78 -8.31 16.25
CA MET B 321 49.52 -7.06 15.96
C MET B 321 48.91 -6.12 14.92
N LYS B 322 48.17 -6.65 13.95
CA LYS B 322 47.56 -5.90 12.87
C LYS B 322 46.01 -5.90 12.96
N LYS B 323 45.52 -5.96 14.19
CA LYS B 323 44.10 -5.87 14.58
C LYS B 323 43.47 -4.70 13.89
N ASN B 324 44.18 -3.57 13.80
CA ASN B 324 43.63 -2.40 13.09
C ASN B 324 43.17 -2.69 11.66
N ILE B 325 43.80 -3.64 10.98
CA ILE B 325 43.34 -3.98 9.61
C ILE B 325 42.45 -5.20 9.59
N TYR B 326 42.81 -6.20 10.33
CA TYR B 326 42.16 -7.51 10.16
C TYR B 326 41.12 -7.81 11.20
N GLY B 327 41.14 -7.08 12.31
CA GLY B 327 40.40 -7.44 13.51
C GLY B 327 41.08 -8.33 14.54
N ASN B 328 40.49 -8.37 15.73
CA ASN B 328 40.84 -9.36 16.74
C ASN B 328 40.10 -10.65 16.48
N ILE B 329 40.30 -11.65 17.35
CA ILE B 329 39.71 -12.93 17.06
C ILE B 329 38.16 -12.92 16.90
N GLU B 330 37.45 -12.11 17.70
CA GLU B 330 35.98 -12.00 17.65
C GLU B 330 35.45 -11.39 16.32
N ASP B 331 36.24 -10.53 15.72
CA ASP B 331 36.04 -10.03 14.38
C ASP B 331 36.31 -11.07 13.32
N LEU B 332 37.34 -11.89 13.51
CA LEU B 332 37.76 -12.87 12.52
C LEU B 332 36.93 -14.14 12.34
N VAL B 333 36.36 -14.67 13.43
CA VAL B 333 35.71 -15.94 13.40
C VAL B 333 34.29 -15.78 12.95
N VAL B 334 33.92 -16.49 11.92
CA VAL B 334 32.60 -16.43 11.30
C VAL B 334 31.78 -17.65 11.78
N HIS B 335 32.47 -18.72 12.16
CA HIS B 335 31.80 -20.00 12.45
C HIS B 335 32.75 -20.83 13.30
N MET B 336 32.17 -21.71 14.12
CA MET B 336 32.92 -22.67 14.89
C MET B 336 32.12 -23.91 15.22
N LYS B 337 32.84 -25.02 15.45
CA LYS B 337 32.30 -26.29 15.93
C LYS B 337 32.94 -26.63 17.24
N VAL B 338 32.13 -26.95 18.22
CA VAL B 338 32.62 -27.21 19.60
C VAL B 338 31.98 -28.47 20.13
N VAL B 339 32.79 -29.30 20.74
CA VAL B 339 32.34 -30.58 21.33
C VAL B 339 32.23 -30.41 22.81
N THR B 340 31.02 -30.41 23.36
CA THR B 340 30.86 -30.33 24.84
C THR B 340 30.35 -31.67 25.30
N PRO B 341 30.32 -31.92 26.62
CA PRO B 341 29.65 -33.15 27.15
C PRO B 341 28.20 -33.30 26.73
N ARG B 342 27.50 -32.19 26.59
CA ARG B 342 26.12 -32.15 26.20
C ARG B 342 25.89 -32.42 24.73
N GLY B 343 26.93 -32.33 23.88
CA GLY B 343 26.72 -32.38 22.47
C GLY B 343 27.50 -31.30 21.70
N VAL B 344 27.33 -31.30 20.38
CA VAL B 344 28.09 -30.41 19.50
C VAL B 344 27.38 -29.09 19.30
N ILE B 345 28.08 -27.98 19.58
CA ILE B 345 27.61 -26.62 19.22
C ILE B 345 28.09 -26.13 17.83
N GLU B 346 27.11 -25.79 17.00
CA GLU B 346 27.36 -25.32 15.66
C GLU B 346 26.11 -24.58 15.14
N LYS B 347 26.28 -23.37 14.64
CA LYS B 347 25.23 -22.70 13.87
C LYS B 347 24.94 -23.40 12.53
N SER B 348 23.70 -23.25 12.02
CA SER B 348 23.27 -23.84 10.74
C SER B 348 23.81 -23.12 9.48
N CYS B 349 24.08 -21.83 9.57
CA CYS B 349 24.42 -21.05 8.35
C CYS B 349 25.58 -20.12 8.61
N GLN B 350 26.23 -19.69 7.51
CA GLN B 350 27.48 -18.93 7.57
C GLN B 350 27.29 -17.49 7.06
N GLY B 351 26.11 -16.92 7.31
CA GLY B 351 25.80 -15.56 6.94
C GLY B 351 26.64 -14.61 7.78
N PRO B 352 26.99 -13.43 7.25
CA PRO B 352 27.91 -12.55 7.93
C PRO B 352 27.47 -12.01 9.28
N ARG B 353 26.20 -11.75 9.46
CA ARG B 353 25.81 -11.08 10.69
C ARG B 353 24.38 -11.44 10.87
N MET B 354 23.99 -11.80 12.09
CA MET B 354 22.66 -12.38 12.40
C MET B 354 22.03 -11.71 13.63
N SER B 355 20.71 -11.61 13.67
CA SER B 355 19.98 -11.30 14.89
C SER B 355 19.16 -12.49 15.26
N THR B 356 19.79 -13.47 15.87
CA THR B 356 19.04 -14.69 16.29
C THR B 356 19.30 -14.94 17.77
N GLY B 357 19.02 -13.93 18.59
CA GLY B 357 19.21 -13.96 19.98
C GLY B 357 20.67 -13.69 20.40
N PRO B 358 21.00 -13.93 21.66
CA PRO B 358 22.37 -13.77 22.13
C PRO B 358 23.37 -14.62 21.32
N ASP B 359 24.51 -14.03 21.04
CA ASP B 359 25.44 -14.65 20.08
C ASP B 359 26.21 -15.74 20.80
N ILE B 360 25.92 -16.99 20.49
CA ILE B 360 26.49 -18.16 21.17
C ILE B 360 27.99 -18.32 20.94
N HIS B 361 28.49 -17.75 19.84
CA HIS B 361 29.92 -17.73 19.60
C HIS B 361 30.61 -17.01 20.72
N HIS B 362 29.95 -16.00 21.27
CA HIS B 362 30.51 -15.27 22.41
C HIS B 362 30.37 -15.97 23.75
N PHE B 363 29.60 -17.05 23.81
CA PHE B 363 29.58 -17.88 25.01
C PHE B 363 30.85 -18.76 24.96
N ILE B 364 31.42 -19.04 23.77
CA ILE B 364 32.60 -19.88 23.67
C ILE B 364 33.87 -19.07 23.65
N MET B 365 33.86 -17.94 22.96
CA MET B 365 35.07 -17.15 22.92
C MET B 365 35.38 -16.65 24.29
N GLY B 366 36.62 -16.85 24.70
CA GLY B 366 37.03 -16.43 26.00
C GLY B 366 36.64 -17.48 27.09
N SER B 367 36.11 -18.64 26.73
CA SER B 367 35.75 -19.69 27.75
C SER B 367 36.97 -20.50 28.23
N GLU B 368 38.16 -20.25 27.68
CA GLU B 368 39.43 -20.75 28.21
C GLU B 368 39.43 -22.27 28.58
N GLY B 369 38.97 -23.13 27.68
CA GLY B 369 38.99 -24.56 27.94
C GLY B 369 38.07 -25.15 29.04
N THR B 370 37.09 -24.36 29.53
CA THR B 370 36.17 -24.81 30.59
C THR B 370 34.86 -25.38 30.08
N LEU B 371 34.65 -25.40 28.75
CA LEU B 371 33.35 -25.84 28.24
C LEU B 371 33.35 -27.05 27.34
N GLY B 372 34.44 -27.32 26.66
CA GLY B 372 34.42 -28.24 25.54
C GLY B 372 35.65 -27.95 24.72
N VAL B 373 35.73 -28.57 23.55
CA VAL B 373 36.91 -28.44 22.70
C VAL B 373 36.44 -27.84 21.40
N ILE B 374 37.10 -26.74 21.02
CA ILE B 374 36.86 -26.11 19.74
C ILE B 374 37.56 -26.98 18.78
N THR B 375 36.80 -27.61 17.87
CA THR B 375 37.45 -28.54 16.91
C THR B 375 37.69 -27.93 15.53
N GLU B 376 36.79 -27.04 15.09
CA GLU B 376 36.84 -26.41 13.81
C GLU B 376 36.34 -24.97 13.90
N ALA B 377 36.86 -24.13 12.99
CA ALA B 377 36.46 -22.75 12.88
C ALA B 377 36.64 -22.23 11.49
N THR B 378 35.81 -21.29 11.16
CA THR B 378 35.88 -20.57 9.94
C THR B 378 36.32 -19.16 10.31
N ILE B 379 37.26 -18.64 9.52
CA ILE B 379 37.88 -17.37 9.78
C ILE B 379 38.01 -16.64 8.45
N LYS B 380 37.91 -15.33 8.48
CA LYS B 380 38.05 -14.54 7.34
C LYS B 380 39.46 -14.50 6.85
N ILE B 381 39.60 -14.40 5.55
CA ILE B 381 40.90 -14.25 4.95
C ILE B 381 40.91 -13.08 4.02
N ARG B 382 42.07 -12.68 3.58
CA ARG B 382 42.21 -11.46 2.79
C ARG B 382 43.31 -11.74 1.84
N PRO B 383 43.34 -11.01 0.71
CA PRO B 383 44.51 -11.10 -0.16
C PRO B 383 45.74 -10.59 0.54
N THR B 384 46.87 -11.22 0.27
CA THR B 384 48.12 -10.76 0.78
C THR B 384 48.35 -9.32 0.31
N PRO B 385 48.68 -8.40 1.24
CA PRO B 385 48.75 -7.01 0.77
C PRO B 385 50.02 -6.78 -0.10
N GLU B 386 50.01 -5.81 -1.02
CA GLU B 386 51.17 -5.62 -1.93
C GLU B 386 52.48 -5.36 -1.17
N TYR B 387 52.39 -4.42 -0.23
CA TYR B 387 53.55 -3.71 0.23
C TYR B 387 53.46 -3.37 1.73
N GLN B 388 54.62 -3.24 2.35
CA GLN B 388 54.77 -2.89 3.74
C GLN B 388 55.84 -1.86 3.88
N LYS B 389 55.57 -0.86 4.71
CA LYS B 389 56.57 0.13 5.06
C LYS B 389 56.61 0.33 6.57
N TYR B 390 57.81 0.29 7.14
CA TYR B 390 58.01 0.74 8.51
C TYR B 390 58.15 2.26 8.61
N GLY B 391 58.15 2.76 9.84
CA GLY B 391 58.23 4.20 10.14
C GLY B 391 58.52 4.43 11.61
N SER B 392 58.96 5.63 11.95
CA SER B 392 59.16 6.00 13.35
C SER B 392 58.99 7.48 13.56
N VAL B 393 58.59 7.82 14.77
CA VAL B 393 58.35 9.18 15.17
C VAL B 393 58.96 9.33 16.53
N ALA B 394 59.62 10.46 16.75
CA ALA B 394 60.11 10.81 18.09
C ALA B 394 59.29 11.96 18.62
N PHE B 395 58.98 11.92 19.92
CA PHE B 395 58.22 12.95 20.62
C PHE B 395 59.02 13.48 21.83
N PRO B 396 58.76 14.72 22.28
CA PRO B 396 59.52 15.27 23.41
C PRO B 396 59.22 14.61 24.72
N ASN B 397 58.05 13.98 24.83
CA ASN B 397 57.74 13.08 25.95
C ASN B 397 56.60 12.08 25.66
N PHE B 398 56.39 11.20 26.63
CA PHE B 398 55.44 10.11 26.52
C PHE B 398 54.03 10.67 26.37
N GLU B 399 53.76 11.70 27.17
CA GLU B 399 52.47 12.37 27.22
C GLU B 399 52.07 12.90 25.86
N GLN B 400 52.99 13.56 25.15
CA GLN B 400 52.69 14.05 23.81
C GLN B 400 52.53 12.91 22.80
N GLY B 401 53.36 11.87 22.96
CA GLY B 401 53.14 10.61 22.30
C GLY B 401 51.72 10.09 22.39
N VAL B 402 51.24 9.95 23.62
CA VAL B 402 49.92 9.40 23.91
C VAL B 402 48.86 10.24 23.24
N ALA B 403 48.99 11.56 23.33
CA ALA B 403 47.99 12.47 22.76
C ALA B 403 47.92 12.39 21.21
N CYS B 404 49.05 12.16 20.61
CA CYS B 404 49.10 11.96 19.17
C CYS B 404 48.41 10.64 18.76
N LEU B 405 48.70 9.57 19.50
CA LEU B 405 48.02 8.28 19.26
C LEU B 405 46.49 8.42 19.46
N ARG B 406 46.08 9.15 20.50
CA ARG B 406 44.66 9.47 20.68
C ARG B 406 44.11 10.19 19.47
N GLU B 407 44.84 11.20 19.02
CA GLU B 407 44.43 11.92 17.80
C GLU B 407 44.31 11.03 16.56
N ILE B 408 45.28 10.17 16.36
CA ILE B 408 45.26 9.24 15.26
C ILE B 408 44.03 8.29 15.36
N ALA B 409 43.75 7.81 16.56
CA ALA B 409 42.60 6.98 16.77
C ALA B 409 41.29 7.81 16.52
N LYS B 410 41.27 9.06 16.96
CA LYS B 410 40.16 9.99 16.72
C LYS B 410 39.91 10.24 15.22
N GLN B 411 40.96 10.34 14.44
CA GLN B 411 40.76 10.40 13.00
C GLN B 411 40.60 9.04 12.31
N ARG B 412 40.51 7.97 13.08
CA ARG B 412 40.40 6.61 12.51
C ARG B 412 41.42 6.34 11.38
N CYS B 413 42.67 6.78 11.56
CA CYS B 413 43.72 6.57 10.52
C CYS B 413 44.92 5.87 11.12
N ALA B 414 44.68 4.92 12.01
CA ALA B 414 45.75 4.12 12.48
C ALA B 414 46.42 3.31 11.36
N PRO B 415 47.74 3.18 11.40
CA PRO B 415 48.25 2.15 10.54
C PRO B 415 47.99 0.73 11.08
N ALA B 416 48.43 -0.22 10.23
CA ALA B 416 48.42 -1.63 10.48
C ALA B 416 48.85 -1.86 11.91
N SER B 417 50.05 -1.39 12.28
CA SER B 417 50.52 -1.36 13.63
C SER B 417 51.13 -0.01 14.05
N ILE B 418 50.92 0.30 15.32
CA ILE B 418 51.51 1.45 15.92
C ILE B 418 51.75 1.17 17.38
N ARG B 419 53.00 1.34 17.81
CA ARG B 419 53.40 1.14 19.19
C ARG B 419 54.05 2.44 19.67
N LEU B 420 53.78 2.88 20.89
CA LEU B 420 54.48 4.03 21.50
C LEU B 420 55.32 3.57 22.65
N MET B 421 56.63 3.78 22.57
CA MET B 421 57.58 3.30 23.60
C MET B 421 57.91 4.40 24.53
N ASP B 422 57.96 4.12 25.83
CA ASP B 422 58.41 5.13 26.79
C ASP B 422 59.95 5.33 26.73
N ASN B 423 60.43 6.35 27.45
CA ASN B 423 61.85 6.74 27.42
C ASN B 423 62.88 5.63 27.56
N GLN B 424 62.76 4.86 28.65
CA GLN B 424 63.58 3.70 28.89
C GLN B 424 63.67 2.88 27.62
N GLN B 425 62.52 2.54 27.07
CA GLN B 425 62.49 1.70 25.90
C GLN B 425 63.11 2.39 24.72
N PHE B 426 62.88 3.70 24.59
CA PHE B 426 63.58 4.48 23.57
C PHE B 426 65.10 4.26 23.74
N GLN B 427 65.59 4.40 24.97
CA GLN B 427 67.01 4.35 25.25
C GLN B 427 67.60 3.02 24.97
N PHE B 428 66.92 1.97 25.42
CA PHE B 428 67.29 0.62 25.02
C PHE B 428 67.51 0.51 23.51
N GLY B 429 66.52 0.92 22.73
CA GLY B 429 66.60 0.86 21.27
C GLY B 429 67.67 1.75 20.65
N HIS B 430 67.97 2.87 21.31
CA HIS B 430 69.07 3.74 20.88
C HIS B 430 70.41 3.06 21.08
N ALA B 431 70.61 2.53 22.29
CA ALA B 431 71.77 1.70 22.64
C ALA B 431 72.03 0.68 21.52
N LEU B 432 71.01 -0.09 21.13
CA LEU B 432 71.10 -0.91 19.91
C LEU B 432 70.79 -0.03 18.69
N GLY B 457 67.42 18.65 18.48
CA GLY B 457 66.02 18.35 18.71
C GLY B 457 65.58 18.42 20.17
N PHE B 458 65.55 17.26 20.83
CA PHE B 458 64.80 17.02 22.09
C PHE B 458 65.69 16.67 23.29
N ASP B 459 65.07 16.54 24.48
CA ASP B 459 65.68 15.96 25.71
C ASP B 459 65.62 14.42 25.69
N PRO B 460 66.79 13.73 25.78
CA PRO B 460 66.78 12.27 25.68
C PRO B 460 66.38 11.52 26.95
N ASN B 461 66.13 12.23 28.05
CA ASN B 461 65.63 11.59 29.27
C ASN B 461 64.15 11.76 29.54
N GLN B 462 63.46 12.48 28.65
CA GLN B 462 61.98 12.42 28.50
C GLN B 462 61.46 11.85 27.15
N LEU B 463 62.27 11.98 26.10
CA LEU B 463 61.96 11.56 24.72
C LEU B 463 61.33 10.14 24.57
N SER B 464 60.21 10.07 23.84
CA SER B 464 59.54 8.78 23.52
C SER B 464 59.47 8.59 22.02
N VAL B 465 59.27 7.34 21.59
CA VAL B 465 59.22 7.00 20.16
C VAL B 465 58.10 6.04 19.78
N ALA B 466 57.47 6.32 18.65
CA ALA B 466 56.46 5.43 18.08
C ALA B 466 57.05 4.74 16.85
N THR B 467 56.90 3.41 16.78
CA THR B 467 57.22 2.63 15.58
C THR B 467 55.92 2.29 14.91
N LEU B 468 55.94 2.40 13.58
CA LEU B 468 54.79 2.28 12.72
C LEU B 468 55.06 1.25 11.62
N LEU B 469 53.98 0.64 11.18
CA LEU B 469 53.98 -0.30 10.13
C LEU B 469 52.68 -0.04 9.43
N PHE B 470 52.82 0.26 8.16
CA PHE B 470 51.76 0.43 7.24
C PHE B 470 51.77 -0.77 6.35
N GLU B 471 50.60 -1.09 5.80
CA GLU B 471 50.48 -2.28 4.99
C GLU B 471 49.28 -2.14 4.12
N GLY B 472 49.34 -2.75 2.94
CA GLY B 472 48.34 -2.61 1.86
C GLY B 472 49.10 -2.22 0.58
N ASP B 473 48.44 -1.44 -0.26
CA ASP B 473 49.04 -0.99 -1.54
C ASP B 473 50.18 -0.02 -1.36
N ARG B 474 51.18 -0.14 -2.22
CA ARG B 474 52.33 0.77 -2.19
C ARG B 474 51.88 2.24 -2.21
N GLU B 475 50.94 2.63 -3.09
CA GLU B 475 50.55 4.06 -3.18
C GLU B 475 49.79 4.54 -1.93
N LYS B 476 48.92 3.66 -1.43
CA LYS B 476 48.07 3.93 -0.26
C LYS B 476 48.87 4.11 1.04
N VAL B 477 49.84 3.22 1.23
CA VAL B 477 50.79 3.31 2.33
C VAL B 477 51.41 4.72 2.38
N LEU B 478 51.83 5.24 1.22
CA LEU B 478 52.58 6.49 1.15
C LEU B 478 51.66 7.66 1.47
N GLN B 479 50.45 7.66 0.88
CA GLN B 479 49.43 8.63 1.31
C GLN B 479 49.23 8.53 2.84
N HIS B 480 48.90 7.33 3.34
CA HIS B 480 48.65 7.09 4.79
C HIS B 480 49.78 7.68 5.65
N GLU B 481 51.01 7.33 5.27
CA GLU B 481 52.24 7.65 5.97
C GLU B 481 52.49 9.16 6.11
N LYS B 482 52.11 9.94 5.09
CA LYS B 482 52.15 11.40 5.18
C LYS B 482 51.09 11.88 6.18
N GLN B 483 49.83 11.46 5.99
CA GLN B 483 48.77 11.79 6.97
C GLN B 483 49.17 11.54 8.45
N VAL B 484 49.87 10.44 8.71
CA VAL B 484 50.25 10.12 10.08
C VAL B 484 51.30 11.09 10.63
N TYR B 485 52.39 11.26 9.88
CA TYR B 485 53.51 12.17 10.25
C TYR B 485 53.02 13.61 10.42
N ASP B 486 52.03 14.01 9.59
CA ASP B 486 51.38 15.31 9.75
C ASP B 486 50.60 15.50 11.08
N ILE B 487 49.81 14.48 11.46
CA ILE B 487 49.12 14.52 12.76
C ILE B 487 50.12 14.67 13.91
N ALA B 488 51.17 13.87 13.82
CA ALA B 488 52.21 13.80 14.85
C ALA B 488 52.96 15.12 14.98
N ALA B 489 53.19 15.80 13.84
CA ALA B 489 53.83 17.14 13.86
C ALA B 489 53.10 18.13 14.79
N LYS B 490 51.78 18.02 14.91
CA LYS B 490 51.02 18.85 15.85
C LYS B 490 51.29 18.53 17.33
N PHE B 491 52.00 17.46 17.65
CA PHE B 491 52.37 17.13 19.05
C PHE B 491 53.87 17.11 19.32
N GLY B 492 54.62 17.76 18.43
CA GLY B 492 56.08 17.72 18.46
C GLY B 492 56.66 16.41 17.99
N GLY B 493 55.88 15.67 17.20
CA GLY B 493 56.37 14.42 16.63
C GLY B 493 57.20 14.73 15.41
N LEU B 494 58.37 14.10 15.30
CA LEU B 494 59.23 14.28 14.14
C LEU B 494 59.56 12.91 13.52
N ALA B 495 59.45 12.80 12.20
CA ALA B 495 59.77 11.55 11.53
C ALA B 495 61.24 11.17 11.75
N ALA B 496 61.49 9.92 12.13
CA ALA B 496 62.82 9.43 12.57
C ALA B 496 63.32 8.18 11.79
N GLY B 497 62.77 7.97 10.60
CA GLY B 497 63.29 6.98 9.69
C GLY B 497 62.53 5.67 9.71
N GLU B 498 62.39 5.08 8.53
CA GLU B 498 61.90 3.71 8.34
C GLU B 498 62.76 2.61 9.03
N ASP B 499 64.05 2.87 9.17
CA ASP B 499 65.02 1.87 9.65
C ASP B 499 64.86 1.64 11.14
N ASN B 500 64.46 2.68 11.84
CA ASN B 500 64.15 2.57 13.26
C ASN B 500 62.88 1.78 13.53
N GLY B 501 61.89 1.96 12.65
CA GLY B 501 60.64 1.22 12.73
C GLY B 501 60.92 -0.25 12.67
N GLN B 502 61.39 -0.63 11.48
CA GLN B 502 61.85 -1.96 11.12
C GLN B 502 62.68 -2.60 12.18
N ARG B 503 63.62 -1.82 12.72
CA ARG B 503 64.53 -2.28 13.76
C ARG B 503 63.75 -2.65 15.03
N GLY B 504 62.77 -1.85 15.39
CA GLY B 504 61.88 -2.17 16.50
C GLY B 504 61.07 -3.48 16.37
N TYR B 505 60.46 -3.64 15.20
CA TYR B 505 59.72 -4.86 14.87
C TYR B 505 60.61 -6.04 14.61
N LEU B 506 61.93 -5.83 14.49
CA LEU B 506 62.88 -6.97 14.46
C LEU B 506 62.88 -7.73 15.74
N LEU B 507 62.59 -7.09 16.85
CA LEU B 507 62.57 -7.77 18.16
C LEU B 507 61.33 -8.59 18.51
N THR B 508 60.25 -8.42 17.76
CA THR B 508 58.96 -9.09 18.06
C THR B 508 59.09 -10.56 18.45
N TYR B 509 59.59 -11.40 17.58
CA TYR B 509 59.56 -12.84 17.86
C TYR B 509 60.78 -13.34 18.67
N VAL B 510 61.72 -12.45 19.00
CA VAL B 510 62.85 -12.81 19.89
C VAL B 510 62.74 -12.46 21.37
N ILE B 511 61.86 -11.54 21.77
CA ILE B 511 61.74 -11.10 23.19
C ILE B 511 61.64 -12.22 24.18
N ALA B 512 60.90 -13.26 23.84
CA ALA B 512 60.65 -14.34 24.80
C ALA B 512 61.87 -15.23 24.95
N TYR B 513 62.75 -15.21 23.94
CA TYR B 513 64.05 -15.85 24.09
C TYR B 513 64.94 -15.07 25.08
N MET B 514 64.80 -13.76 25.12
CA MET B 514 65.54 -12.94 26.05
C MET B 514 65.14 -13.27 27.46
N ARG B 515 63.88 -13.57 27.66
CA ARG B 515 63.39 -13.91 29.01
C ARG B 515 64.12 -15.09 29.60
N ASP B 516 64.24 -16.17 28.86
CA ASP B 516 65.06 -17.34 29.32
C ASP B 516 66.55 -16.99 29.56
N LEU B 517 67.11 -16.09 28.72
CA LEU B 517 68.43 -15.59 28.90
C LEU B 517 68.62 -14.90 30.28
N GLY B 518 67.63 -14.15 30.75
CA GLY B 518 67.67 -13.56 32.09
C GLY B 518 67.66 -14.62 33.19
N LEU B 519 66.90 -15.69 33.00
CA LEU B 519 66.88 -16.75 34.01
C LEU B 519 68.25 -17.46 34.19
N GLU B 520 69.14 -17.35 33.20
CA GLU B 520 70.50 -17.90 33.27
C GLU B 520 71.49 -16.92 33.91
N TYR B 521 71.05 -15.70 34.24
CA TYR B 521 71.90 -14.69 34.86
C TYR B 521 71.17 -13.97 36.01
N TYR B 522 70.35 -14.72 36.72
CA TYR B 522 69.66 -14.27 37.93
C TYR B 522 68.76 -13.01 37.74
N ILE B 523 68.09 -12.96 36.61
CA ILE B 523 67.15 -11.91 36.28
C ILE B 523 65.79 -12.53 35.98
N ILE B 524 64.75 -12.11 36.70
CA ILE B 524 63.38 -12.56 36.43
C ILE B 524 62.62 -11.39 35.79
N GLY B 525 61.96 -11.71 34.68
CA GLY B 525 61.14 -10.73 33.97
C GLY B 525 59.85 -11.29 33.41
N GLU B 526 58.89 -10.39 33.21
CA GLU B 526 57.57 -10.73 32.67
C GLU B 526 56.95 -9.47 32.13
N SER B 527 55.97 -9.65 31.26
CA SER B 527 55.13 -8.53 30.84
C SER B 527 53.72 -8.78 31.23
N PHE B 528 52.97 -7.71 31.44
CA PHE B 528 51.53 -7.80 31.60
C PHE B 528 50.85 -6.66 30.89
N GLU B 529 49.55 -6.81 30.74
CA GLU B 529 48.83 -5.96 29.83
C GLU B 529 47.51 -5.55 30.45
N THR B 530 47.01 -4.44 29.98
CA THR B 530 45.69 -4.00 30.35
C THR B 530 45.14 -3.19 29.18
N SER B 531 43.82 -2.96 29.14
CA SER B 531 43.24 -1.90 28.32
C SER B 531 42.62 -0.86 29.25
N ALA B 532 42.64 0.36 28.78
CA ALA B 532 42.10 1.46 29.57
C ALA B 532 41.56 2.55 28.64
N PRO B 533 40.59 3.33 29.14
CA PRO B 533 40.07 4.50 28.45
C PRO B 533 41.14 5.53 28.16
N TRP B 534 41.02 6.24 27.05
CA TRP B 534 42.05 7.21 26.67
C TRP B 534 42.44 8.16 27.83
N ASP B 535 41.42 8.70 28.51
CA ASP B 535 41.65 9.70 29.59
C ASP B 535 42.38 9.12 30.82
N ARG B 536 42.43 7.78 30.99
CA ARG B 536 43.21 7.14 32.08
C ARG B 536 44.64 6.72 31.76
N VAL B 537 45.02 6.70 30.48
CA VAL B 537 46.30 6.07 30.05
C VAL B 537 47.57 6.64 30.71
N VAL B 538 47.71 7.96 30.72
CA VAL B 538 48.98 8.55 31.22
C VAL B 538 49.16 8.33 32.72
N ASP B 539 48.11 8.56 33.50
CA ASP B 539 48.15 8.30 34.95
C ASP B 539 48.42 6.83 35.26
N LEU B 540 47.78 5.97 34.49
CA LEU B 540 47.93 4.54 34.65
C LEU B 540 49.37 4.14 34.42
N CYS B 541 50.02 4.67 33.36
CA CYS B 541 51.43 4.34 33.03
C CYS B 541 52.39 4.77 34.12
N ARG B 542 52.35 6.06 34.47
CA ARG B 542 53.12 6.63 35.56
C ARG B 542 52.89 5.86 36.87
N ASN B 543 51.64 5.77 37.30
CA ASN B 543 51.37 5.18 38.61
C ASN B 543 51.75 3.73 38.72
N VAL B 544 51.51 2.92 37.68
CA VAL B 544 51.83 1.47 37.74
C VAL B 544 53.34 1.22 37.74
N LYS B 545 54.07 1.93 36.89
CA LYS B 545 55.52 1.86 36.93
C LYS B 545 56.02 2.19 38.33
N GLU B 546 55.48 3.28 38.88
CA GLU B 546 55.92 3.82 40.17
C GLU B 546 55.58 2.86 41.33
N ARG B 547 54.40 2.26 41.27
CA ARG B 547 54.05 1.14 42.16
C ARG B 547 55.03 -0.08 42.05
N ILE B 548 55.45 -0.47 40.84
CA ILE B 548 56.36 -1.60 40.69
C ILE B 548 57.70 -1.35 41.44
N ARG B 549 58.30 -0.19 41.14
CA ARG B 549 59.49 0.32 41.80
C ARG B 549 59.30 0.24 43.30
N ARG B 550 58.40 1.06 43.83
CA ARG B 550 58.04 1.05 45.25
C ARG B 550 58.12 -0.34 45.90
N GLU B 551 57.37 -1.30 45.36
CA GLU B 551 57.23 -2.61 46.03
C GLU B 551 58.53 -3.44 45.95
N CYS B 552 59.39 -3.15 44.97
CA CYS B 552 60.67 -3.84 44.83
C CYS B 552 61.68 -3.34 45.87
N LYS B 553 61.82 -2.01 45.96
CA LYS B 553 62.51 -1.37 47.08
C LYS B 553 62.05 -1.99 48.40
N GLU B 554 60.75 -1.96 48.65
CA GLU B 554 60.22 -2.37 49.95
C GLU B 554 60.41 -3.83 50.33
N LYS B 555 60.75 -4.69 49.39
CA LYS B 555 61.03 -6.10 49.71
C LYS B 555 62.50 -6.49 49.50
N GLY B 556 63.38 -5.49 49.43
CA GLY B 556 64.81 -5.73 49.43
C GLY B 556 65.45 -5.98 48.08
N VAL B 557 65.04 -5.24 47.06
CA VAL B 557 65.60 -5.41 45.72
C VAL B 557 66.71 -4.39 45.54
N GLN B 558 67.92 -4.93 45.45
CA GLN B 558 69.17 -4.20 45.55
C GLN B 558 69.35 -3.08 44.53
N PHE B 559 68.85 -3.30 43.32
CA PHE B 559 68.93 -2.35 42.24
C PHE B 559 67.50 -2.01 41.80
N PRO B 560 67.27 -0.76 41.35
CA PRO B 560 65.90 -0.40 40.95
C PRO B 560 65.52 -1.18 39.66
N PRO B 561 64.43 -2.01 39.71
CA PRO B 561 64.10 -2.95 38.62
C PRO B 561 63.94 -2.30 37.23
N LEU B 562 63.87 -3.10 36.17
CA LEU B 562 63.38 -2.57 34.86
C LEU B 562 61.85 -2.41 35.00
N SER B 563 61.32 -1.28 34.62
CA SER B 563 59.91 -1.02 34.85
C SER B 563 59.50 -0.02 33.82
N THR B 564 59.05 -0.56 32.69
CA THR B 564 58.75 0.26 31.53
C THR B 564 57.35 -0.04 30.97
N CYS B 565 56.94 0.78 30.01
CA CYS B 565 55.65 0.63 29.42
C CYS B 565 55.60 1.08 27.99
N ARG B 566 54.49 0.68 27.35
CA ARG B 566 54.28 0.89 25.92
C ARG B 566 52.79 0.85 25.61
N VAL B 567 52.32 1.78 24.81
CA VAL B 567 50.98 1.68 24.22
C VAL B 567 51.03 0.89 22.87
N THR B 568 50.48 -0.34 22.88
CA THR B 568 50.53 -1.29 21.74
C THR B 568 49.33 -1.39 20.80
N GLN B 569 48.12 -0.93 21.19
CA GLN B 569 46.91 -0.93 20.30
C GLN B 569 46.04 0.27 20.67
N THR B 570 45.42 0.87 19.66
CA THR B 570 44.47 1.98 19.81
C THR B 570 43.09 1.48 19.41
N TYR B 571 42.07 2.07 20.02
CA TYR B 571 40.67 1.78 19.71
C TYR B 571 39.99 3.09 19.78
N ASP B 572 38.74 3.12 19.28
CA ASP B 572 37.91 4.29 19.50
C ASP B 572 37.89 4.74 20.97
N ALA B 573 37.61 3.81 21.89
CA ALA B 573 37.43 4.20 23.29
C ALA B 573 38.67 4.08 24.17
N GLY B 574 39.83 3.75 23.64
CA GLY B 574 41.00 3.64 24.51
C GLY B 574 42.18 2.89 23.94
N ALA B 575 42.95 2.29 24.82
CA ALA B 575 44.23 1.72 24.40
C ALA B 575 44.68 0.55 25.21
N CYS B 576 45.52 -0.26 24.60
CA CYS B 576 46.11 -1.40 25.28
C CYS B 576 47.47 -0.93 25.73
N ILE B 577 47.79 -1.10 27.00
CA ILE B 577 49.13 -0.78 27.56
C ILE B 577 49.83 -2.07 27.99
N TYR B 578 51.08 -2.22 27.56
CA TYR B 578 51.93 -3.31 27.98
C TYR B 578 52.93 -2.78 28.98
N PHE B 579 53.05 -3.49 30.09
CA PHE B 579 54.09 -3.26 31.11
C PHE B 579 55.15 -4.35 31.09
N TYR B 580 56.40 -3.94 31.26
CA TYR B 580 57.56 -4.87 31.33
C TYR B 580 58.30 -4.67 32.66
N PHE B 581 58.42 -5.74 33.41
CA PHE B 581 58.98 -5.70 34.73
C PHE B 581 60.11 -6.75 34.79
N ALA B 582 61.26 -6.37 35.29
CA ALA B 582 62.31 -7.36 35.57
C ALA B 582 63.29 -6.86 36.58
N PHE B 583 63.93 -7.80 37.26
CA PHE B 583 64.98 -7.42 38.21
C PHE B 583 65.91 -8.56 38.51
N ASN B 584 67.07 -8.16 38.95
CA ASN B 584 68.08 -9.02 39.52
C ASN B 584 67.57 -9.48 40.87
N TYR B 585 67.52 -10.77 41.11
CA TYR B 585 67.10 -11.28 42.39
C TYR B 585 68.31 -11.82 43.23
N ARG B 586 69.47 -11.18 43.09
CA ARG B 586 70.70 -11.60 43.81
C ARG B 586 70.61 -11.08 45.24
N GLY B 587 70.75 -11.99 46.20
CA GLY B 587 70.63 -11.69 47.63
C GLY B 587 69.21 -11.84 48.16
N ILE B 588 68.24 -12.10 47.28
CA ILE B 588 66.85 -12.20 47.69
C ILE B 588 66.57 -13.63 48.08
N SER B 589 66.13 -13.82 49.32
CA SER B 589 65.88 -15.14 49.84
C SER B 589 64.79 -15.87 49.06
N ASP B 590 63.63 -15.23 48.84
CA ASP B 590 62.48 -15.90 48.19
C ASP B 590 61.96 -15.16 46.92
N PRO B 591 62.62 -15.40 45.75
CA PRO B 591 62.45 -14.50 44.59
C PRO B 591 61.11 -14.61 43.83
N LEU B 592 60.51 -15.79 43.82
CA LEU B 592 59.17 -16.00 43.26
C LEU B 592 58.02 -15.39 44.03
N ALA B 593 58.13 -15.35 45.36
CA ALA B 593 57.13 -14.71 46.19
C ALA B 593 57.19 -13.22 45.97
N VAL B 594 58.40 -12.70 45.88
CA VAL B 594 58.61 -11.28 45.67
C VAL B 594 57.98 -10.81 44.34
N PHE B 595 58.20 -11.61 43.29
CA PHE B 595 57.76 -11.27 41.96
C PHE B 595 56.24 -11.36 41.88
N GLU B 596 55.70 -12.44 42.41
CA GLU B 596 54.28 -12.75 42.38
C GLU B 596 53.47 -11.75 43.21
N GLN B 597 54.04 -11.28 44.30
CA GLN B 597 53.39 -10.25 45.11
C GLN B 597 53.51 -8.93 44.36
N THR B 598 54.66 -8.67 43.77
CA THR B 598 54.79 -7.43 43.01
C THR B 598 53.84 -7.40 41.75
N GLU B 599 53.52 -8.57 41.20
CA GLU B 599 52.69 -8.69 40.00
C GLU B 599 51.26 -8.39 40.39
N ALA B 600 50.80 -9.02 41.48
CA ALA B 600 49.44 -8.89 41.95
C ALA B 600 49.17 -7.47 42.47
N ALA B 601 50.21 -6.84 42.99
CA ALA B 601 50.17 -5.42 43.37
C ALA B 601 50.12 -4.47 42.17
N ALA B 602 50.94 -4.77 41.15
CA ALA B 602 50.85 -4.08 39.84
C ALA B 602 49.39 -4.13 39.26
N ARG B 603 48.83 -5.32 39.30
CA ARG B 603 47.45 -5.56 38.91
C ARG B 603 46.43 -4.75 39.75
N GLU B 604 46.62 -4.64 41.07
CA GLU B 604 45.74 -3.79 41.90
C GLU B 604 45.81 -2.33 41.45
N GLU B 605 47.03 -1.84 41.24
CA GLU B 605 47.27 -0.49 40.70
C GLU B 605 46.60 -0.25 39.31
N ILE B 606 46.70 -1.23 38.44
CA ILE B 606 46.04 -1.20 37.11
C ILE B 606 44.55 -0.94 37.32
N LEU B 607 43.92 -1.76 38.16
CA LEU B 607 42.47 -1.74 38.37
C LEU B 607 41.99 -0.45 39.04
N ALA B 608 42.83 0.03 39.96
CA ALA B 608 42.53 1.25 40.74
C ALA B 608 42.65 2.52 39.91
N ASN B 609 43.38 2.47 38.79
CA ASN B 609 43.54 3.58 37.81
C ASN B 609 42.68 3.37 36.57
N GLY B 610 41.75 2.44 36.62
CA GLY B 610 40.75 2.30 35.57
C GLY B 610 41.02 1.28 34.46
N GLY B 611 42.15 0.59 34.55
CA GLY B 611 42.49 -0.46 33.61
C GLY B 611 41.69 -1.73 33.82
N SER B 612 41.51 -2.46 32.72
CA SER B 612 40.88 -3.76 32.75
C SER B 612 41.77 -4.81 33.38
N LEU B 613 41.15 -5.92 33.70
CA LEU B 613 41.83 -7.09 34.24
C LEU B 613 42.73 -7.77 33.21
N SER B 614 42.28 -7.79 31.95
CA SER B 614 43.15 -8.17 30.79
C SER B 614 42.60 -7.60 29.46
N HIS B 615 43.47 -7.11 28.58
CA HIS B 615 43.13 -6.84 27.21
C HIS B 615 43.07 -8.15 26.38
N HIS B 616 44.07 -9.02 26.54
CA HIS B 616 44.16 -10.24 25.71
C HIS B 616 44.71 -11.52 26.30
N HIS B 617 45.62 -11.46 27.26
CA HIS B 617 46.10 -12.70 27.89
C HIS B 617 45.05 -13.58 28.56
N GLY B 618 43.97 -12.97 29.00
CA GLY B 618 42.92 -13.73 29.61
C GLY B 618 43.09 -13.82 31.11
N VAL B 619 42.22 -14.60 31.70
CA VAL B 619 42.11 -14.66 33.16
C VAL B 619 42.74 -15.94 33.70
N GLY B 620 42.37 -17.08 33.12
CA GLY B 620 42.85 -18.37 33.57
C GLY B 620 42.60 -18.59 35.07
N LYS B 621 43.60 -19.10 35.77
CA LYS B 621 43.62 -19.14 37.24
C LYS B 621 44.37 -18.00 37.91
N LEU B 622 45.30 -17.41 37.18
CA LEU B 622 46.06 -16.27 37.66
C LEU B 622 45.22 -15.07 38.09
N ARG B 623 44.10 -14.80 37.42
CA ARG B 623 43.34 -13.54 37.65
C ARG B 623 41.92 -13.82 38.09
N LYS B 624 41.64 -15.07 38.41
CA LYS B 624 40.36 -15.55 38.91
C LYS B 624 39.83 -14.71 40.01
N GLN B 625 40.70 -14.37 40.96
CA GLN B 625 40.21 -13.69 42.18
C GLN B 625 39.57 -12.34 41.86
N TRP B 626 39.96 -11.69 40.76
CA TRP B 626 39.35 -10.40 40.38
C TRP B 626 38.09 -10.47 39.45
N LEU B 627 37.67 -11.66 38.99
CA LEU B 627 36.67 -11.74 37.92
C LEU B 627 35.30 -11.24 38.29
N LYS B 628 34.77 -11.74 39.41
CA LYS B 628 33.43 -11.41 39.89
C LYS B 628 33.19 -9.92 40.02
N GLU B 629 34.15 -9.23 40.61
CA GLU B 629 34.14 -7.74 40.61
C GLU B 629 34.14 -7.11 39.21
N SER B 630 34.96 -7.61 38.29
CA SER B 630 35.02 -7.08 36.91
C SER B 630 33.72 -7.23 36.12
N ILE B 631 33.03 -8.36 36.32
CA ILE B 631 31.85 -8.68 35.53
C ILE B 631 30.51 -8.67 36.28
N SER B 632 30.55 -8.43 37.62
CA SER B 632 29.39 -8.43 38.52
C SER B 632 29.03 -9.85 38.92
N ASP B 633 28.44 -10.00 40.11
CA ASP B 633 27.99 -11.34 40.57
C ASP B 633 26.99 -11.95 39.63
N VAL B 634 26.04 -11.19 39.09
CA VAL B 634 25.06 -11.80 38.20
C VAL B 634 25.77 -12.29 36.91
N GLY B 635 26.77 -11.56 36.42
CA GLY B 635 27.61 -12.00 35.27
C GLY B 635 28.30 -13.32 35.43
N PHE B 636 29.10 -13.38 36.48
CA PHE B 636 29.73 -14.62 36.93
C PHE B 636 28.72 -15.75 37.06
N GLY B 637 27.57 -15.48 37.65
CA GLY B 637 26.50 -16.52 37.74
C GLY B 637 25.99 -16.97 36.38
N MET B 638 25.84 -16.01 35.46
CA MET B 638 25.46 -16.31 34.08
C MET B 638 26.47 -17.29 33.52
N LEU B 639 27.75 -16.99 33.70
CA LEU B 639 28.84 -17.88 33.25
C LEU B 639 28.70 -19.23 33.89
N LYS B 640 28.51 -19.26 35.21
CA LYS B 640 28.27 -20.55 35.96
C LYS B 640 27.13 -21.36 35.35
N SER B 641 26.00 -20.69 35.07
CA SER B 641 24.84 -21.37 34.55
C SER B 641 25.13 -22.10 33.23
N VAL B 642 25.90 -21.46 32.32
CA VAL B 642 26.27 -22.12 31.06
C VAL B 642 27.17 -23.35 31.31
N LYS B 643 28.17 -23.22 32.16
CA LYS B 643 29.10 -24.31 32.45
C LYS B 643 28.36 -25.50 33.05
N ASP B 644 27.43 -25.22 33.95
CA ASP B 644 26.69 -26.31 34.59
C ASP B 644 25.72 -27.00 33.67
N TYR B 645 25.25 -26.32 32.63
CA TYR B 645 24.34 -26.94 31.66
C TYR B 645 25.12 -27.72 30.64
N VAL B 646 26.18 -27.08 30.12
CA VAL B 646 27.04 -27.68 29.09
C VAL B 646 27.89 -28.83 29.63
N ASP B 647 28.39 -28.64 30.85
CA ASP B 647 29.32 -29.59 31.46
C ASP B 647 28.95 -29.95 32.93
N PRO B 648 27.78 -30.60 33.12
CA PRO B 648 27.28 -30.86 34.49
C PRO B 648 28.26 -31.54 35.43
N THR B 649 29.06 -32.49 34.94
CA THR B 649 29.98 -33.23 35.81
C THR B 649 31.39 -32.68 35.75
N ASN B 650 31.52 -31.45 35.25
CA ASN B 650 32.79 -30.79 35.18
C ASN B 650 33.94 -31.60 34.58
N ILE B 651 33.67 -32.26 33.47
CA ILE B 651 34.76 -32.92 32.71
C ILE B 651 35.87 -31.94 32.29
N PHE B 652 35.50 -30.69 31.99
CA PHE B 652 36.48 -29.68 31.58
C PHE B 652 36.95 -28.89 32.77
N GLY B 653 37.81 -29.55 33.53
CA GLY B 653 38.01 -29.25 34.94
C GLY B 653 39.29 -28.47 35.18
N ASN B 654 39.74 -27.66 34.21
CA ASN B 654 40.96 -26.92 34.48
C ASN B 654 40.78 -25.84 35.51
N ARG B 655 39.54 -25.45 35.77
CA ARG B 655 39.14 -24.49 36.81
C ARG B 655 39.53 -23.06 36.53
N ASN B 656 39.69 -22.75 35.23
CA ASN B 656 39.92 -21.35 34.86
C ASN B 656 38.65 -20.57 35.05
N LEU B 657 38.82 -19.25 35.17
CA LEU B 657 37.74 -18.28 35.19
C LEU B 657 36.88 -18.33 36.46
N LEU B 658 36.21 -19.47 36.68
CA LEU B 658 35.22 -19.63 37.73
C LEU B 658 35.80 -20.44 38.88
N PRO C 84 -22.54 28.36 8.02
CA PRO C 84 -23.17 28.55 9.33
C PRO C 84 -24.23 27.51 9.73
N LYS C 85 -23.97 26.88 10.86
CA LYS C 85 -24.92 25.98 11.45
C LYS C 85 -26.19 26.70 11.88
N LYS C 86 -26.09 27.93 12.39
CA LYS C 86 -27.26 28.71 12.79
C LYS C 86 -27.62 29.53 11.58
N ARG C 87 -28.50 28.97 10.77
CA ARG C 87 -28.76 29.53 9.45
C ARG C 87 -29.40 30.85 9.53
N GLN C 88 -30.30 30.97 10.48
CA GLN C 88 -31.07 32.20 10.72
C GLN C 88 -30.26 33.48 11.02
N GLU C 89 -29.01 33.34 11.42
CA GLU C 89 -28.08 34.46 11.50
C GLU C 89 -27.88 35.18 10.16
N LEU C 90 -27.72 34.44 9.06
CA LEU C 90 -27.68 35.06 7.74
C LEU C 90 -28.97 34.97 6.89
N MET C 91 -29.81 33.95 7.13
CA MET C 91 -30.98 33.69 6.27
C MET C 91 -32.28 33.85 7.02
N LYS C 92 -33.38 34.06 6.30
CA LYS C 92 -34.65 34.35 6.96
C LYS C 92 -35.32 33.13 7.57
N TRP C 93 -35.83 33.27 8.78
CA TRP C 93 -36.44 32.14 9.48
C TRP C 93 -37.84 31.88 8.91
N ASN C 94 -38.46 32.88 8.29
CA ASN C 94 -39.86 32.77 7.92
C ASN C 94 -40.09 33.04 6.46
N GLY C 95 -39.06 32.82 5.66
CA GLY C 95 -39.08 33.28 4.29
C GLY C 95 -37.94 32.80 3.46
N TRP C 96 -37.98 33.18 2.19
CA TRP C 96 -36.88 32.93 1.26
C TRP C 96 -35.66 33.77 1.51
N GLY C 97 -34.52 33.13 1.51
CA GLY C 97 -33.29 33.79 1.20
C GLY C 97 -32.63 34.53 2.36
N TYR C 98 -31.89 35.56 2.02
CA TYR C 98 -30.95 36.18 2.97
C TYR C 98 -31.67 37.24 3.78
N ASN C 99 -31.36 37.36 5.08
CA ASN C 99 -31.96 38.43 5.89
C ASN C 99 -31.78 39.82 5.24
N ASP C 100 -30.66 40.05 4.58
CA ASP C 100 -30.35 41.37 3.99
C ASP C 100 -31.07 41.74 2.71
N SER C 101 -31.87 40.83 2.15
CA SER C 101 -32.52 41.05 0.86
C SER C 101 -34.03 40.83 0.97
N LYS C 102 -34.77 41.91 0.83
CA LYS C 102 -36.21 41.91 0.96
C LYS C 102 -36.69 43.10 0.23
N PHE C 103 -37.88 43.01 -0.34
CA PHE C 103 -38.54 44.14 -0.98
C PHE C 103 -39.14 45.04 0.10
N PHE C 104 -39.07 46.33 -0.16
CA PHE C 104 -39.66 47.33 0.72
C PHE C 104 -39.95 48.60 -0.08
N LEU C 105 -40.67 49.52 0.55
CA LEU C 105 -41.01 50.79 -0.03
C LEU C 105 -39.98 51.81 0.40
N ASN C 106 -39.27 52.36 -0.57
CA ASN C 106 -38.19 53.31 -0.28
C ASN C 106 -38.74 54.71 0.12
N LYS C 107 -37.81 55.64 0.43
CA LYS C 107 -38.16 57.05 0.65
C LYS C 107 -39.13 57.63 -0.37
N LYS C 108 -38.91 57.31 -1.64
CA LYS C 108 -39.83 57.78 -2.68
C LYS C 108 -41.14 57.00 -2.78
N GLY C 109 -41.45 56.11 -1.83
CA GLY C 109 -42.65 55.25 -1.92
C GLY C 109 -42.67 54.20 -3.04
N GLN C 110 -41.48 53.79 -3.52
CA GLN C 110 -41.36 52.84 -4.63
C GLN C 110 -40.81 51.53 -4.10
N LEU C 111 -41.18 50.41 -4.72
CA LEU C 111 -40.64 49.12 -4.29
C LEU C 111 -39.18 48.95 -4.71
N GLU C 112 -38.43 48.40 -3.77
CA GLU C 112 -37.01 48.18 -3.94
C GLU C 112 -36.61 47.01 -3.11
N LEU C 113 -35.60 46.32 -3.61
CA LEU C 113 -34.94 45.24 -2.91
C LEU C 113 -33.72 45.78 -2.17
N THR C 114 -33.65 45.50 -0.87
CA THR C 114 -32.54 45.85 0.00
C THR C 114 -31.24 45.11 -0.29
N GLY C 115 -30.15 45.57 0.33
CA GLY C 115 -28.84 44.89 0.30
C GLY C 115 -28.18 45.15 -1.06
N LYS C 116 -27.18 44.34 -1.34
CA LYS C 116 -26.34 44.49 -2.51
C LYS C 116 -26.01 43.13 -3.21
N ARG C 117 -26.82 42.08 -3.00
CA ARG C 117 -26.45 40.72 -3.49
C ARG C 117 -26.69 40.51 -4.94
N TYR C 118 -27.76 41.11 -5.46
CA TYR C 118 -28.25 40.89 -6.81
C TYR C 118 -28.11 42.16 -7.64
N PRO C 119 -27.96 42.02 -8.96
CA PRO C 119 -27.99 43.19 -9.86
C PRO C 119 -29.16 44.15 -9.58
N LEU C 120 -30.35 43.58 -9.38
CA LEU C 120 -31.50 44.34 -8.98
C LEU C 120 -31.55 44.83 -7.53
N SER C 121 -30.61 44.46 -6.65
CA SER C 121 -30.61 45.04 -5.27
C SER C 121 -30.38 46.55 -5.33
N GLY C 122 -31.10 47.31 -4.53
CA GLY C 122 -30.96 48.78 -4.53
C GLY C 122 -31.37 49.51 -5.81
N VAL C 123 -32.18 48.88 -6.65
CA VAL C 123 -32.62 49.46 -7.92
C VAL C 123 -34.11 49.67 -7.75
N ALA C 124 -34.54 50.93 -7.70
CA ALA C 124 -35.94 51.22 -7.47
C ALA C 124 -36.73 50.71 -8.64
N LEU C 125 -37.96 50.26 -8.39
CA LEU C 125 -38.87 49.80 -9.46
C LEU C 125 -40.08 50.70 -9.44
N PRO C 126 -39.98 51.87 -10.09
CA PRO C 126 -41.03 52.90 -10.02
C PRO C 126 -42.48 52.40 -10.25
N THR C 127 -42.66 51.51 -11.23
CA THR C 127 -44.00 51.04 -11.65
C THR C 127 -44.49 49.76 -10.95
N PHE C 128 -43.67 49.17 -10.11
CA PHE C 128 -44.00 47.85 -9.57
C PHE C 128 -45.22 47.90 -8.67
N LYS C 129 -45.21 48.87 -7.74
CA LYS C 129 -46.34 49.10 -6.82
C LYS C 129 -47.71 49.24 -7.49
N ASP C 130 -47.78 49.90 -8.62
CA ASP C 130 -49.02 50.07 -9.38
C ASP C 130 -49.45 48.83 -10.09
N TRP C 131 -48.49 48.10 -10.67
CA TRP C 131 -48.81 46.83 -11.28
C TRP C 131 -49.42 45.94 -10.19
N ILE C 132 -48.82 45.92 -8.99
CA ILE C 132 -49.37 45.06 -7.93
C ILE C 132 -50.79 45.44 -7.62
N GLN C 133 -51.08 46.74 -7.58
CA GLN C 133 -52.40 47.26 -7.20
C GLN C 133 -53.44 46.93 -8.22
N ASN C 134 -53.14 47.26 -9.45
CA ASN C 134 -54.01 46.93 -10.58
C ASN C 134 -54.26 45.43 -10.74
N THR C 135 -53.19 44.64 -10.59
CA THR C 135 -53.29 43.18 -10.80
C THR C 135 -54.15 42.50 -9.73
N PHE C 136 -53.99 42.89 -8.48
CA PHE C 136 -54.65 42.19 -7.36
C PHE C 136 -55.77 42.99 -6.68
N GLY C 137 -55.88 44.29 -6.98
CA GLY C 137 -56.99 45.10 -6.49
C GLY C 137 -56.85 45.41 -5.01
N ILE C 138 -55.65 45.83 -4.64
CA ILE C 138 -55.31 46.15 -3.26
C ILE C 138 -54.46 47.43 -3.22
N ASN C 139 -54.54 48.14 -2.10
CA ASN C 139 -53.63 49.25 -1.84
C ASN C 139 -52.49 48.64 -1.08
N LEU C 140 -51.32 49.22 -1.27
CA LEU C 140 -50.12 48.71 -0.63
C LEU C 140 -49.85 49.48 0.67
N ASP C 141 -50.89 49.54 1.53
CA ASP C 141 -50.84 50.27 2.78
C ASP C 141 -50.98 49.32 3.96
N HIS C 142 -52.09 48.58 4.05
CA HIS C 142 -52.30 47.58 5.12
C HIS C 142 -51.31 46.40 5.04
N LYS C 143 -50.23 46.47 5.81
CA LYS C 143 -49.34 45.34 5.97
C LYS C 143 -50.04 44.20 6.77
N THR C 144 -49.73 42.97 6.41
CA THR C 144 -50.19 41.80 7.14
C THR C 144 -49.33 41.72 8.42
N THR C 145 -49.89 41.30 9.55
CA THR C 145 -49.11 41.29 10.81
C THR C 145 -48.72 39.85 11.10
N SER C 146 -47.44 39.52 10.86
CA SER C 146 -46.89 38.17 11.05
C SER C 146 -46.13 37.98 12.38
N LYS C 147 -45.88 36.72 12.75
CA LYS C 147 -45.07 36.45 13.92
C LYS C 147 -43.70 37.08 13.70
N ALA C 148 -43.21 37.77 14.73
CA ALA C 148 -42.02 38.61 14.59
C ALA C 148 -40.75 37.76 14.65
N SER C 149 -40.87 36.63 15.31
CA SER C 149 -39.71 35.83 15.54
C SER C 149 -40.13 34.44 15.98
N LEU C 150 -39.20 33.53 15.72
CA LEU C 150 -39.27 32.16 16.16
C LEU C 150 -39.37 32.07 17.69
N ASN C 151 -40.53 31.66 18.14
CA ASN C 151 -40.81 31.52 19.57
C ASN C 151 -40.42 30.10 20.01
N PRO C 152 -39.35 29.96 20.84
CA PRO C 152 -39.00 28.59 21.32
C PRO C 152 -40.13 27.86 22.07
N SER C 153 -40.91 28.61 22.86
CA SER C 153 -42.07 28.09 23.61
C SER C 153 -43.22 27.50 22.77
N ASP C 154 -43.51 28.10 21.61
CA ASP C 154 -44.48 27.57 20.62
C ASP C 154 -44.16 26.15 20.11
N THR C 155 -42.90 25.73 20.30
CA THR C 155 -42.45 24.45 19.79
C THR C 155 -42.69 23.32 20.79
N PRO C 156 -42.80 22.07 20.29
CA PRO C 156 -42.93 20.95 21.20
C PRO C 156 -41.61 20.68 21.85
N PRO C 157 -41.61 19.99 23.00
CA PRO C 157 -40.32 19.77 23.67
C PRO C 157 -39.42 18.81 22.87
N SER C 158 -38.12 18.92 23.08
CA SER C 158 -37.19 18.01 22.45
C SER C 158 -37.11 16.77 23.35
N ILE C 159 -37.62 15.63 22.90
CA ILE C 159 -37.48 14.36 23.63
C ILE C 159 -36.50 13.43 22.88
N VAL C 160 -35.47 12.99 23.62
CA VAL C 160 -34.33 12.25 23.04
C VAL C 160 -33.68 11.31 24.08
N ASN C 161 -33.83 9.98 23.90
CA ASN C 161 -33.18 8.96 24.77
C ASN C 161 -31.78 9.37 25.20
N GLU C 162 -31.49 9.26 26.49
CA GLU C 162 -30.24 9.75 27.04
C GLU C 162 -29.00 8.90 26.68
N ASP C 163 -29.16 7.59 26.57
CA ASP C 163 -28.05 6.73 26.17
C ASP C 163 -27.54 7.01 24.77
N PHE C 164 -28.48 7.17 23.83
CA PHE C 164 -28.19 7.71 22.48
C PHE C 164 -27.39 9.02 22.57
N LEU C 165 -27.93 9.97 23.31
CA LEU C 165 -27.25 11.23 23.56
C LEU C 165 -25.80 11.00 24.13
N HIS C 166 -25.66 10.13 25.12
CA HIS C 166 -24.32 9.86 25.67
C HIS C 166 -23.42 9.42 24.52
N GLU C 167 -23.83 8.32 23.85
CA GLU C 167 -23.14 7.80 22.64
C GLU C 167 -22.77 8.87 21.58
N LEU C 168 -23.72 9.76 21.28
CA LEU C 168 -23.48 10.83 20.30
C LEU C 168 -22.41 11.81 20.75
N LYS C 169 -22.39 12.14 22.04
CA LYS C 169 -21.37 13.10 22.54
C LYS C 169 -19.93 12.58 22.33
N LYS C 170 -19.77 11.27 22.42
CA LYS C 170 -18.46 10.63 22.26
C LYS C 170 -17.86 10.79 20.86
N THR C 171 -18.71 11.00 19.85
CA THR C 171 -18.27 11.14 18.45
C THR C 171 -17.86 12.54 18.04
N ASN C 172 -18.20 13.54 18.84
CA ASN C 172 -17.89 14.94 18.53
C ASN C 172 -18.66 15.53 17.32
N ILE C 173 -19.71 14.86 16.88
CA ILE C 173 -20.52 15.41 15.82
C ILE C 173 -21.34 16.49 16.48
N SER C 174 -21.25 17.69 15.94
CA SER C 174 -22.01 18.81 16.44
C SER C 174 -23.56 18.57 16.34
N TYR C 175 -24.30 19.12 17.29
CA TYR C 175 -25.73 18.82 17.35
C TYR C 175 -26.47 19.88 18.14
N SER C 176 -27.78 19.94 18.00
CA SER C 176 -28.53 20.96 18.72
C SER C 176 -29.97 20.60 18.89
N GLN C 177 -30.49 20.98 20.08
CA GLN C 177 -31.87 20.70 20.48
C GLN C 177 -32.66 21.94 20.60
N GLU C 178 -32.02 23.04 20.22
CA GLU C 178 -32.60 24.36 20.30
C GLU C 178 -33.73 24.52 19.31
N ALA C 179 -34.77 25.23 19.77
CA ALA C 179 -35.99 25.32 19.01
C ALA C 179 -35.71 25.93 17.67
N ASP C 180 -34.91 26.98 17.65
CA ASP C 180 -34.66 27.77 16.47
C ASP C 180 -34.07 26.97 15.34
N ASP C 181 -33.11 26.10 15.64
CA ASP C 181 -32.48 25.24 14.66
C ASP C 181 -33.44 24.17 14.14
N ARG C 182 -34.19 23.59 15.05
CA ARG C 182 -35.17 22.58 14.74
C ARG C 182 -36.30 23.08 13.86
N VAL C 183 -36.83 24.26 14.17
CA VAL C 183 -37.87 24.86 13.36
C VAL C 183 -37.37 25.27 11.97
N PHE C 184 -36.11 25.70 11.89
CA PHE C 184 -35.59 26.14 10.60
C PHE C 184 -35.60 24.96 9.61
N ARG C 185 -35.39 23.75 10.12
CA ARG C 185 -35.26 22.55 9.31
C ARG C 185 -36.49 21.69 9.33
N ALA C 186 -37.64 22.26 9.69
CA ALA C 186 -38.91 21.56 9.68
C ALA C 186 -39.72 21.77 8.41
N HIS C 187 -39.15 22.40 7.40
CA HIS C 187 -39.97 22.87 6.30
C HIS C 187 -39.11 23.23 5.14
N GLY C 188 -39.77 23.24 3.98
CA GLY C 188 -39.21 23.80 2.76
C GLY C 188 -39.96 25.06 2.42
N HIS C 189 -40.21 25.25 1.15
CA HIS C 189 -40.68 26.49 0.65
C HIS C 189 -41.96 26.37 -0.12
N CYS C 190 -42.82 25.44 0.30
CA CYS C 190 -44.20 25.52 -0.22
C CYS C 190 -44.92 26.72 0.40
N LEU C 191 -45.78 27.35 -0.38
CA LEU C 191 -46.64 28.40 0.12
C LEU C 191 -47.23 28.03 1.47
N HIS C 192 -47.80 26.85 1.59
CA HIS C 192 -48.40 26.42 2.83
C HIS C 192 -47.43 26.39 4.03
N GLU C 193 -46.17 26.03 3.81
CA GLU C 193 -45.28 25.97 4.96
C GLU C 193 -44.87 27.37 5.43
N ILE C 194 -44.76 28.29 4.46
CA ILE C 194 -44.29 29.66 4.73
C ILE C 194 -45.38 30.37 5.46
N PHE C 195 -46.62 30.26 4.94
CA PHE C 195 -47.81 30.72 5.62
C PHE C 195 -47.86 30.27 7.09
N LEU C 196 -47.57 29.02 7.36
CA LEU C 196 -47.69 28.55 8.73
C LEU C 196 -46.61 29.15 9.58
N LEU C 197 -45.40 29.27 9.01
CA LEU C 197 -44.29 29.92 9.69
C LEU C 197 -44.68 31.31 10.14
N ARG C 198 -45.33 32.02 9.24
CA ARG C 198 -45.68 33.41 9.48
C ARG C 198 -46.77 33.61 10.53
N GLU C 199 -47.76 32.69 10.58
CA GLU C 199 -48.93 32.90 11.40
C GLU C 199 -49.30 31.78 12.39
N GLY C 200 -48.47 30.75 12.53
CA GLY C 200 -48.86 29.56 13.28
C GLY C 200 -47.66 28.76 13.71
N MET C 201 -47.77 27.43 13.63
CA MET C 201 -46.67 26.54 14.03
C MET C 201 -46.91 25.15 13.47
N PHE C 202 -45.83 24.42 13.22
CA PHE C 202 -45.92 23.11 12.62
C PHE C 202 -46.37 22.09 13.66
N GLU C 203 -47.16 21.14 13.22
CA GLU C 203 -47.60 20.06 14.10
C GLU C 203 -46.42 19.23 14.60
N ARG C 204 -45.31 19.20 13.84
CA ARG C 204 -44.17 18.41 14.25
C ARG C 204 -42.87 18.96 13.61
N ILE C 205 -41.79 18.88 14.37
CA ILE C 205 -40.51 19.44 13.99
C ILE C 205 -39.46 18.48 14.51
N PRO C 206 -38.30 18.41 13.86
CA PRO C 206 -37.26 17.51 14.35
C PRO C 206 -36.97 17.72 15.85
N ASP C 207 -36.48 16.67 16.50
CA ASP C 207 -36.16 16.73 17.94
C ASP C 207 -34.70 17.14 18.16
N ILE C 208 -33.85 16.81 17.20
CA ILE C 208 -32.43 17.13 17.30
C ILE C 208 -31.85 17.34 15.89
N VAL C 209 -30.89 18.25 15.73
CA VAL C 209 -30.24 18.50 14.44
C VAL C 209 -28.82 18.02 14.55
N LEU C 210 -28.35 17.18 13.64
CA LEU C 210 -26.92 16.78 13.61
C LEU C 210 -26.22 17.33 12.36
N TRP C 211 -24.92 17.64 12.49
CA TRP C 211 -24.12 18.21 11.39
C TRP C 211 -22.93 17.37 11.12
N PRO C 212 -23.10 16.24 10.42
CA PRO C 212 -21.92 15.51 9.97
C PRO C 212 -21.06 16.35 9.05
N THR C 213 -19.75 16.06 9.07
CA THR C 213 -18.81 16.78 8.25
C THR C 213 -18.23 15.87 7.16
N CYS C 214 -18.54 14.58 7.16
CA CYS C 214 -17.93 13.67 6.20
C CYS C 214 -18.71 12.38 6.15
N HIS C 215 -18.32 11.50 5.23
CA HIS C 215 -19.00 10.21 5.01
C HIS C 215 -19.04 9.30 6.25
N ASP C 216 -17.90 9.21 6.93
CA ASP C 216 -17.77 8.33 8.11
C ASP C 216 -18.68 8.78 9.23
N ASP C 217 -18.86 10.08 9.37
CA ASP C 217 -19.82 10.65 10.32
C ASP C 217 -21.22 10.21 10.06
N VAL C 218 -21.60 10.26 8.79
CA VAL C 218 -22.99 9.88 8.42
C VAL C 218 -23.19 8.39 8.74
N VAL C 219 -22.16 7.56 8.57
CA VAL C 219 -22.27 6.11 8.90
C VAL C 219 -22.58 5.93 10.41
N LYS C 220 -21.80 6.61 11.26
CA LYS C 220 -22.05 6.56 12.71
C LYS C 220 -23.45 6.96 13.05
N ILE C 221 -23.94 8.04 12.43
CA ILE C 221 -25.29 8.50 12.75
C ILE C 221 -26.38 7.48 12.40
N VAL C 222 -26.25 6.85 11.24
CA VAL C 222 -27.29 5.92 10.78
C VAL C 222 -27.23 4.65 11.63
N ASN C 223 -26.01 4.18 11.86
CA ASN C 223 -25.79 3.11 12.84
C ASN C 223 -26.45 3.42 14.18
N LEU C 224 -26.29 4.63 14.71
CA LEU C 224 -26.96 5.00 15.96
C LEU C 224 -28.47 5.09 15.81
N ALA C 225 -28.94 5.67 14.72
CA ALA C 225 -30.38 5.72 14.47
C ALA C 225 -31.03 4.31 14.39
N CYS C 226 -30.29 3.33 13.82
CA CYS C 226 -30.74 1.93 13.78
C CYS C 226 -30.81 1.41 15.24
N LYS C 227 -29.64 1.33 15.90
CA LYS C 227 -29.56 1.00 17.32
C LYS C 227 -30.72 1.56 18.19
N TYR C 228 -30.88 2.89 18.25
CA TYR C 228 -31.88 3.52 19.17
C TYR C 228 -33.18 3.86 18.53
N ASN C 229 -33.47 3.31 17.35
CA ASN C 229 -34.78 3.50 16.74
C ASN C 229 -35.20 4.95 16.46
N LEU C 230 -34.25 5.70 15.90
CA LEU C 230 -34.49 7.11 15.50
C LEU C 230 -34.93 7.23 14.01
N CYS C 231 -35.77 8.22 13.73
CA CYS C 231 -36.20 8.57 12.41
C CYS C 231 -35.28 9.67 11.91
N ILE C 232 -34.65 9.48 10.75
CA ILE C 232 -33.80 10.48 10.10
C ILE C 232 -34.49 11.15 8.94
N ILE C 233 -34.47 12.47 8.92
CA ILE C 233 -34.88 13.26 7.75
C ILE C 233 -33.73 14.10 7.26
N PRO C 234 -33.11 13.71 6.11
CA PRO C 234 -31.99 14.56 5.63
C PRO C 234 -32.41 15.95 5.24
N ILE C 235 -31.53 16.91 5.44
CA ILE C 235 -31.73 18.26 4.89
C ILE C 235 -30.44 18.85 4.29
N GLY C 236 -30.57 19.49 3.15
CA GLY C 236 -29.49 20.21 2.50
C GLY C 236 -29.84 21.65 2.55
N GLY C 237 -30.20 22.20 1.41
CA GLY C 237 -30.64 23.56 1.39
C GLY C 237 -31.99 23.93 1.96
N GLY C 238 -32.86 22.98 2.28
CA GLY C 238 -34.14 23.36 2.77
C GLY C 238 -35.06 23.98 1.74
N THR C 239 -34.83 23.78 0.45
CA THR C 239 -35.57 24.48 -0.61
C THR C 239 -36.66 23.62 -1.31
N SER C 240 -36.96 22.45 -0.75
CA SER C 240 -38.04 21.55 -1.24
C SER C 240 -39.32 22.30 -1.44
N VAL C 241 -40.02 22.00 -2.53
CA VAL C 241 -41.34 22.54 -2.75
C VAL C 241 -42.32 21.39 -2.88
N SER C 242 -42.19 20.37 -2.08
CA SER C 242 -43.09 19.21 -2.23
C SER C 242 -43.41 18.62 -0.88
N TYR C 243 -43.31 19.42 0.19
CA TYR C 243 -43.45 18.90 1.57
C TYR C 243 -42.46 17.78 1.89
N GLY C 244 -41.30 17.79 1.26
CA GLY C 244 -40.37 16.69 1.41
C GLY C 244 -39.59 16.74 2.71
N LEU C 245 -39.57 17.88 3.36
CA LEU C 245 -38.88 18.01 4.63
C LEU C 245 -39.86 17.95 5.79
N MET C 246 -41.17 18.03 5.52
CA MET C 246 -42.13 18.04 6.56
C MET C 246 -42.15 16.76 7.39
N CYS C 247 -42.23 16.97 8.71
CA CYS C 247 -42.19 15.87 9.66
C CYS C 247 -43.60 15.31 9.74
N PRO C 248 -43.81 14.01 9.44
CA PRO C 248 -45.16 13.42 9.63
C PRO C 248 -45.67 13.69 11.06
N ALA C 249 -46.91 14.18 11.19
CA ALA C 249 -47.51 14.57 12.47
C ALA C 249 -47.61 13.46 13.55
N ASP C 250 -47.92 12.23 13.14
CA ASP C 250 -48.03 11.13 14.10
C ASP C 250 -46.73 10.34 14.28
N GLU C 251 -45.62 10.78 13.68
CA GLU C 251 -44.35 10.12 14.00
C GLU C 251 -44.06 10.32 15.49
N THR C 252 -43.90 9.24 16.24
CA THR C 252 -43.61 9.31 17.67
C THR C 252 -42.19 9.01 18.07
N ARG C 253 -41.35 8.61 17.13
CA ARG C 253 -39.95 8.43 17.47
C ARG C 253 -39.25 9.80 17.41
N THR C 254 -38.10 9.84 18.04
CA THR C 254 -37.20 10.94 17.92
C THR C 254 -36.80 11.13 16.43
N ILE C 255 -37.08 12.30 15.89
CA ILE C 255 -36.65 12.68 14.54
C ILE C 255 -35.34 13.43 14.54
N ILE C 256 -34.30 12.80 13.98
CA ILE C 256 -33.06 13.53 13.68
C ILE C 256 -33.25 14.31 12.36
N SER C 257 -32.92 15.59 12.37
CA SER C 257 -32.65 16.33 11.13
C SER C 257 -31.15 16.23 10.82
N LEU C 258 -30.82 15.53 9.74
CA LEU C 258 -29.43 15.33 9.38
C LEU C 258 -29.11 16.34 8.28
N ASP C 259 -28.50 17.41 8.75
CA ASP C 259 -28.12 18.57 7.99
C ASP C 259 -26.78 18.29 7.37
N THR C 260 -26.71 18.41 6.03
CA THR C 260 -25.52 18.05 5.25
C THR C 260 -24.68 19.25 4.88
N SER C 261 -25.06 20.47 5.32
CA SER C 261 -24.35 21.69 4.90
C SER C 261 -22.85 21.80 5.30
N GLN C 262 -22.39 21.05 6.29
CA GLN C 262 -20.95 21.10 6.71
C GLN C 262 -20.14 20.00 6.01
N MET C 263 -20.81 19.22 5.18
CA MET C 263 -20.18 18.16 4.42
C MET C 263 -20.19 18.70 3.00
N ASN C 264 -19.24 19.55 2.69
CA ASN C 264 -19.36 20.43 1.53
C ASN C 264 -18.12 20.67 0.76
N ARG C 265 -17.17 19.74 0.85
CA ARG C 265 -15.96 19.88 0.12
C ARG C 265 -16.03 19.39 -1.32
N ILE C 266 -15.30 20.05 -2.19
CA ILE C 266 -14.84 19.41 -3.40
C ILE C 266 -13.69 18.56 -2.91
N LEU C 267 -13.87 17.27 -2.90
CA LEU C 267 -12.83 16.34 -2.52
C LEU C 267 -11.72 16.35 -3.54
N TRP C 268 -12.06 16.24 -4.82
CA TRP C 268 -11.08 16.51 -5.87
C TRP C 268 -11.63 16.72 -7.24
N VAL C 269 -10.87 17.45 -8.05
CA VAL C 269 -11.15 17.63 -9.47
C VAL C 269 -10.25 16.74 -10.33
N ASP C 270 -10.88 15.99 -11.22
CA ASP C 270 -10.20 15.06 -12.09
C ASP C 270 -10.21 15.72 -13.43
N GLU C 271 -9.15 16.45 -13.73
CA GLU C 271 -9.10 17.17 -14.98
C GLU C 271 -9.08 16.27 -16.20
N ASN C 272 -8.61 15.03 -16.03
CA ASN C 272 -8.49 14.14 -17.16
C ASN C 272 -9.81 13.51 -17.61
N ASN C 273 -10.66 13.13 -16.65
CA ASN C 273 -11.99 12.61 -16.95
C ASN C 273 -13.09 13.65 -17.00
N LEU C 274 -12.74 14.91 -16.78
CA LEU C 274 -13.67 16.03 -16.56
C LEU C 274 -14.79 15.68 -15.59
N THR C 275 -14.41 15.33 -14.36
CA THR C 275 -15.38 15.09 -13.28
C THR C 275 -14.88 15.72 -11.98
N ALA C 276 -15.82 16.06 -11.11
CA ALA C 276 -15.53 16.55 -9.77
C ALA C 276 -16.15 15.59 -8.75
N HIS C 277 -15.32 15.11 -7.81
CA HIS C 277 -15.77 14.26 -6.74
C HIS C 277 -16.09 15.21 -5.58
N VAL C 278 -17.39 15.33 -5.24
CA VAL C 278 -17.81 16.28 -4.24
C VAL C 278 -18.58 15.63 -3.10
N GLU C 279 -18.60 16.31 -1.96
CA GLU C 279 -19.48 15.96 -0.86
C GLU C 279 -20.87 16.57 -1.16
N ALA C 280 -21.89 15.89 -0.69
CA ALA C 280 -23.25 16.13 -1.18
C ALA C 280 -23.91 17.37 -0.56
N GLY C 281 -23.33 17.96 0.50
CA GLY C 281 -23.85 19.16 1.10
C GLY C 281 -23.39 20.48 0.47
N ILE C 282 -22.46 20.45 -0.47
CA ILE C 282 -22.06 21.66 -1.17
C ILE C 282 -23.20 22.24 -2.00
N THR C 283 -23.29 23.56 -2.03
CA THR C 283 -24.37 24.26 -2.66
C THR C 283 -23.94 24.47 -4.09
N GLY C 284 -24.88 24.78 -4.96
CA GLY C 284 -24.55 25.11 -6.33
C GLY C 284 -23.64 26.34 -6.48
N GLN C 285 -23.95 27.41 -5.77
CA GLN C 285 -23.11 28.64 -5.78
C GLN C 285 -21.67 28.34 -5.41
N GLU C 286 -21.51 27.56 -4.37
CA GLU C 286 -20.20 27.31 -3.87
C GLU C 286 -19.47 26.31 -4.77
N LEU C 287 -20.19 25.34 -5.32
CA LEU C 287 -19.56 24.45 -6.28
C LEU C 287 -19.08 25.19 -7.54
N GLU C 288 -19.92 26.04 -8.09
CA GLU C 288 -19.55 26.79 -9.29
C GLU C 288 -18.43 27.78 -9.01
N ARG C 289 -18.43 28.40 -7.83
CA ARG C 289 -17.32 29.35 -7.43
C ARG C 289 -15.97 28.65 -7.32
N GLN C 290 -15.89 27.56 -6.61
CA GLN C 290 -14.63 26.84 -6.55
C GLN C 290 -14.12 26.29 -7.89
N LEU C 291 -15.04 25.74 -8.71
CA LEU C 291 -14.65 25.22 -10.02
C LEU C 291 -14.15 26.30 -10.97
N LYS C 292 -14.83 27.42 -10.94
CA LYS C 292 -14.46 28.56 -11.74
C LYS C 292 -12.97 28.93 -11.46
N GLU C 293 -12.56 28.82 -10.22
CA GLU C 293 -11.15 29.12 -9.88
C GLU C 293 -10.13 28.25 -10.65
N SER C 294 -10.51 27.03 -11.08
CA SER C 294 -9.66 26.20 -11.95
C SER C 294 -10.04 26.29 -13.44
N GLY C 295 -11.05 27.11 -13.74
CA GLY C 295 -11.56 27.30 -15.08
C GLY C 295 -12.66 26.33 -15.47
N TYR C 296 -13.29 25.64 -14.51
CA TYR C 296 -14.35 24.72 -14.77
C TYR C 296 -15.69 25.16 -14.19
N CYS C 297 -16.75 24.57 -14.70
CA CYS C 297 -18.17 24.68 -14.20
C CYS C 297 -18.94 23.32 -14.34
N THR C 298 -20.03 23.11 -13.62
CA THR C 298 -20.99 22.05 -13.93
C THR C 298 -22.02 22.55 -14.93
N GLY C 299 -22.37 23.81 -14.80
CA GLY C 299 -23.43 24.35 -15.62
C GLY C 299 -24.83 23.98 -15.24
N HIS C 300 -25.01 23.32 -14.07
CA HIS C 300 -26.27 22.99 -13.51
C HIS C 300 -26.77 24.17 -12.65
N GLU C 301 -27.90 24.74 -13.06
CA GLU C 301 -28.32 26.00 -12.53
C GLU C 301 -29.80 26.02 -12.23
N PRO C 302 -30.24 25.20 -11.24
CA PRO C 302 -31.54 25.44 -10.74
C PRO C 302 -31.60 26.91 -10.16
N ASP C 303 -32.78 27.49 -10.17
CA ASP C 303 -33.05 28.76 -9.62
C ASP C 303 -32.82 28.83 -8.10
N SER C 304 -32.79 27.69 -7.40
CA SER C 304 -32.51 27.66 -5.95
C SER C 304 -30.98 27.44 -5.69
N LEU C 305 -30.11 27.64 -6.70
CA LEU C 305 -28.69 27.19 -6.64
C LEU C 305 -27.86 27.88 -5.54
N GLU C 306 -28.28 29.05 -5.10
CA GLU C 306 -27.64 29.69 -3.95
C GLU C 306 -27.67 28.82 -2.71
N PHE C 307 -28.73 28.03 -2.55
CA PHE C 307 -28.91 27.16 -1.33
C PHE C 307 -29.10 25.64 -1.62
N SER C 308 -29.46 25.22 -2.85
CA SER C 308 -29.76 23.80 -3.05
C SER C 308 -28.44 23.11 -3.20
N THR C 309 -28.40 21.83 -2.81
CA THR C 309 -27.18 21.05 -2.71
C THR C 309 -27.16 19.89 -3.70
N VAL C 310 -25.98 19.37 -3.91
CA VAL C 310 -25.77 18.17 -4.72
C VAL C 310 -26.63 16.98 -4.30
N GLY C 311 -26.65 16.65 -2.99
CA GLY C 311 -27.51 15.59 -2.49
C GLY C 311 -28.97 15.89 -2.69
N GLY C 312 -29.36 17.15 -2.50
CA GLY C 312 -30.73 17.55 -2.78
C GLY C 312 -31.12 17.32 -4.26
N TRP C 313 -30.31 17.80 -5.20
CA TRP C 313 -30.53 17.63 -6.65
C TRP C 313 -30.71 16.16 -7.11
N ILE C 314 -29.80 15.34 -6.65
CA ILE C 314 -29.91 13.92 -6.82
C ILE C 314 -31.20 13.36 -6.24
N SER C 315 -31.50 13.68 -4.99
CA SER C 315 -32.73 13.14 -4.30
C SER C 315 -34.05 13.56 -4.91
N THR C 316 -34.09 14.73 -5.58
CA THR C 316 -35.38 15.24 -6.15
C THR C 316 -35.44 15.30 -7.69
N ARG C 317 -34.39 14.81 -8.33
CA ARG C 317 -34.16 14.85 -9.79
C ARG C 317 -34.25 16.26 -10.30
N ALA C 318 -33.31 17.06 -9.87
CA ALA C 318 -33.40 18.45 -10.17
C ALA C 318 -32.96 18.73 -11.61
N SER C 319 -33.50 19.81 -12.15
CA SER C 319 -33.20 20.31 -13.49
C SER C 319 -32.83 21.78 -13.41
N GLY C 320 -31.98 22.21 -14.29
CA GLY C 320 -31.45 23.53 -14.29
C GLY C 320 -31.62 24.19 -15.63
N MET C 321 -31.33 25.48 -15.65
CA MET C 321 -31.59 26.42 -16.72
C MET C 321 -30.87 26.04 -18.02
N LYS C 322 -29.65 25.51 -17.96
CA LYS C 322 -28.85 25.29 -19.18
C LYS C 322 -28.69 23.82 -19.44
N LYS C 323 -29.71 23.13 -19.11
CA LYS C 323 -29.69 21.71 -19.20
C LYS C 323 -29.56 21.29 -20.67
N ASN C 324 -29.99 22.13 -21.61
CA ASN C 324 -29.74 21.82 -23.07
C ASN C 324 -28.31 21.61 -23.43
N ILE C 325 -27.41 22.23 -22.71
CA ILE C 325 -25.99 22.00 -22.89
C ILE C 325 -25.43 21.06 -21.89
N TYR C 326 -25.73 21.25 -20.62
CA TYR C 326 -25.01 20.51 -19.58
C TYR C 326 -25.67 19.23 -19.17
N GLY C 327 -26.94 19.09 -19.51
CA GLY C 327 -27.76 17.99 -19.02
C GLY C 327 -28.45 18.29 -17.70
N ASN C 328 -29.32 17.37 -17.30
CA ASN C 328 -30.04 17.44 -16.02
C ASN C 328 -29.31 16.58 -15.10
N ILE C 329 -29.77 16.48 -13.84
CA ILE C 329 -28.96 15.84 -12.81
C ILE C 329 -28.60 14.39 -13.19
N GLU C 330 -29.53 13.68 -13.82
CA GLU C 330 -29.31 12.27 -14.25
C GLU C 330 -28.29 12.15 -15.38
N ASP C 331 -28.11 13.20 -16.18
CA ASP C 331 -27.01 13.25 -17.12
C ASP C 331 -25.63 13.64 -16.49
N LEU C 332 -25.62 14.34 -15.36
CA LEU C 332 -24.41 14.89 -14.71
C LEU C 332 -23.72 14.00 -13.76
N VAL C 333 -24.51 13.22 -13.04
CA VAL C 333 -23.99 12.34 -12.05
C VAL C 333 -23.40 11.14 -12.72
N VAL C 334 -22.11 10.90 -12.48
CA VAL C 334 -21.36 9.73 -12.95
C VAL C 334 -21.24 8.63 -11.85
N HIS C 335 -21.25 9.01 -10.57
CA HIS C 335 -21.05 8.07 -9.49
C HIS C 335 -21.64 8.66 -8.23
N MET C 336 -22.00 7.81 -7.29
CA MET C 336 -22.55 8.30 -6.02
CA MET C 336 -22.55 8.30 -6.02
C MET C 336 -22.36 7.28 -4.92
N LYS C 337 -22.40 7.79 -3.70
CA LYS C 337 -22.17 6.98 -2.50
C LYS C 337 -23.34 7.29 -1.61
N VAL C 338 -24.00 6.26 -1.12
CA VAL C 338 -25.16 6.41 -0.31
C VAL C 338 -25.09 5.53 0.95
N VAL C 339 -25.34 6.13 2.11
CA VAL C 339 -25.41 5.38 3.39
C VAL C 339 -26.84 5.03 3.65
N THR C 340 -27.11 3.72 3.63
CA THR C 340 -28.42 3.20 3.94
C THR C 340 -28.33 2.40 5.25
N PRO C 341 -29.45 2.13 5.91
CA PRO C 341 -29.41 1.23 7.11
C PRO C 341 -28.78 -0.13 6.82
N ARG C 342 -28.88 -0.60 5.57
CA ARG C 342 -28.36 -1.87 5.12
C ARG C 342 -26.85 -1.84 4.81
N GLY C 343 -26.31 -0.66 4.56
CA GLY C 343 -24.89 -0.51 4.21
C GLY C 343 -24.78 0.53 3.11
N VAL C 344 -23.55 0.66 2.61
CA VAL C 344 -23.17 1.67 1.65
C VAL C 344 -23.45 1.17 0.21
N ILE C 345 -24.23 1.93 -0.55
CA ILE C 345 -24.40 1.65 -1.99
C ILE C 345 -23.41 2.44 -2.79
N GLU C 346 -22.78 1.77 -3.71
CA GLU C 346 -21.70 2.32 -4.51
C GLU C 346 -21.37 1.35 -5.65
N LYS C 347 -21.32 1.83 -6.90
CA LYS C 347 -20.75 1.06 -8.00
C LYS C 347 -19.21 1.00 -7.86
N SER C 348 -18.58 -0.07 -8.33
CA SER C 348 -17.12 -0.22 -8.23
C SER C 348 -16.36 0.45 -9.34
N CYS C 349 -16.99 0.95 -10.38
CA CYS C 349 -16.20 1.65 -11.38
C CYS C 349 -16.90 2.93 -11.82
N GLN C 350 -16.13 3.78 -12.47
CA GLN C 350 -16.58 5.08 -12.92
C GLN C 350 -16.54 5.23 -14.43
N GLY C 351 -16.73 4.12 -15.13
CA GLY C 351 -16.96 4.18 -16.58
C GLY C 351 -18.20 5.00 -16.97
N PRO C 352 -18.19 5.59 -18.16
CA PRO C 352 -19.21 6.51 -18.55
C PRO C 352 -20.62 5.90 -18.67
N ARG C 353 -20.67 4.64 -19.05
CA ARG C 353 -21.93 3.99 -19.40
C ARG C 353 -21.70 2.49 -19.32
N MET C 354 -22.57 1.79 -18.63
CA MET C 354 -22.51 0.37 -18.40
C MET C 354 -23.85 -0.34 -18.74
N SER C 355 -23.75 -1.63 -18.96
CA SER C 355 -24.86 -2.53 -18.98
C SER C 355 -24.67 -3.66 -17.92
N THR C 356 -25.02 -3.35 -16.69
CA THR C 356 -24.82 -4.28 -15.58
C THR C 356 -26.11 -4.37 -14.82
N GLY C 357 -27.18 -4.55 -15.55
CA GLY C 357 -28.45 -4.76 -14.98
C GLY C 357 -29.14 -3.46 -14.82
N PRO C 358 -30.28 -3.48 -14.16
CA PRO C 358 -31.01 -2.23 -13.87
C PRO C 358 -30.15 -1.22 -13.10
N ASP C 359 -30.15 0.05 -13.48
CA ASP C 359 -29.17 1.03 -13.07
C ASP C 359 -29.49 1.51 -11.63
N ILE C 360 -28.65 1.15 -10.67
CA ILE C 360 -28.98 1.43 -9.26
C ILE C 360 -28.99 2.94 -8.92
N HIS C 361 -28.28 3.75 -9.68
CA HIS C 361 -28.37 5.20 -9.59
C HIS C 361 -29.79 5.73 -9.79
N HIS C 362 -30.57 5.08 -10.66
CA HIS C 362 -31.98 5.46 -10.82
C HIS C 362 -32.87 4.98 -9.68
N PHE C 363 -32.40 4.06 -8.87
CA PHE C 363 -33.10 3.70 -7.63
C PHE C 363 -32.91 4.81 -6.58
N ILE C 364 -31.74 5.50 -6.60
CA ILE C 364 -31.49 6.59 -5.68
C ILE C 364 -31.98 7.95 -6.12
N MET C 365 -31.73 8.31 -7.38
CA MET C 365 -32.21 9.53 -7.92
C MET C 365 -33.70 9.56 -7.87
N GLY C 366 -34.27 10.65 -7.33
CA GLY C 366 -35.71 10.75 -7.10
C GLY C 366 -36.16 10.03 -5.79
N SER C 367 -35.26 9.50 -5.00
CA SER C 367 -35.68 8.82 -3.75
C SER C 367 -36.09 9.73 -2.60
N GLU C 368 -35.83 11.05 -2.71
CA GLU C 368 -36.43 12.03 -1.82
C GLU C 368 -36.25 11.74 -0.31
N GLY C 369 -35.07 11.29 0.03
CA GLY C 369 -34.72 11.09 1.41
C GLY C 369 -35.28 9.85 2.09
N THR C 370 -36.01 8.98 1.34
CA THR C 370 -36.67 7.81 1.86
C THR C 370 -35.77 6.58 2.02
N LEU C 371 -34.54 6.61 1.51
CA LEU C 371 -33.70 5.42 1.50
C LEU C 371 -32.38 5.51 2.20
N GLY C 372 -31.85 6.68 2.38
CA GLY C 372 -30.49 6.78 2.90
C GLY C 372 -30.03 8.22 2.67
N VAL C 373 -28.82 8.49 3.07
CA VAL C 373 -28.18 9.74 2.82
C VAL C 373 -27.18 9.64 1.69
N ILE C 374 -27.34 10.48 0.67
CA ILE C 374 -26.32 10.66 -0.34
C ILE C 374 -25.20 11.48 0.29
N THR C 375 -24.01 10.87 0.36
CA THR C 375 -22.86 11.56 1.02
C THR C 375 -21.93 12.22 -0.01
N GLU C 376 -21.66 11.50 -1.09
CA GLU C 376 -20.73 11.96 -2.15
C GLU C 376 -21.21 11.61 -3.54
N ALA C 377 -20.71 12.33 -4.51
CA ALA C 377 -21.07 12.14 -5.89
C ALA C 377 -19.97 12.64 -6.73
N THR C 378 -19.94 12.14 -7.96
CA THR C 378 -19.01 12.54 -8.93
C THR C 378 -19.83 13.08 -10.06
N ILE C 379 -19.56 14.33 -10.37
CA ILE C 379 -20.30 15.08 -11.28
C ILE C 379 -19.43 15.57 -12.42
N LYS C 380 -19.98 15.57 -13.62
CA LYS C 380 -19.27 16.02 -14.79
C LYS C 380 -18.98 17.51 -14.72
N ILE C 381 -17.87 17.94 -15.25
CA ILE C 381 -17.59 19.37 -15.33
C ILE C 381 -17.21 19.66 -16.71
N ARG C 382 -17.21 20.94 -17.08
CA ARG C 382 -16.84 21.40 -18.37
C ARG C 382 -15.92 22.61 -18.22
N PRO C 383 -15.16 22.95 -19.31
CA PRO C 383 -14.49 24.21 -19.20
C PRO C 383 -15.50 25.33 -19.28
N THR C 384 -15.28 26.33 -18.47
CA THR C 384 -16.10 27.53 -18.45
C THR C 384 -16.35 28.00 -19.87
N PRO C 385 -17.58 28.43 -20.19
CA PRO C 385 -17.78 28.72 -21.60
C PRO C 385 -17.01 29.97 -22.04
N GLU C 386 -16.60 29.93 -23.31
CA GLU C 386 -15.84 31.00 -23.94
C GLU C 386 -16.67 32.26 -24.03
N TYR C 387 -17.97 32.14 -24.28
CA TYR C 387 -18.77 33.28 -24.60
C TYR C 387 -20.26 33.06 -24.33
N GLN C 388 -20.92 34.10 -23.85
CA GLN C 388 -22.32 34.09 -23.51
C GLN C 388 -22.99 35.22 -24.18
N LYS C 389 -24.26 35.03 -24.52
CA LYS C 389 -25.00 36.06 -25.21
C LYS C 389 -26.48 35.81 -25.12
N TYR C 390 -27.21 36.88 -24.84
CA TYR C 390 -28.64 36.87 -24.68
C TYR C 390 -29.30 37.19 -25.97
N GLY C 391 -30.62 37.05 -25.95
CA GLY C 391 -31.43 37.36 -27.09
C GLY C 391 -32.87 37.28 -26.70
N SER C 392 -33.73 37.69 -27.61
CA SER C 392 -35.16 37.71 -27.35
C SER C 392 -35.92 37.72 -28.64
N VAL C 393 -37.14 37.22 -28.63
CA VAL C 393 -38.00 37.25 -29.81
C VAL C 393 -39.43 37.55 -29.37
N ALA C 394 -40.14 38.35 -30.16
CA ALA C 394 -41.57 38.51 -29.97
C ALA C 394 -42.38 37.82 -31.10
N PHE C 395 -43.43 37.09 -30.73
CA PHE C 395 -44.29 36.28 -31.60
C PHE C 395 -45.68 36.90 -31.61
N PRO C 396 -46.48 36.69 -32.69
CA PRO C 396 -47.82 37.29 -32.75
C PRO C 396 -48.66 36.84 -31.58
N ASN C 397 -48.56 35.57 -31.25
CA ASN C 397 -49.25 35.04 -30.08
C ASN C 397 -48.47 33.88 -29.44
N PHE C 398 -49.01 33.33 -28.37
CA PHE C 398 -48.36 32.26 -27.62
C PHE C 398 -48.17 31.00 -28.49
N GLU C 399 -49.24 30.69 -29.24
CA GLU C 399 -49.41 29.43 -29.96
C GLU C 399 -48.41 29.32 -31.09
N GLN C 400 -48.11 30.46 -31.74
CA GLN C 400 -47.01 30.57 -32.67
C GLN C 400 -45.66 30.39 -32.01
N GLY C 401 -45.54 30.92 -30.81
CA GLY C 401 -44.36 30.79 -30.02
C GLY C 401 -44.09 29.34 -29.70
N VAL C 402 -45.12 28.62 -29.32
CA VAL C 402 -44.99 27.19 -29.02
C VAL C 402 -44.56 26.39 -30.28
N ALA C 403 -45.16 26.69 -31.42
CA ALA C 403 -44.81 26.01 -32.67
C ALA C 403 -43.35 26.26 -33.04
N CYS C 404 -42.85 27.43 -32.71
CA CYS C 404 -41.48 27.76 -32.97
C CYS C 404 -40.50 26.93 -32.09
N LEU C 405 -40.72 26.93 -30.77
CA LEU C 405 -40.01 26.06 -29.83
C LEU C 405 -40.02 24.61 -30.20
N ARG C 406 -41.18 24.11 -30.60
CA ARG C 406 -41.34 22.74 -31.16
C ARG C 406 -40.44 22.63 -32.38
N GLU C 407 -40.49 23.60 -33.29
CA GLU C 407 -39.58 23.53 -34.45
C GLU C 407 -38.09 23.59 -34.06
N ILE C 408 -37.75 24.44 -33.12
CA ILE C 408 -36.39 24.48 -32.57
C ILE C 408 -35.95 23.13 -32.00
N ALA C 409 -36.83 22.47 -31.23
CA ALA C 409 -36.53 21.16 -30.69
C ALA C 409 -36.38 20.08 -31.78
N LYS C 410 -37.27 20.14 -32.77
CA LYS C 410 -37.23 19.27 -33.92
C LYS C 410 -35.89 19.36 -34.67
N GLN C 411 -35.29 20.53 -34.71
CA GLN C 411 -34.03 20.71 -35.40
C GLN C 411 -32.86 20.52 -34.43
N ARG C 412 -33.15 20.19 -33.18
CA ARG C 412 -32.17 20.04 -32.12
C ARG C 412 -31.22 21.20 -32.10
N CYS C 413 -31.74 22.41 -32.10
CA CYS C 413 -30.86 23.56 -32.01
C CYS C 413 -31.32 24.49 -30.86
N ALA C 414 -31.77 23.90 -29.74
CA ALA C 414 -32.21 24.73 -28.65
C ALA C 414 -30.98 25.52 -28.18
N PRO C 415 -31.11 26.82 -27.94
CA PRO C 415 -29.94 27.39 -27.26
C PRO C 415 -29.85 27.02 -25.77
N ALA C 416 -28.75 27.38 -25.12
CA ALA C 416 -28.48 27.01 -23.75
C ALA C 416 -29.73 27.20 -22.88
N SER C 417 -30.42 28.31 -23.06
CA SER C 417 -31.73 28.55 -22.44
C SER C 417 -32.63 29.19 -23.44
N ILE C 418 -33.86 28.71 -23.37
CA ILE C 418 -34.99 29.27 -24.07
C ILE C 418 -36.27 29.12 -23.23
N ARG C 419 -37.01 30.22 -23.13
CA ARG C 419 -38.22 30.31 -22.31
C ARG C 419 -39.28 31.10 -23.11
N LEU C 420 -40.45 30.54 -23.28
CA LEU C 420 -41.54 31.32 -23.88
C LEU C 420 -42.52 31.76 -22.79
N MET C 421 -42.71 33.05 -22.70
CA MET C 421 -43.59 33.66 -21.71
C MET C 421 -44.89 34.09 -22.38
N ASP C 422 -46.02 33.83 -21.74
CA ASP C 422 -47.31 34.28 -22.36
C ASP C 422 -47.49 35.80 -22.26
N ASN C 423 -48.60 36.28 -22.83
CA ASN C 423 -48.79 37.71 -23.07
C ASN C 423 -48.83 38.50 -21.79
N GLN C 424 -49.61 38.01 -20.81
CA GLN C 424 -49.65 38.61 -19.49
C GLN C 424 -48.26 38.81 -18.86
N GLN C 425 -47.36 37.83 -19.02
CA GLN C 425 -46.00 38.00 -18.53
C GLN C 425 -45.28 39.05 -19.37
N PHE C 426 -45.54 39.11 -20.68
CA PHE C 426 -44.92 40.20 -21.46
C PHE C 426 -45.36 41.60 -20.98
N GLN C 427 -46.60 41.73 -20.51
CA GLN C 427 -47.08 43.03 -20.03
C GLN C 427 -46.36 43.41 -18.76
N PHE C 428 -46.30 42.48 -17.81
CA PHE C 428 -45.56 42.71 -16.59
C PHE C 428 -44.14 43.18 -16.87
N GLY C 429 -43.43 42.47 -17.70
CA GLY C 429 -42.07 42.89 -18.07
C GLY C 429 -42.05 44.27 -18.72
N HIS C 430 -43.02 44.53 -19.59
CA HIS C 430 -43.20 45.84 -20.26
C HIS C 430 -43.46 46.97 -19.25
N ALA C 431 -44.38 46.72 -18.32
CA ALA C 431 -44.69 47.61 -17.20
C ALA C 431 -43.49 47.97 -16.31
N LEU C 432 -42.42 47.16 -16.31
CA LEU C 432 -41.11 47.59 -15.73
C LEU C 432 -40.12 47.97 -16.83
N GLY C 457 -46.59 46.41 -36.07
CA GLY C 457 -47.92 45.87 -36.29
C GLY C 457 -48.15 44.51 -35.63
N PHE C 458 -47.76 44.41 -34.34
CA PHE C 458 -48.16 43.30 -33.43
C PHE C 458 -49.23 43.80 -32.48
N ASP C 459 -50.04 42.87 -31.99
CA ASP C 459 -51.11 43.20 -31.07
C ASP C 459 -50.65 43.01 -29.62
N PRO C 460 -50.44 44.12 -28.88
CA PRO C 460 -49.80 44.09 -27.57
C PRO C 460 -50.52 43.32 -26.45
N ASN C 461 -51.72 42.83 -26.67
CA ASN C 461 -52.30 41.94 -25.67
C ASN C 461 -52.56 40.54 -26.20
N GLN C 462 -52.03 40.22 -27.37
CA GLN C 462 -51.86 38.81 -27.75
C GLN C 462 -50.39 38.36 -27.89
N LEU C 463 -49.47 39.28 -28.13
CA LEU C 463 -48.11 38.90 -28.45
C LEU C 463 -47.45 38.11 -27.29
N SER C 464 -46.53 37.19 -27.64
CA SER C 464 -45.79 36.40 -26.65
C SER C 464 -44.35 36.67 -26.86
N VAL C 465 -43.56 36.39 -25.83
CA VAL C 465 -42.13 36.68 -25.91
C VAL C 465 -41.23 35.52 -25.46
N ALA C 466 -40.18 35.27 -26.23
CA ALA C 466 -39.13 34.29 -25.87
C ALA C 466 -37.85 34.99 -25.47
N THR C 467 -37.22 34.52 -24.40
CA THR C 467 -35.86 34.93 -23.97
C THR C 467 -34.90 33.80 -24.34
N LEU C 468 -33.67 34.15 -24.60
CA LEU C 468 -32.69 33.21 -25.14
C LEU C 468 -31.36 33.51 -24.48
N LEU C 469 -30.59 32.46 -24.23
CA LEU C 469 -29.22 32.59 -23.79
C LEU C 469 -28.43 31.58 -24.56
N PHE C 470 -27.40 32.04 -25.29
CA PHE C 470 -26.52 31.21 -26.06
C PHE C 470 -25.22 31.16 -25.29
N GLU C 471 -24.54 30.01 -25.22
CA GLU C 471 -23.25 29.98 -24.62
C GLU C 471 -22.43 28.85 -25.13
N GLY C 472 -21.14 29.12 -25.32
CA GLY C 472 -20.14 28.16 -25.81
C GLY C 472 -19.16 28.92 -26.67
N ASP C 473 -18.67 28.31 -27.74
CA ASP C 473 -17.63 28.97 -28.56
C ASP C 473 -18.25 30.11 -29.33
N ARG C 474 -17.54 31.22 -29.38
CA ARG C 474 -17.86 32.37 -30.24
C ARG C 474 -18.46 32.01 -31.56
N GLU C 475 -17.74 31.19 -32.33
CA GLU C 475 -18.21 30.81 -33.67
C GLU C 475 -19.52 30.09 -33.61
N LYS C 476 -19.64 29.15 -32.68
CA LYS C 476 -20.84 28.32 -32.59
C LYS C 476 -22.04 29.09 -32.11
N VAL C 477 -21.83 29.96 -31.14
CA VAL C 477 -22.85 30.86 -30.71
C VAL C 477 -23.41 31.61 -31.91
N LEU C 478 -22.54 32.26 -32.68
CA LEU C 478 -22.98 32.94 -33.91
C LEU C 478 -23.77 32.04 -34.84
N GLN C 479 -23.23 30.90 -35.22
CA GLN C 479 -24.03 29.98 -36.05
C GLN C 479 -25.37 29.64 -35.46
N HIS C 480 -25.41 29.38 -34.14
CA HIS C 480 -26.64 28.97 -33.44
C HIS C 480 -27.66 30.09 -33.48
N GLU C 481 -27.20 31.29 -33.23
CA GLU C 481 -28.06 32.46 -33.22
C GLU C 481 -28.72 32.71 -34.59
N LYS C 482 -27.98 32.49 -35.68
CA LYS C 482 -28.58 32.59 -37.03
C LYS C 482 -29.73 31.57 -37.22
N GLN C 483 -29.38 30.33 -36.96
CA GLN C 483 -30.37 29.24 -37.09
C GLN C 483 -31.62 29.48 -36.29
N VAL C 484 -31.49 29.94 -35.05
CA VAL C 484 -32.68 30.14 -34.21
C VAL C 484 -33.55 31.32 -34.68
N TYR C 485 -32.92 32.45 -34.97
CA TYR C 485 -33.65 33.60 -35.54
C TYR C 485 -34.24 33.27 -36.93
N ASP C 486 -33.54 32.51 -37.75
CA ASP C 486 -34.19 32.01 -39.01
C ASP C 486 -35.43 31.14 -38.85
N ILE C 487 -35.42 30.15 -37.94
CA ILE C 487 -36.66 29.42 -37.61
C ILE C 487 -37.76 30.32 -37.02
N ALA C 488 -37.38 31.18 -36.08
CA ALA C 488 -38.37 32.05 -35.42
C ALA C 488 -39.14 33.00 -36.43
N ALA C 489 -38.42 33.59 -37.39
CA ALA C 489 -39.01 34.34 -38.54
C ALA C 489 -40.09 33.59 -39.35
N LYS C 490 -39.94 32.27 -39.55
CA LYS C 490 -41.03 31.42 -40.09
C LYS C 490 -42.31 31.38 -39.24
N PHE C 491 -42.22 31.63 -37.93
CA PHE C 491 -43.44 31.66 -37.11
C PHE C 491 -43.95 33.07 -36.80
N GLY C 492 -43.45 34.06 -37.56
CA GLY C 492 -43.79 35.44 -37.34
C GLY C 492 -42.93 36.06 -36.27
N GLY C 493 -41.82 35.41 -35.91
CA GLY C 493 -40.99 35.79 -34.78
C GLY C 493 -40.01 36.87 -35.20
N LEU C 494 -39.92 37.94 -34.43
CA LEU C 494 -38.98 39.01 -34.75
C LEU C 494 -38.09 39.26 -33.57
N ALA C 495 -36.79 39.21 -33.82
CA ALA C 495 -35.72 39.52 -32.88
C ALA C 495 -36.03 40.83 -32.17
N ALA C 496 -36.12 40.78 -30.84
CA ALA C 496 -36.48 41.93 -30.02
C ALA C 496 -35.30 42.47 -29.21
N GLY C 497 -34.12 41.94 -29.39
CA GLY C 497 -32.92 42.60 -28.84
C GLY C 497 -32.19 41.82 -27.77
N GLU C 498 -30.89 42.00 -27.74
CA GLU C 498 -30.09 41.29 -26.78
C GLU C 498 -30.37 41.76 -25.35
N ASP C 499 -30.43 43.07 -25.17
CA ASP C 499 -30.57 43.63 -23.82
C ASP C 499 -31.94 43.29 -23.21
N ASN C 500 -33.00 43.31 -24.01
CA ASN C 500 -34.30 42.72 -23.64
C ASN C 500 -34.26 41.24 -23.20
N GLY C 501 -33.49 40.42 -23.94
CA GLY C 501 -33.11 39.08 -23.47
C GLY C 501 -32.47 39.05 -22.08
N GLN C 502 -31.47 39.89 -21.89
CA GLN C 502 -30.73 39.93 -20.64
C GLN C 502 -31.68 40.36 -19.52
N ARG C 503 -32.53 41.35 -19.80
CA ARG C 503 -33.50 41.80 -18.80
C ARG C 503 -34.48 40.69 -18.47
N GLY C 504 -34.89 39.96 -19.49
CA GLY C 504 -35.59 38.69 -19.33
C GLY C 504 -35.05 37.59 -18.40
N TYR C 505 -33.81 37.71 -17.91
CA TYR C 505 -33.12 36.80 -16.98
C TYR C 505 -32.76 37.46 -15.65
N LEU C 506 -32.99 38.77 -15.51
CA LEU C 506 -32.69 39.54 -14.28
C LEU C 506 -33.55 39.17 -13.09
N LEU C 507 -34.76 38.76 -13.31
CA LEU C 507 -35.62 38.44 -12.21
C LEU C 507 -35.42 37.05 -11.65
N THR C 508 -34.61 36.20 -12.29
CA THR C 508 -34.47 34.80 -11.95
C THR C 508 -34.30 34.63 -10.43
N TYR C 509 -33.32 35.27 -9.78
CA TYR C 509 -33.03 35.00 -8.38
C TYR C 509 -33.83 35.90 -7.36
N VAL C 510 -34.78 36.68 -7.85
CA VAL C 510 -35.57 37.58 -7.03
C VAL C 510 -37.08 37.28 -6.98
N ILE C 511 -37.61 36.45 -7.88
CA ILE C 511 -39.04 36.09 -7.83
C ILE C 511 -39.48 35.48 -6.50
N ALA C 512 -38.62 34.69 -5.88
CA ALA C 512 -38.95 34.09 -4.58
C ALA C 512 -39.00 35.14 -3.43
N TYR C 513 -38.30 36.25 -3.64
CA TYR C 513 -38.39 37.36 -2.67
C TYR C 513 -39.71 38.09 -2.92
N MET C 514 -40.17 38.11 -4.16
CA MET C 514 -41.45 38.74 -4.53
C MET C 514 -42.62 38.03 -3.91
N ARG C 515 -42.48 36.74 -3.68
CA ARG C 515 -43.52 35.98 -3.01
C ARG C 515 -43.70 36.41 -1.57
N ASP C 516 -42.61 36.52 -0.84
CA ASP C 516 -42.61 37.01 0.57
C ASP C 516 -43.26 38.41 0.68
N LEU C 517 -42.96 39.26 -0.28
CA LEU C 517 -43.60 40.55 -0.44
C LEU C 517 -45.10 40.42 -0.57
N GLY C 518 -45.54 39.53 -1.43
CA GLY C 518 -46.98 39.41 -1.64
C GLY C 518 -47.67 39.06 -0.34
N LEU C 519 -47.03 38.21 0.44
CA LEU C 519 -47.60 37.78 1.73
C LEU C 519 -47.68 38.92 2.75
N GLU C 520 -46.85 39.97 2.63
CA GLU C 520 -47.01 41.16 3.49
C GLU C 520 -48.26 41.97 3.15
N TYR C 521 -48.81 41.78 1.96
CA TYR C 521 -49.98 42.49 1.51
C TYR C 521 -51.12 41.60 1.06
N TYR C 522 -51.44 40.58 1.85
CA TYR C 522 -52.59 39.72 1.58
C TYR C 522 -52.61 39.03 0.17
N ILE C 523 -51.41 38.75 -0.36
CA ILE C 523 -51.27 38.07 -1.66
C ILE C 523 -50.52 36.75 -1.52
N ILE C 524 -51.22 35.66 -1.89
CA ILE C 524 -50.76 34.27 -1.90
C ILE C 524 -50.44 33.95 -3.33
N GLY C 525 -49.15 33.60 -3.55
CA GLY C 525 -48.64 33.21 -4.85
C GLY C 525 -47.79 31.94 -4.75
N GLU C 526 -47.86 31.15 -5.81
CA GLU C 526 -47.10 29.94 -5.95
C GLU C 526 -46.83 29.58 -7.43
N SER C 527 -45.75 28.85 -7.70
CA SER C 527 -45.61 28.24 -9.01
C SER C 527 -45.70 26.73 -8.96
N PHE C 528 -46.18 26.14 -10.05
CA PHE C 528 -46.12 24.70 -10.29
C PHE C 528 -45.81 24.43 -11.74
N GLU C 529 -45.35 23.20 -11.95
CA GLU C 529 -44.74 22.84 -13.14
C GLU C 529 -45.19 21.43 -13.58
N THR C 530 -45.06 21.17 -14.86
CA THR C 530 -45.27 19.82 -15.37
C THR C 530 -44.46 19.70 -16.62
N SER C 531 -44.41 18.48 -17.14
CA SER C 531 -43.94 18.29 -18.48
C SER C 531 -44.97 17.51 -19.26
N ALA C 532 -44.97 17.72 -20.56
CA ALA C 532 -45.99 17.15 -21.44
C ALA C 532 -45.51 16.93 -22.84
N PRO C 533 -46.16 16.01 -23.59
CA PRO C 533 -45.80 15.87 -25.00
C PRO C 533 -46.07 17.12 -25.75
N TRP C 534 -45.38 17.35 -26.84
CA TRP C 534 -45.59 18.52 -27.68
C TRP C 534 -47.00 18.74 -28.10
N ASP C 535 -47.72 17.67 -28.43
CA ASP C 535 -49.08 17.81 -28.95
C ASP C 535 -50.11 18.08 -27.84
N ARG C 536 -49.66 18.18 -26.59
CA ARG C 536 -50.54 18.59 -25.51
C ARG C 536 -50.29 19.93 -24.95
N VAL C 537 -49.28 20.64 -25.45
CA VAL C 537 -48.76 21.81 -24.76
C VAL C 537 -49.78 22.97 -24.82
N VAL C 538 -50.31 23.21 -26.00
CA VAL C 538 -51.19 24.35 -26.23
C VAL C 538 -52.47 24.23 -25.42
N ASP C 539 -53.16 23.11 -25.51
CA ASP C 539 -54.39 22.86 -24.73
C ASP C 539 -54.18 22.83 -23.23
N LEU C 540 -53.07 22.27 -22.78
CA LEU C 540 -52.80 22.16 -21.36
C LEU C 540 -52.58 23.56 -20.77
N CYS C 541 -51.90 24.39 -21.53
CA CYS C 541 -51.65 25.73 -21.10
C CYS C 541 -53.02 26.42 -20.91
N ARG C 542 -53.85 26.36 -21.96
CA ARG C 542 -55.17 27.01 -21.97
C ARG C 542 -56.04 26.45 -20.88
N ASN C 543 -56.19 25.14 -20.83
CA ASN C 543 -57.12 24.56 -19.86
C ASN C 543 -56.71 24.72 -18.41
N VAL C 544 -55.41 24.78 -18.12
CA VAL C 544 -54.98 24.79 -16.73
C VAL C 544 -55.20 26.18 -16.17
N LYS C 545 -54.83 27.20 -16.95
CA LYS C 545 -55.03 28.58 -16.54
C LYS C 545 -56.50 28.89 -16.31
N GLU C 546 -57.33 28.47 -17.28
CA GLU C 546 -58.77 28.63 -17.15
C GLU C 546 -59.26 27.88 -15.91
N ARG C 547 -58.82 26.64 -15.72
CA ARG C 547 -59.26 25.89 -14.54
C ARG C 547 -58.99 26.70 -13.27
N ILE C 548 -57.84 27.38 -13.23
CA ILE C 548 -57.42 28.10 -12.03
C ILE C 548 -58.31 29.33 -11.76
N ARG C 549 -58.63 30.05 -12.83
CA ARG C 549 -59.55 31.19 -12.81
C ARG C 549 -60.90 30.75 -12.28
N ARG C 550 -61.37 29.66 -12.81
CA ARG C 550 -62.68 29.16 -12.52
C ARG C 550 -62.83 28.62 -11.11
N GLU C 551 -61.82 27.94 -10.60
CA GLU C 551 -61.88 27.38 -9.26
C GLU C 551 -61.86 28.49 -8.24
N CYS C 552 -61.10 29.55 -8.54
CA CYS C 552 -61.02 30.72 -7.70
C CYS C 552 -62.40 31.35 -7.58
N LYS C 553 -62.97 31.71 -8.72
CA LYS C 553 -64.30 32.33 -8.82
C LYS C 553 -65.34 31.57 -8.01
N GLU C 554 -65.41 30.27 -8.22
CA GLU C 554 -66.38 29.39 -7.53
C GLU C 554 -66.19 29.24 -6.03
N LYS C 555 -65.03 29.60 -5.49
CA LYS C 555 -64.80 29.65 -4.04
C LYS C 555 -64.84 31.10 -3.54
N GLY C 556 -65.27 32.00 -4.43
CA GLY C 556 -65.63 33.35 -4.08
C GLY C 556 -64.42 34.16 -3.80
N VAL C 557 -63.58 34.27 -4.81
CA VAL C 557 -62.40 35.11 -4.75
C VAL C 557 -62.77 36.36 -5.51
N GLN C 558 -62.65 37.52 -4.84
CA GLN C 558 -63.12 38.81 -5.35
C GLN C 558 -62.63 39.13 -6.75
N PHE C 559 -61.31 39.26 -6.91
CA PHE C 559 -60.71 39.58 -8.21
C PHE C 559 -60.17 38.29 -8.89
N PRO C 560 -60.18 38.27 -10.24
CA PRO C 560 -59.64 37.08 -10.91
C PRO C 560 -58.12 36.98 -10.67
N PRO C 561 -57.61 35.77 -10.38
CA PRO C 561 -56.19 35.64 -9.94
C PRO C 561 -55.20 35.88 -11.04
N LEU C 562 -53.97 36.16 -10.67
CA LEU C 562 -52.90 35.97 -11.61
C LEU C 562 -52.87 34.46 -11.96
N SER C 563 -52.88 34.17 -13.25
CA SER C 563 -52.79 32.80 -13.77
C SER C 563 -52.11 32.86 -15.14
N THR C 564 -50.79 32.71 -15.12
CA THR C 564 -49.97 32.81 -16.35
C THR C 564 -49.21 31.53 -16.55
N CYS C 565 -48.56 31.41 -17.71
CA CYS C 565 -47.73 30.25 -17.95
C CYS C 565 -46.52 30.55 -18.77
N ARG C 566 -45.59 29.59 -18.78
CA ARG C 566 -44.32 29.80 -19.44
C ARG C 566 -43.77 28.46 -19.86
N VAL C 567 -43.29 28.38 -21.10
CA VAL C 567 -42.60 27.17 -21.51
C VAL C 567 -41.15 27.37 -21.16
N THR C 568 -40.61 26.41 -20.44
CA THR C 568 -39.35 26.62 -19.71
C THR C 568 -38.21 25.75 -20.25
N GLN C 569 -38.54 24.58 -20.77
CA GLN C 569 -37.54 23.64 -21.30
C GLN C 569 -38.24 22.91 -22.44
N THR C 570 -37.45 22.61 -23.47
CA THR C 570 -37.79 21.83 -24.61
C THR C 570 -37.02 20.57 -24.57
N TYR C 571 -37.62 19.51 -25.08
CA TYR C 571 -37.04 18.19 -25.24
C TYR C 571 -37.51 17.66 -26.61
N ASP C 572 -36.85 16.61 -27.08
CA ASP C 572 -37.30 15.86 -28.29
C ASP C 572 -38.78 15.57 -28.18
N ALA C 573 -39.20 14.94 -27.08
CA ALA C 573 -40.55 14.48 -26.87
C ALA C 573 -41.58 15.45 -26.23
N GLY C 574 -41.19 16.66 -25.88
CA GLY C 574 -42.13 17.55 -25.27
C GLY C 574 -41.50 18.75 -24.58
N ALA C 575 -42.23 19.37 -23.65
CA ALA C 575 -41.77 20.57 -22.97
C ALA C 575 -42.09 20.57 -21.47
N CYS C 576 -41.34 21.40 -20.76
CA CYS C 576 -41.60 21.71 -19.37
C CYS C 576 -42.42 22.97 -19.37
N ILE C 577 -43.45 23.00 -18.54
CA ILE C 577 -44.38 24.16 -18.46
C ILE C 577 -44.46 24.59 -17.02
N TYR C 578 -44.24 25.89 -16.77
CA TYR C 578 -44.51 26.51 -15.46
C TYR C 578 -45.81 27.29 -15.54
N PHE C 579 -46.62 27.12 -14.50
CA PHE C 579 -47.75 27.98 -14.21
C PHE C 579 -47.51 28.87 -12.98
N TYR C 580 -47.94 30.13 -13.04
CA TYR C 580 -47.85 31.03 -11.88
C TYR C 580 -49.27 31.45 -11.47
N PHE C 581 -49.60 31.26 -10.21
CA PHE C 581 -50.91 31.48 -9.65
C PHE C 581 -50.74 32.40 -8.43
N ALA C 582 -51.52 33.48 -8.36
CA ALA C 582 -51.55 34.33 -7.16
C ALA C 582 -52.89 34.99 -7.09
N PHE C 583 -53.33 35.23 -5.86
CA PHE C 583 -54.59 35.92 -5.63
C PHE C 583 -54.56 36.74 -4.34
N ASN C 584 -55.31 37.84 -4.40
CA ASN C 584 -55.68 38.65 -3.24
C ASN C 584 -56.60 37.84 -2.34
N TYR C 585 -56.16 37.50 -1.13
CA TYR C 585 -57.00 36.75 -0.19
C TYR C 585 -57.72 37.56 0.90
N ARG C 586 -57.72 38.90 0.83
CA ARG C 586 -58.32 39.71 1.93
C ARG C 586 -59.81 39.30 2.12
N GLY C 587 -60.18 39.03 3.37
CA GLY C 587 -61.56 38.61 3.70
C GLY C 587 -61.89 37.13 3.63
N ILE C 588 -61.23 36.39 2.72
CA ILE C 588 -61.57 34.98 2.46
C ILE C 588 -61.42 34.21 3.78
N SER C 589 -62.48 33.51 4.18
CA SER C 589 -62.55 32.89 5.52
C SER C 589 -61.38 31.98 5.85
N ASP C 590 -60.89 31.24 4.85
CA ASP C 590 -59.87 30.20 5.05
C ASP C 590 -58.99 30.16 3.79
N PRO C 591 -58.01 31.09 3.71
CA PRO C 591 -57.25 31.30 2.48
C PRO C 591 -56.32 30.15 2.08
N LEU C 592 -55.78 29.43 3.05
CA LEU C 592 -54.91 28.32 2.74
C LEU C 592 -55.72 27.20 2.13
N ALA C 593 -56.92 26.95 2.67
CA ALA C 593 -57.76 25.89 2.13
C ALA C 593 -58.22 26.27 0.73
N VAL C 594 -58.37 27.55 0.45
CA VAL C 594 -58.71 27.96 -0.91
C VAL C 594 -57.55 27.71 -1.89
N PHE C 595 -56.34 28.10 -1.48
CA PHE C 595 -55.11 27.85 -2.25
C PHE C 595 -54.86 26.34 -2.50
N GLU C 596 -54.95 25.57 -1.43
CA GLU C 596 -54.70 24.11 -1.38
C GLU C 596 -55.59 23.35 -2.39
N GLN C 597 -56.87 23.70 -2.42
CA GLN C 597 -57.83 23.13 -3.31
C GLN C 597 -57.64 23.58 -4.72
N THR C 598 -57.29 24.84 -4.92
CA THR C 598 -57.11 25.33 -6.26
C THR C 598 -55.89 24.68 -6.90
N GLU C 599 -54.84 24.51 -6.11
CA GLU C 599 -53.63 23.82 -6.51
C GLU C 599 -53.90 22.39 -6.90
N ALA C 600 -54.64 21.67 -6.05
CA ALA C 600 -55.05 20.31 -6.30
C ALA C 600 -55.82 20.19 -7.60
N ALA C 601 -56.70 21.14 -7.85
CA ALA C 601 -57.54 21.12 -9.02
C ALA C 601 -56.71 21.41 -10.29
N ALA C 602 -55.78 22.35 -10.18
CA ALA C 602 -54.90 22.62 -11.35
C ALA C 602 -54.06 21.36 -11.70
N ARG C 603 -53.64 20.63 -10.67
CA ARG C 603 -52.90 19.40 -10.81
C ARG C 603 -53.76 18.33 -11.50
N GLU C 604 -55.02 18.19 -11.08
CA GLU C 604 -55.99 17.31 -11.77
C GLU C 604 -56.15 17.70 -13.24
N GLU C 605 -56.24 18.98 -13.50
CA GLU C 605 -56.29 19.49 -14.87
C GLU C 605 -55.08 19.14 -15.70
N ILE C 606 -53.91 19.40 -15.14
CA ILE C 606 -52.64 19.03 -15.74
C ILE C 606 -52.64 17.57 -16.15
N LEU C 607 -53.04 16.72 -15.22
CA LEU C 607 -53.03 15.27 -15.43
C LEU C 607 -54.02 14.83 -16.50
N ALA C 608 -55.18 15.46 -16.50
CA ALA C 608 -56.20 15.16 -17.49
C ALA C 608 -55.91 15.76 -18.85
N ASN C 609 -54.97 16.68 -18.94
CA ASN C 609 -54.56 17.21 -20.28
C ASN C 609 -53.22 16.65 -20.74
N GLY C 610 -52.80 15.54 -20.14
CA GLY C 610 -51.63 14.81 -20.60
C GLY C 610 -50.30 15.16 -19.90
N GLY C 611 -50.33 15.95 -18.83
CA GLY C 611 -49.14 16.41 -18.18
C GLY C 611 -48.73 15.49 -17.09
N SER C 612 -47.44 15.54 -16.79
CA SER C 612 -46.89 14.71 -15.76
C SER C 612 -47.19 15.31 -14.36
N LEU C 613 -47.00 14.44 -13.38
CA LEU C 613 -47.20 14.76 -12.00
C LEU C 613 -46.17 15.80 -11.53
N SER C 614 -44.95 15.73 -12.09
CA SER C 614 -43.92 16.75 -11.91
C SER C 614 -42.79 16.57 -12.96
N HIS C 615 -42.31 17.70 -13.48
CA HIS C 615 -41.05 17.71 -14.24
C HIS C 615 -39.79 17.68 -13.39
N HIS C 616 -39.67 18.60 -12.44
CA HIS C 616 -38.51 18.65 -11.51
C HIS C 616 -38.74 18.86 -10.02
N HIS C 617 -39.82 19.47 -9.59
CA HIS C 617 -40.05 19.60 -8.15
C HIS C 617 -40.14 18.28 -7.37
N GLY C 618 -40.62 17.21 -7.99
CA GLY C 618 -40.83 15.94 -7.27
C GLY C 618 -42.18 15.84 -6.60
N VAL C 619 -42.32 14.84 -5.77
CA VAL C 619 -43.60 14.37 -5.28
C VAL C 619 -43.75 14.68 -3.80
N GLY C 620 -42.71 14.42 -3.06
CA GLY C 620 -42.70 14.65 -1.58
C GLY C 620 -43.93 14.02 -0.95
N LYS C 621 -44.62 14.78 -0.11
CA LYS C 621 -45.97 14.38 0.37
C LYS C 621 -47.06 15.13 -0.28
N LEU C 622 -46.72 16.15 -1.07
CA LEU C 622 -47.72 17.04 -1.62
C LEU C 622 -48.43 16.39 -2.81
N ARG C 623 -47.71 15.51 -3.52
CA ARG C 623 -48.24 14.86 -4.73
C ARG C 623 -48.39 13.35 -4.62
N LYS C 624 -48.17 12.81 -3.43
CA LYS C 624 -48.33 11.34 -3.14
C LYS C 624 -49.63 10.72 -3.58
N GLN C 625 -50.72 11.45 -3.40
CA GLN C 625 -52.05 10.91 -3.72
C GLN C 625 -52.22 10.50 -5.18
N TRP C 626 -51.41 11.05 -6.07
CA TRP C 626 -51.46 10.71 -7.47
C TRP C 626 -50.32 9.77 -7.90
N LEU C 627 -49.39 9.36 -7.02
CA LEU C 627 -48.24 8.57 -7.49
C LEU C 627 -48.63 7.21 -8.08
N LYS C 628 -49.42 6.45 -7.36
CA LYS C 628 -49.78 5.13 -7.80
C LYS C 628 -50.35 5.12 -9.24
N GLU C 629 -51.17 6.13 -9.59
CA GLU C 629 -51.73 6.22 -10.93
C GLU C 629 -50.66 6.65 -11.91
N SER C 630 -49.73 7.47 -11.48
CA SER C 630 -48.67 7.96 -12.38
C SER C 630 -47.72 6.85 -12.83
N ILE C 631 -47.50 5.88 -11.93
CA ILE C 631 -46.49 4.83 -12.12
C ILE C 631 -46.96 3.34 -12.17
N SER C 632 -48.28 3.12 -12.01
CA SER C 632 -48.95 1.84 -11.90
C SER C 632 -48.76 1.26 -10.51
N ASP C 633 -49.74 0.47 -10.06
CA ASP C 633 -49.61 -0.25 -8.77
C ASP C 633 -48.39 -1.07 -8.68
N VAL C 634 -48.05 -1.74 -9.78
CA VAL C 634 -46.90 -2.64 -9.70
C VAL C 634 -45.61 -1.80 -9.56
N GLY C 635 -45.48 -0.75 -10.39
CA GLY C 635 -44.46 0.30 -10.22
C GLY C 635 -44.35 0.70 -8.79
N PHE C 636 -45.44 1.17 -8.23
CA PHE C 636 -45.50 1.63 -6.80
C PHE C 636 -45.05 0.51 -5.86
N GLY C 637 -45.47 -0.74 -6.19
CA GLY C 637 -45.03 -1.89 -5.40
C GLY C 637 -43.53 -2.12 -5.45
N MET C 638 -42.94 -1.83 -6.60
CA MET C 638 -41.46 -1.97 -6.75
C MET C 638 -40.72 -0.96 -5.93
N LEU C 639 -41.12 0.30 -6.00
CA LEU C 639 -40.62 1.28 -5.06
C LEU C 639 -40.73 0.82 -3.62
N LYS C 640 -41.92 0.36 -3.24
CA LYS C 640 -42.15 -0.14 -1.89
C LYS C 640 -41.23 -1.33 -1.50
N SER C 641 -40.96 -2.27 -2.43
CA SER C 641 -40.06 -3.41 -2.14
CA SER C 641 -40.08 -3.40 -2.09
C SER C 641 -38.66 -2.96 -1.82
N VAL C 642 -38.18 -1.97 -2.53
CA VAL C 642 -36.83 -1.52 -2.34
C VAL C 642 -36.69 -0.86 -0.97
N LYS C 643 -37.67 -0.02 -0.63
CA LYS C 643 -37.77 0.65 0.67
C LYS C 643 -37.72 -0.36 1.82
N ASP C 644 -38.58 -1.38 1.73
CA ASP C 644 -38.69 -2.41 2.80
C ASP C 644 -37.44 -3.25 2.93
N TYR C 645 -36.64 -3.39 1.85
CA TYR C 645 -35.33 -4.11 1.91
C TYR C 645 -34.23 -3.26 2.51
N VAL C 646 -34.12 -2.04 2.01
CA VAL C 646 -33.02 -1.14 2.34
C VAL C 646 -33.19 -0.55 3.74
N ASP C 647 -34.44 -0.25 4.11
CA ASP C 647 -34.75 0.45 5.34
C ASP C 647 -35.90 -0.26 6.04
N PRO C 648 -35.66 -1.53 6.45
CA PRO C 648 -36.75 -2.37 6.96
C PRO C 648 -37.50 -1.82 8.19
N THR C 649 -36.81 -1.03 9.02
CA THR C 649 -37.39 -0.41 10.22
C THR C 649 -37.70 1.07 10.06
N ASN C 650 -37.73 1.54 8.80
CA ASN C 650 -38.14 2.91 8.44
C ASN C 650 -37.51 4.03 9.23
N ILE C 651 -36.20 3.97 9.34
CA ILE C 651 -35.41 5.08 9.80
C ILE C 651 -35.54 6.33 8.93
N PHE C 652 -35.60 6.16 7.62
CA PHE C 652 -35.71 7.28 6.74
C PHE C 652 -37.20 7.52 6.57
N GLY C 653 -37.72 8.17 7.62
CA GLY C 653 -39.16 8.21 7.88
C GLY C 653 -39.92 9.41 7.40
N ASN C 654 -39.40 10.14 6.42
CA ASN C 654 -40.14 11.34 6.01
C ASN C 654 -41.52 11.04 5.35
N ARG C 655 -41.73 9.79 4.88
CA ARG C 655 -42.98 9.32 4.16
C ARG C 655 -43.26 10.00 2.86
N ASN C 656 -42.21 10.53 2.25
CA ASN C 656 -42.33 11.03 0.86
C ASN C 656 -42.64 9.85 -0.11
N LEU C 657 -43.35 10.15 -1.18
CA LEU C 657 -43.62 9.17 -2.27
C LEU C 657 -44.66 8.10 -1.95
N LEU C 658 -44.41 7.28 -0.96
CA LEU C 658 -45.17 6.07 -0.71
C LEU C 658 -46.20 6.23 0.39
N PRO D 84 -40.72 -15.46 -40.01
CA PRO D 84 -41.04 -16.88 -39.90
C PRO D 84 -40.88 -17.45 -38.48
N LYS D 85 -41.87 -18.23 -38.06
CA LYS D 85 -41.79 -19.03 -36.83
C LYS D 85 -40.72 -20.17 -36.87
N LYS D 86 -40.58 -20.86 -38.00
CA LYS D 86 -39.56 -21.90 -38.17
C LYS D 86 -38.36 -21.13 -38.67
N ARG D 87 -37.46 -20.78 -37.74
CA ARG D 87 -36.37 -19.88 -38.02
C ARG D 87 -35.32 -20.54 -38.84
N GLN D 88 -35.06 -21.81 -38.54
CA GLN D 88 -34.15 -22.66 -39.33
C GLN D 88 -34.41 -22.65 -40.83
N GLU D 89 -35.64 -22.33 -41.25
CA GLU D 89 -35.94 -22.13 -42.68
C GLU D 89 -35.03 -21.12 -43.36
N LEU D 90 -34.90 -19.95 -42.76
CA LEU D 90 -34.11 -18.89 -43.33
C LEU D 90 -32.73 -18.67 -42.64
N MET D 91 -32.62 -19.04 -41.37
CA MET D 91 -31.45 -18.71 -40.55
C MET D 91 -30.73 -19.94 -40.04
N LYS D 92 -29.44 -19.81 -39.70
CA LYS D 92 -28.66 -21.00 -39.41
C LYS D 92 -28.95 -21.47 -37.99
N TRP D 93 -29.18 -22.77 -37.84
CA TRP D 93 -29.50 -23.33 -36.55
C TRP D 93 -28.22 -23.39 -35.67
N ASN D 94 -27.06 -23.31 -36.30
CA ASN D 94 -25.75 -23.57 -35.65
C ASN D 94 -24.69 -22.49 -35.97
N GLY D 95 -25.15 -21.28 -36.26
CA GLY D 95 -24.27 -20.15 -36.48
C GLY D 95 -25.00 -18.83 -36.71
N TRP D 96 -24.24 -17.80 -37.08
CA TRP D 96 -24.81 -16.48 -37.29
C TRP D 96 -25.57 -16.38 -38.59
N GLY D 97 -26.74 -15.81 -38.51
CA GLY D 97 -27.30 -15.12 -39.65
C GLY D 97 -28.07 -16.03 -40.56
N TYR D 98 -28.08 -15.67 -41.84
CA TYR D 98 -28.89 -16.31 -42.87
C TYR D 98 -28.20 -17.55 -43.48
N ASN D 99 -28.98 -18.60 -43.75
CA ASN D 99 -28.47 -19.82 -44.46
C ASN D 99 -27.78 -19.49 -45.76
N ASP D 100 -28.28 -18.51 -46.52
CA ASP D 100 -27.67 -18.11 -47.82
C ASP D 100 -26.38 -17.30 -47.80
N SER D 101 -25.81 -17.10 -46.62
CA SER D 101 -24.65 -16.22 -46.47
C SER D 101 -23.59 -16.88 -45.61
N LYS D 102 -22.55 -17.37 -46.24
CA LYS D 102 -21.45 -17.97 -45.53
C LYS D 102 -20.23 -17.78 -46.38
N PHE D 103 -19.08 -17.83 -45.74
CA PHE D 103 -17.81 -17.74 -46.45
C PHE D 103 -17.45 -19.13 -46.97
N PHE D 104 -17.02 -19.21 -48.22
CA PHE D 104 -16.57 -20.46 -48.86
C PHE D 104 -15.37 -20.23 -49.82
N LEU D 105 -14.66 -21.31 -50.15
CA LEU D 105 -13.52 -21.18 -51.08
C LEU D 105 -14.03 -21.32 -52.48
N ASN D 106 -13.85 -20.30 -53.31
CA ASN D 106 -14.44 -20.30 -54.66
C ASN D 106 -13.62 -21.18 -55.67
N LYS D 107 -14.06 -21.20 -56.93
CA LYS D 107 -13.33 -21.86 -58.05
C LYS D 107 -11.85 -21.42 -58.08
N LYS D 108 -11.65 -20.13 -57.86
CA LYS D 108 -10.34 -19.51 -57.87
C LYS D 108 -9.55 -19.78 -56.55
N GLY D 109 -10.06 -20.63 -55.64
CA GLY D 109 -9.45 -20.86 -54.30
C GLY D 109 -9.36 -19.63 -53.39
N GLN D 110 -10.24 -18.64 -53.61
CA GLN D 110 -10.29 -17.41 -52.83
C GLN D 110 -11.55 -17.38 -51.94
N LEU D 111 -11.49 -16.67 -50.82
CA LEU D 111 -12.64 -16.55 -49.89
C LEU D 111 -13.66 -15.53 -50.37
N GLU D 112 -14.92 -15.91 -50.18
CA GLU D 112 -16.06 -15.21 -50.74
C GLU D 112 -17.33 -15.63 -50.02
N LEU D 113 -18.23 -14.69 -49.90
CA LEU D 113 -19.45 -14.85 -49.18
C LEU D 113 -20.47 -15.21 -50.22
N THR D 114 -21.23 -16.27 -49.94
CA THR D 114 -22.34 -16.72 -50.77
C THR D 114 -23.45 -15.69 -50.69
N GLY D 115 -24.41 -15.80 -51.61
CA GLY D 115 -25.62 -15.02 -51.60
C GLY D 115 -25.41 -13.65 -52.23
N LYS D 116 -26.46 -12.83 -52.11
CA LYS D 116 -26.56 -11.51 -52.70
C LYS D 116 -27.08 -10.48 -51.66
N ARG D 117 -26.88 -10.79 -50.38
CA ARG D 117 -27.53 -10.09 -49.31
C ARG D 117 -26.82 -8.84 -48.92
N TYR D 118 -25.49 -8.91 -48.82
CA TYR D 118 -24.66 -7.80 -48.40
C TYR D 118 -23.83 -7.23 -49.54
N PRO D 119 -23.40 -5.96 -49.42
CA PRO D 119 -22.54 -5.38 -50.48
C PRO D 119 -21.17 -6.10 -50.71
N LEU D 120 -20.70 -6.90 -49.74
CA LEU D 120 -19.63 -7.88 -49.97
C LEU D 120 -20.13 -9.31 -50.29
N SER D 121 -21.43 -9.51 -50.50
CA SER D 121 -21.86 -10.81 -50.96
C SER D 121 -21.37 -11.01 -52.40
N GLY D 122 -20.70 -12.14 -52.66
CA GLY D 122 -20.18 -12.46 -53.99
C GLY D 122 -18.89 -11.74 -54.40
N VAL D 123 -18.24 -11.07 -53.46
CA VAL D 123 -17.06 -10.31 -53.76
C VAL D 123 -15.90 -11.13 -53.27
N ALA D 124 -15.08 -11.57 -54.23
CA ALA D 124 -13.90 -12.37 -53.95
C ALA D 124 -12.91 -11.53 -53.15
N LEU D 125 -12.30 -12.10 -52.11
CA LEU D 125 -11.31 -11.39 -51.27
C LEU D 125 -9.97 -12.11 -51.38
N PRO D 126 -9.14 -11.78 -52.41
CA PRO D 126 -7.88 -12.48 -52.76
C PRO D 126 -6.90 -12.73 -51.65
N THR D 127 -6.71 -11.73 -50.79
CA THR D 127 -5.72 -11.85 -49.73
C THR D 127 -6.25 -12.48 -48.45
N PHE D 128 -7.56 -12.64 -48.32
CA PHE D 128 -8.13 -12.97 -47.01
C PHE D 128 -7.50 -14.28 -46.53
N LYS D 129 -7.52 -15.29 -47.39
CA LYS D 129 -6.92 -16.60 -47.12
C LYS D 129 -5.49 -16.55 -46.55
N ASP D 130 -4.64 -15.69 -47.13
CA ASP D 130 -3.25 -15.63 -46.69
C ASP D 130 -3.12 -14.96 -45.34
N TRP D 131 -3.91 -13.90 -45.16
CA TRP D 131 -4.01 -13.26 -43.87
C TRP D 131 -4.32 -14.30 -42.78
N ILE D 132 -5.24 -15.21 -43.06
CA ILE D 132 -5.66 -16.20 -42.06
C ILE D 132 -4.55 -17.24 -41.82
N GLN D 133 -3.97 -17.76 -42.91
CA GLN D 133 -2.78 -18.65 -42.81
C GLN D 133 -1.72 -18.05 -41.92
N ASN D 134 -1.29 -16.83 -42.26
CA ASN D 134 -0.13 -16.24 -41.62
C ASN D 134 -0.42 -15.80 -40.18
N THR D 135 -1.63 -15.29 -39.93
CA THR D 135 -2.05 -14.88 -38.59
C THR D 135 -2.21 -16.03 -37.61
N PHE D 136 -2.86 -17.10 -38.04
CA PHE D 136 -3.12 -18.26 -37.16
C PHE D 136 -2.26 -19.50 -37.42
N GLY D 137 -1.59 -19.55 -38.58
CA GLY D 137 -0.58 -20.56 -38.83
C GLY D 137 -1.27 -21.86 -39.15
N ILE D 138 -2.08 -21.82 -40.22
CA ILE D 138 -2.78 -23.01 -40.69
C ILE D 138 -2.73 -23.07 -42.21
N ASN D 139 -3.13 -24.22 -42.76
CA ASN D 139 -3.18 -24.40 -44.21
C ASN D 139 -4.50 -23.87 -44.79
N LEU D 140 -5.61 -24.35 -44.20
CA LEU D 140 -6.93 -24.53 -44.84
C LEU D 140 -6.98 -25.87 -45.61
N ASP D 141 -6.27 -26.89 -45.10
CA ASP D 141 -6.31 -28.23 -45.66
C ASP D 141 -7.42 -29.03 -44.97
N HIS D 142 -7.38 -29.10 -43.64
CA HIS D 142 -8.37 -29.83 -42.84
C HIS D 142 -9.44 -28.90 -42.24
N LYS D 143 -10.57 -28.77 -42.94
CA LYS D 143 -11.82 -28.29 -42.32
C LYS D 143 -12.22 -29.20 -41.17
N THR D 144 -12.67 -28.60 -40.07
CA THR D 144 -13.39 -29.37 -39.08
C THR D 144 -14.72 -29.87 -39.69
N THR D 145 -15.23 -30.95 -39.09
CA THR D 145 -16.49 -31.53 -39.46
C THR D 145 -17.36 -31.44 -38.22
N SER D 146 -18.56 -30.95 -38.43
CA SER D 146 -19.51 -30.60 -37.41
C SER D 146 -20.88 -31.06 -37.83
N LYS D 147 -21.86 -30.91 -36.94
CA LYS D 147 -23.22 -31.32 -37.24
C LYS D 147 -23.80 -30.41 -38.29
N ALA D 148 -24.44 -31.01 -39.28
CA ALA D 148 -25.16 -30.28 -40.30
C ALA D 148 -26.60 -30.03 -39.88
N SER D 149 -27.15 -30.92 -39.05
CA SER D 149 -28.48 -30.75 -38.52
C SER D 149 -28.45 -31.11 -37.09
N LEU D 150 -29.51 -30.72 -36.42
CA LEU D 150 -29.82 -31.22 -35.09
C LEU D 150 -29.74 -32.72 -35.19
N ASN D 151 -29.13 -33.36 -34.20
CA ASN D 151 -29.33 -34.80 -34.03
C ASN D 151 -30.49 -35.06 -33.06
N PRO D 152 -31.67 -35.48 -33.58
CA PRO D 152 -32.84 -35.53 -32.70
C PRO D 152 -32.82 -36.60 -31.59
N SER D 153 -31.89 -37.57 -31.67
CA SER D 153 -31.70 -38.55 -30.58
C SER D 153 -31.00 -37.91 -29.36
N ASP D 154 -30.30 -36.79 -29.57
CA ASP D 154 -29.60 -36.05 -28.51
C ASP D 154 -30.41 -34.94 -27.85
N THR D 155 -31.62 -34.69 -28.33
CA THR D 155 -32.38 -33.57 -27.83
C THR D 155 -33.28 -34.08 -26.72
N PRO D 156 -33.18 -33.49 -25.50
CA PRO D 156 -33.98 -33.99 -24.39
C PRO D 156 -35.46 -34.03 -24.69
N PRO D 157 -36.22 -34.85 -23.96
CA PRO D 157 -37.66 -34.90 -24.21
C PRO D 157 -38.44 -33.67 -23.69
N SER D 158 -39.46 -33.29 -24.47
CA SER D 158 -40.33 -32.17 -24.15
C SER D 158 -41.37 -32.56 -23.10
N ILE D 159 -41.07 -32.26 -21.82
CA ILE D 159 -42.00 -32.53 -20.69
C ILE D 159 -42.98 -31.34 -20.44
N VAL D 160 -44.28 -31.57 -20.69
CA VAL D 160 -45.36 -30.56 -20.62
C VAL D 160 -46.78 -31.12 -20.20
N ASN D 161 -47.36 -30.52 -19.17
CA ASN D 161 -48.71 -30.87 -18.65
C ASN D 161 -49.86 -30.67 -19.67
N GLU D 162 -50.78 -31.63 -19.62
CA GLU D 162 -51.88 -31.77 -20.58
C GLU D 162 -53.00 -30.77 -20.33
N ASP D 163 -53.24 -30.51 -19.05
CA ASP D 163 -54.26 -29.54 -18.67
C ASP D 163 -53.83 -28.16 -19.09
N PHE D 164 -52.59 -27.80 -18.77
CA PHE D 164 -51.95 -26.62 -19.37
C PHE D 164 -52.15 -26.62 -20.88
N LEU D 165 -51.65 -27.68 -21.53
CA LEU D 165 -51.72 -27.76 -22.99
C LEU D 165 -53.15 -27.57 -23.50
N HIS D 166 -54.08 -28.20 -22.81
CA HIS D 166 -55.52 -28.11 -23.10
C HIS D 166 -56.00 -26.68 -23.06
N GLU D 167 -55.60 -25.96 -22.02
CA GLU D 167 -55.96 -24.53 -21.90
C GLU D 167 -55.26 -23.67 -22.93
N LEU D 168 -54.00 -23.99 -23.20
CA LEU D 168 -53.22 -23.34 -24.27
C LEU D 168 -53.89 -23.49 -25.61
N LYS D 169 -54.32 -24.71 -25.93
CA LYS D 169 -55.09 -24.97 -27.19
C LYS D 169 -56.27 -24.02 -27.43
N LYS D 170 -56.99 -23.70 -26.36
CA LYS D 170 -58.15 -22.84 -26.46
C LYS D 170 -57.84 -21.38 -26.80
N THR D 171 -56.62 -20.93 -26.52
CA THR D 171 -56.24 -19.53 -26.71
C THR D 171 -55.98 -19.21 -28.17
N ASN D 172 -55.78 -20.24 -29.01
CA ASN D 172 -55.31 -20.04 -30.40
C ASN D 172 -53.92 -19.38 -30.54
N ILE D 173 -53.16 -19.38 -29.44
CA ILE D 173 -51.79 -18.89 -29.44
C ILE D 173 -51.00 -20.06 -29.97
N SER D 174 -50.38 -19.81 -31.10
CA SER D 174 -49.60 -20.79 -31.78
C SER D 174 -48.41 -21.28 -30.96
N TYR D 175 -48.09 -22.57 -31.10
CA TYR D 175 -47.05 -23.19 -30.26
C TYR D 175 -46.38 -24.40 -30.90
N SER D 176 -45.23 -24.80 -30.39
CA SER D 176 -44.51 -25.97 -30.94
C SER D 176 -43.71 -26.64 -29.88
N GLN D 177 -43.73 -27.96 -29.98
CA GLN D 177 -43.01 -28.84 -29.12
C GLN D 177 -41.89 -29.54 -29.89
N GLU D 178 -41.73 -29.20 -31.18
CA GLU D 178 -40.64 -29.74 -32.01
C GLU D 178 -39.25 -29.35 -31.50
N ALA D 179 -38.34 -30.30 -31.64
CA ALA D 179 -37.02 -30.16 -31.13
C ALA D 179 -36.23 -29.04 -31.87
N ASP D 180 -36.47 -28.85 -33.16
CA ASP D 180 -35.83 -27.81 -33.95
C ASP D 180 -36.12 -26.41 -33.42
N ASP D 181 -37.40 -26.11 -33.27
CA ASP D 181 -37.88 -24.89 -32.66
C ASP D 181 -37.33 -24.58 -31.24
N ARG D 182 -37.33 -25.61 -30.40
CA ARG D 182 -36.89 -25.54 -29.01
C ARG D 182 -35.40 -25.38 -28.84
N VAL D 183 -34.64 -25.97 -29.75
CA VAL D 183 -33.18 -25.87 -29.73
C VAL D 183 -32.75 -24.55 -30.38
N PHE D 184 -33.55 -24.05 -31.30
CA PHE D 184 -33.18 -22.78 -31.91
C PHE D 184 -33.16 -21.70 -30.81
N ARG D 185 -34.04 -21.86 -29.80
CA ARG D 185 -34.32 -20.84 -28.81
C ARG D 185 -33.70 -21.08 -27.45
N ALA D 186 -32.69 -21.94 -27.44
CA ALA D 186 -32.08 -22.35 -26.21
C ALA D 186 -30.74 -21.70 -26.04
N HIS D 187 -30.41 -20.77 -26.92
CA HIS D 187 -29.08 -20.23 -26.98
C HIS D 187 -29.06 -18.87 -27.61
N GLY D 188 -28.00 -18.13 -27.25
CA GLY D 188 -27.55 -16.92 -27.91
C GLY D 188 -26.35 -17.18 -28.80
N HIS D 189 -25.54 -16.17 -29.02
CA HIS D 189 -24.39 -16.23 -29.90
C HIS D 189 -23.07 -16.04 -29.21
N CYS D 190 -22.99 -16.53 -27.99
CA CYS D 190 -21.71 -16.70 -27.37
C CYS D 190 -20.99 -17.88 -28.05
N LEU D 191 -19.67 -17.79 -28.09
CA LEU D 191 -18.80 -18.81 -28.65
C LEU D 191 -19.18 -20.16 -28.08
N HIS D 192 -19.21 -20.26 -26.77
CA HIS D 192 -19.48 -21.56 -26.10
C HIS D 192 -20.72 -22.22 -26.68
N GLU D 193 -21.80 -21.45 -26.81
CA GLU D 193 -23.03 -21.94 -27.33
C GLU D 193 -22.91 -22.40 -28.79
N ILE D 194 -22.24 -21.60 -29.60
CA ILE D 194 -22.16 -21.94 -31.02
C ILE D 194 -21.39 -23.26 -31.17
N PHE D 195 -20.25 -23.33 -30.48
CA PHE D 195 -19.36 -24.47 -30.49
C PHE D 195 -20.07 -25.74 -30.05
N LEU D 196 -20.91 -25.61 -29.03
CA LEU D 196 -21.77 -26.70 -28.55
C LEU D 196 -22.79 -27.15 -29.57
N LEU D 197 -23.36 -26.20 -30.28
CA LEU D 197 -24.30 -26.57 -31.34
C LEU D 197 -23.65 -27.44 -32.41
N ARG D 198 -22.42 -27.09 -32.77
CA ARG D 198 -21.65 -27.76 -33.80
C ARG D 198 -21.07 -29.12 -33.40
N GLU D 199 -20.87 -29.34 -32.09
CA GLU D 199 -20.19 -30.52 -31.55
C GLU D 199 -21.02 -31.32 -30.53
N GLY D 200 -21.56 -30.67 -29.51
CA GLY D 200 -22.29 -31.36 -28.42
C GLY D 200 -23.79 -31.19 -28.46
N MET D 201 -24.40 -31.12 -27.28
CA MET D 201 -25.81 -30.67 -27.11
C MET D 201 -25.98 -29.92 -25.77
N PHE D 202 -27.10 -29.21 -25.62
CA PHE D 202 -27.37 -28.42 -24.43
C PHE D 202 -27.86 -29.30 -23.28
N GLU D 203 -27.45 -28.99 -22.04
CA GLU D 203 -27.97 -29.71 -20.87
C GLU D 203 -29.50 -29.62 -20.75
N ARG D 204 -30.07 -28.44 -21.06
CA ARG D 204 -31.50 -28.14 -20.93
C ARG D 204 -31.90 -27.19 -22.07
N ILE D 205 -33.14 -27.28 -22.54
CA ILE D 205 -33.66 -26.46 -23.62
C ILE D 205 -35.12 -26.29 -23.29
N PRO D 206 -35.80 -25.28 -23.88
CA PRO D 206 -37.21 -25.17 -23.50
C PRO D 206 -38.02 -26.37 -23.90
N ASP D 207 -39.09 -26.58 -23.17
CA ASP D 207 -40.02 -27.66 -23.40
C ASP D 207 -41.08 -27.34 -24.43
N ILE D 208 -41.36 -26.06 -24.57
CA ILE D 208 -42.38 -25.64 -25.49
C ILE D 208 -42.07 -24.20 -25.95
N VAL D 209 -42.53 -23.82 -27.13
CA VAL D 209 -42.26 -22.52 -27.69
C VAL D 209 -43.65 -21.95 -28.00
N LEU D 210 -43.88 -20.69 -27.60
CA LEU D 210 -45.13 -19.97 -27.83
C LEU D 210 -44.81 -18.73 -28.61
N TRP D 211 -45.66 -18.40 -29.57
CA TRP D 211 -45.58 -17.21 -30.35
C TRP D 211 -46.79 -16.31 -30.13
N PRO D 212 -46.82 -15.54 -29.02
CA PRO D 212 -47.87 -14.53 -28.90
C PRO D 212 -47.76 -13.45 -29.96
N THR D 213 -48.89 -12.86 -30.32
CA THR D 213 -48.95 -11.84 -31.36
C THR D 213 -49.31 -10.44 -30.81
N CYS D 214 -49.67 -10.33 -29.54
CA CYS D 214 -50.04 -9.03 -29.00
C CYS D 214 -49.93 -9.07 -27.50
N HIS D 215 -50.08 -7.90 -26.90
CA HIS D 215 -50.01 -7.73 -25.46
C HIS D 215 -50.91 -8.70 -24.69
N ASP D 216 -52.18 -8.77 -25.11
CA ASP D 216 -53.17 -9.65 -24.39
C ASP D 216 -52.83 -11.16 -24.42
N ASP D 217 -52.21 -11.67 -25.50
CA ASP D 217 -51.62 -13.06 -25.48
C ASP D 217 -50.62 -13.21 -24.38
N VAL D 218 -49.75 -12.20 -24.23
CA VAL D 218 -48.68 -12.31 -23.22
C VAL D 218 -49.37 -12.29 -21.82
N VAL D 219 -50.46 -11.54 -21.65
CA VAL D 219 -51.21 -11.58 -20.40
C VAL D 219 -51.72 -13.02 -20.09
N LYS D 220 -52.33 -13.68 -21.07
CA LYS D 220 -52.80 -15.08 -20.89
C LYS D 220 -51.68 -16.07 -20.57
N ILE D 221 -50.60 -15.96 -21.31
CA ILE D 221 -49.46 -16.86 -21.08
C ILE D 221 -48.95 -16.74 -19.67
N VAL D 222 -48.81 -15.50 -19.21
CA VAL D 222 -48.21 -15.25 -17.89
C VAL D 222 -49.15 -15.79 -16.80
N ASN D 223 -50.45 -15.59 -16.99
CA ASN D 223 -51.49 -16.11 -16.08
C ASN D 223 -51.51 -17.65 -16.07
N LEU D 224 -51.43 -18.26 -17.25
CA LEU D 224 -51.26 -19.71 -17.36
C LEU D 224 -50.07 -20.20 -16.60
N ALA D 225 -48.95 -19.52 -16.77
CA ALA D 225 -47.70 -19.93 -16.10
C ALA D 225 -47.79 -19.86 -14.58
N CYS D 226 -48.56 -18.91 -14.06
CA CYS D 226 -48.82 -18.85 -12.60
C CYS D 226 -49.68 -20.04 -12.16
N LYS D 227 -50.72 -20.30 -12.94
CA LYS D 227 -51.63 -21.40 -12.67
C LYS D 227 -50.95 -22.77 -12.69
N TYR D 228 -49.99 -23.01 -13.59
CA TYR D 228 -49.34 -24.35 -13.72
C TYR D 228 -47.91 -24.45 -13.25
N ASN D 229 -47.46 -23.48 -12.45
CA ASN D 229 -46.06 -23.48 -12.03
C ASN D 229 -45.05 -23.67 -13.21
N LEU D 230 -45.28 -22.93 -14.29
CA LEU D 230 -44.38 -22.95 -15.46
C LEU D 230 -43.27 -21.91 -15.31
N CYS D 231 -42.24 -22.03 -16.14
CA CYS D 231 -41.13 -21.09 -16.16
C CYS D 231 -41.18 -20.47 -17.55
N ILE D 232 -40.89 -19.17 -17.63
CA ILE D 232 -40.83 -18.43 -18.90
C ILE D 232 -39.47 -17.76 -19.14
N ILE D 233 -38.98 -17.83 -20.37
CA ILE D 233 -37.73 -17.22 -20.80
C ILE D 233 -38.06 -16.53 -22.10
N PRO D 234 -38.16 -15.20 -22.06
CA PRO D 234 -38.43 -14.55 -23.32
C PRO D 234 -37.25 -14.59 -24.26
N ILE D 235 -37.54 -14.61 -25.53
CA ILE D 235 -36.48 -14.54 -26.53
C ILE D 235 -37.01 -13.60 -27.60
N GLY D 236 -36.15 -12.80 -28.21
CA GLY D 236 -36.52 -11.99 -29.34
C GLY D 236 -35.69 -12.45 -30.51
N GLY D 237 -34.74 -11.62 -30.91
CA GLY D 237 -33.73 -12.01 -31.88
C GLY D 237 -32.84 -13.22 -31.59
N GLY D 238 -32.78 -13.66 -30.34
CA GLY D 238 -31.77 -14.61 -29.90
C GLY D 238 -30.33 -14.27 -30.13
N THR D 239 -29.99 -12.97 -30.15
CA THR D 239 -28.62 -12.51 -30.44
C THR D 239 -27.74 -12.30 -29.20
N SER D 240 -28.25 -12.67 -28.01
CA SER D 240 -27.60 -12.46 -26.73
C SER D 240 -26.20 -12.96 -26.80
N VAL D 241 -25.28 -12.23 -26.20
CA VAL D 241 -23.92 -12.69 -26.05
C VAL D 241 -23.60 -12.74 -24.55
N SER D 242 -24.51 -13.21 -23.71
CA SER D 242 -24.19 -13.25 -22.25
C SER D 242 -24.76 -14.48 -21.53
N TYR D 243 -25.15 -15.51 -22.28
CA TYR D 243 -25.93 -16.67 -21.75
C TYR D 243 -27.26 -16.22 -21.20
N GLY D 244 -27.82 -15.22 -21.84
CA GLY D 244 -29.08 -14.74 -21.40
C GLY D 244 -30.27 -15.61 -21.69
N LEU D 245 -30.16 -16.47 -22.70
CA LEU D 245 -31.29 -17.34 -23.05
C LEU D 245 -31.10 -18.77 -22.60
N MET D 246 -29.94 -19.08 -22.07
CA MET D 246 -29.59 -20.42 -21.68
C MET D 246 -30.53 -20.88 -20.55
N CYS D 247 -31.10 -22.07 -20.75
CA CYS D 247 -31.95 -22.71 -19.76
C CYS D 247 -31.11 -23.28 -18.60
N PRO D 248 -31.28 -22.77 -17.37
CA PRO D 248 -30.63 -23.45 -16.23
C PRO D 248 -30.84 -25.00 -16.17
N ALA D 249 -29.74 -25.74 -16.04
CA ALA D 249 -29.71 -27.18 -16.20
C ALA D 249 -30.59 -27.95 -15.18
N ASP D 250 -30.72 -27.43 -13.97
CA ASP D 250 -31.51 -28.09 -12.93
C ASP D 250 -32.91 -27.47 -12.77
N GLU D 251 -33.39 -26.79 -13.79
CA GLU D 251 -34.72 -26.21 -13.71
C GLU D 251 -35.77 -27.28 -14.05
N THR D 252 -36.44 -27.80 -13.02
CA THR D 252 -37.37 -28.93 -13.16
C THR D 252 -38.77 -28.58 -13.73
N ARG D 253 -39.18 -27.30 -13.79
CA ARG D 253 -40.51 -26.96 -14.30
C ARG D 253 -40.51 -26.93 -15.80
N THR D 254 -41.70 -26.91 -16.38
CA THR D 254 -41.86 -26.76 -17.83
C THR D 254 -41.38 -25.36 -18.24
N ILE D 255 -40.37 -25.29 -19.10
CA ILE D 255 -39.87 -24.03 -19.58
C ILE D 255 -40.56 -23.69 -20.87
N ILE D 256 -41.24 -22.56 -20.84
CA ILE D 256 -41.74 -21.93 -22.03
C ILE D 256 -40.70 -21.01 -22.55
N SER D 257 -40.51 -21.04 -23.85
CA SER D 257 -39.79 -20.01 -24.58
C SER D 257 -40.85 -19.15 -25.16
N LEU D 258 -40.98 -17.96 -24.59
CA LEU D 258 -41.90 -16.98 -25.04
C LEU D 258 -41.25 -16.12 -26.11
N ASP D 259 -41.53 -16.45 -27.37
CA ASP D 259 -40.91 -15.87 -28.54
C ASP D 259 -41.72 -14.70 -29.00
N THR D 260 -41.10 -13.54 -29.20
CA THR D 260 -41.83 -12.30 -29.49
C THR D 260 -41.81 -11.94 -30.95
N SER D 261 -41.16 -12.73 -31.78
CA SER D 261 -41.01 -12.35 -33.23
C SER D 261 -42.33 -12.04 -33.96
N GLN D 262 -43.44 -12.60 -33.51
CA GLN D 262 -44.78 -12.31 -34.14
C GLN D 262 -45.54 -11.10 -33.55
N MET D 263 -44.91 -10.34 -32.65
CA MET D 263 -45.50 -9.23 -31.91
C MET D 263 -44.64 -8.09 -32.36
N ASN D 264 -44.86 -7.66 -33.56
CA ASN D 264 -43.89 -6.89 -34.31
C ASN D 264 -44.45 -5.79 -35.09
N ARG D 265 -45.59 -5.26 -34.72
CA ARG D 265 -46.13 -4.12 -35.40
C ARG D 265 -45.63 -2.77 -34.88
N ILE D 266 -45.38 -1.85 -35.81
CA ILE D 266 -45.46 -0.44 -35.52
C ILE D 266 -46.97 -0.18 -35.29
N LEU D 267 -47.39 0.06 -34.05
CA LEU D 267 -48.77 0.41 -33.74
C LEU D 267 -49.09 1.77 -34.28
N TRP D 268 -48.29 2.78 -33.93
CA TRP D 268 -48.34 4.04 -34.67
C TRP D 268 -47.13 4.89 -34.53
N VAL D 269 -46.97 5.72 -35.53
CA VAL D 269 -46.06 6.82 -35.58
C VAL D 269 -46.84 8.09 -35.13
N ASP D 270 -46.29 8.78 -34.14
CA ASP D 270 -46.74 10.11 -33.74
C ASP D 270 -45.82 11.17 -34.32
N GLU D 271 -46.24 11.73 -35.43
CA GLU D 271 -45.42 12.69 -36.14
C GLU D 271 -45.24 14.02 -35.43
N ASN D 272 -46.17 14.38 -34.52
CA ASN D 272 -46.06 15.67 -33.79
C ASN D 272 -45.09 15.61 -32.64
N ASN D 273 -45.11 14.50 -31.93
CA ASN D 273 -44.21 14.28 -30.83
C ASN D 273 -42.88 13.66 -31.22
N LEU D 274 -42.75 13.20 -32.46
CA LEU D 274 -41.64 12.37 -32.99
C LEU D 274 -41.32 11.13 -32.15
N THR D 275 -42.33 10.32 -31.95
CA THR D 275 -42.19 8.99 -31.39
C THR D 275 -42.90 7.91 -32.23
N ALA D 276 -42.45 6.67 -32.07
CA ALA D 276 -43.14 5.51 -32.58
C ALA D 276 -43.55 4.59 -31.45
N HIS D 277 -44.82 4.19 -31.44
CA HIS D 277 -45.36 3.23 -30.49
C HIS D 277 -45.23 1.86 -31.18
N VAL D 278 -44.34 1.00 -30.65
CA VAL D 278 -44.08 -0.28 -31.24
C VAL D 278 -44.28 -1.45 -30.33
N GLU D 279 -44.50 -2.60 -30.95
CA GLU D 279 -44.49 -3.88 -30.24
C GLU D 279 -43.06 -4.33 -30.17
N ALA D 280 -42.80 -5.07 -29.14
CA ALA D 280 -41.44 -5.28 -28.68
C ALA D 280 -40.70 -6.27 -29.54
N GLY D 281 -41.42 -7.02 -30.38
CA GLY D 281 -40.78 -8.01 -31.19
C GLY D 281 -40.29 -7.52 -32.48
N ILE D 282 -40.58 -6.30 -32.88
CA ILE D 282 -40.01 -5.80 -34.11
C ILE D 282 -38.45 -5.76 -34.10
N THR D 283 -37.85 -6.24 -35.19
CA THR D 283 -36.41 -6.20 -35.37
C THR D 283 -36.06 -4.81 -35.75
N GLY D 284 -34.77 -4.50 -35.62
CA GLY D 284 -34.28 -3.20 -35.97
C GLY D 284 -34.27 -2.94 -37.43
N GLN D 285 -33.85 -3.91 -38.23
CA GLN D 285 -33.92 -3.78 -39.68
C GLN D 285 -35.34 -3.49 -40.16
N GLU D 286 -36.33 -4.14 -39.56
CA GLU D 286 -37.74 -3.95 -39.97
C GLU D 286 -38.31 -2.64 -39.43
N LEU D 287 -37.84 -2.23 -38.25
CA LEU D 287 -38.25 -0.94 -37.70
C LEU D 287 -37.80 0.21 -38.58
N GLU D 288 -36.54 0.21 -38.99
CA GLU D 288 -35.99 1.26 -39.82
C GLU D 288 -36.59 1.22 -41.19
N ARG D 289 -36.83 0.02 -41.71
CA ARG D 289 -37.44 -0.10 -43.06
C ARG D 289 -38.84 0.54 -43.10
N GLN D 290 -39.71 0.17 -42.16
CA GLN D 290 -41.01 0.78 -42.08
C GLN D 290 -40.97 2.30 -41.84
N LEU D 291 -40.12 2.76 -40.92
CA LEU D 291 -40.16 4.16 -40.58
C LEU D 291 -39.67 4.95 -41.74
N LYS D 292 -38.73 4.40 -42.49
CA LYS D 292 -38.14 5.15 -43.62
C LYS D 292 -39.16 5.39 -44.73
N GLU D 293 -40.21 4.56 -44.78
CA GLU D 293 -41.31 4.80 -45.74
C GLU D 293 -42.05 6.09 -45.44
N SER D 294 -42.05 6.53 -44.17
CA SER D 294 -42.62 7.84 -43.82
C SER D 294 -41.60 8.98 -43.72
N GLY D 295 -40.32 8.74 -44.05
CA GLY D 295 -39.22 9.68 -43.85
C GLY D 295 -38.58 9.69 -42.45
N TYR D 296 -38.76 8.64 -41.67
CA TYR D 296 -38.21 8.66 -40.30
C TYR D 296 -37.17 7.57 -40.11
N CYS D 297 -36.38 7.68 -39.05
CA CYS D 297 -35.53 6.60 -38.55
C CYS D 297 -35.42 6.70 -37.03
N THR D 298 -35.01 5.64 -36.36
CA THR D 298 -34.65 5.73 -34.95
C THR D 298 -33.16 6.08 -34.86
N GLY D 299 -32.38 5.62 -35.82
CA GLY D 299 -30.93 5.78 -35.78
C GLY D 299 -30.23 4.88 -34.78
N HIS D 300 -30.96 3.95 -34.13
CA HIS D 300 -30.37 2.99 -33.24
C HIS D 300 -29.91 1.82 -34.07
N GLU D 301 -28.59 1.56 -34.08
CA GLU D 301 -28.00 0.61 -35.01
C GLU D 301 -26.98 -0.27 -34.33
N PRO D 302 -27.42 -1.15 -33.44
CA PRO D 302 -26.51 -2.18 -33.01
C PRO D 302 -26.11 -3.06 -34.16
N ASP D 303 -24.94 -3.68 -34.07
CA ASP D 303 -24.48 -4.58 -35.11
C ASP D 303 -25.38 -5.77 -35.41
N SER D 304 -26.16 -6.21 -34.41
CA SER D 304 -27.13 -7.28 -34.52
C SER D 304 -28.50 -6.85 -35.02
N LEU D 305 -28.64 -5.68 -35.59
CA LEU D 305 -29.96 -5.08 -35.85
C LEU D 305 -30.83 -5.82 -36.85
N GLU D 306 -30.26 -6.65 -37.72
CA GLU D 306 -31.05 -7.51 -38.61
C GLU D 306 -31.96 -8.42 -37.80
N PHE D 307 -31.52 -8.83 -36.60
CA PHE D 307 -32.29 -9.75 -35.75
C PHE D 307 -32.69 -9.27 -34.33
N SER D 308 -31.92 -8.37 -33.72
CA SER D 308 -32.19 -7.98 -32.36
C SER D 308 -33.43 -7.10 -32.37
N THR D 309 -34.20 -7.19 -31.31
CA THR D 309 -35.49 -6.52 -31.20
C THR D 309 -35.54 -5.37 -30.13
N VAL D 310 -36.59 -4.55 -30.25
CA VAL D 310 -36.93 -3.51 -29.32
C VAL D 310 -36.93 -4.06 -27.90
N GLY D 311 -37.66 -5.16 -27.65
CA GLY D 311 -37.63 -5.75 -26.30
C GLY D 311 -36.24 -6.20 -25.87
N GLY D 312 -35.47 -6.73 -26.81
CA GLY D 312 -34.10 -7.19 -26.47
C GLY D 312 -33.26 -6.00 -25.99
N TRP D 313 -33.32 -4.90 -26.75
CA TRP D 313 -32.51 -3.75 -26.56
C TRP D 313 -32.81 -3.15 -25.20
N ILE D 314 -34.10 -3.04 -24.90
CA ILE D 314 -34.49 -2.57 -23.59
C ILE D 314 -34.00 -3.53 -22.51
N SER D 315 -34.24 -4.83 -22.66
CA SER D 315 -33.81 -5.82 -21.64
C SER D 315 -32.31 -5.85 -21.37
N THR D 316 -31.49 -5.51 -22.36
CA THR D 316 -30.02 -5.61 -22.23
C THR D 316 -29.24 -4.23 -22.22
N ARG D 317 -29.97 -3.14 -22.28
CA ARG D 317 -29.40 -1.79 -22.37
CA ARG D 317 -29.41 -1.79 -22.40
C ARG D 317 -28.49 -1.68 -23.59
N ALA D 318 -29.06 -1.90 -24.76
CA ALA D 318 -28.28 -1.98 -25.94
C ALA D 318 -27.78 -0.64 -26.36
N SER D 319 -26.65 -0.66 -27.07
CA SER D 319 -26.00 0.48 -27.64
C SER D 319 -25.73 0.29 -29.12
N GLY D 320 -25.66 1.37 -29.85
CA GLY D 320 -25.54 1.27 -31.27
C GLY D 320 -24.62 2.27 -31.79
N MET D 321 -24.39 2.15 -33.09
CA MET D 321 -23.25 2.77 -33.71
C MET D 321 -23.29 4.30 -33.76
N LYS D 322 -24.50 4.85 -33.81
CA LYS D 322 -24.72 6.30 -33.92
C LYS D 322 -25.35 6.92 -32.66
N LYS D 323 -25.14 6.30 -31.50
CA LYS D 323 -25.64 6.80 -30.23
C LYS D 323 -25.22 8.27 -30.00
N ASN D 324 -24.15 8.73 -30.65
CA ASN D 324 -23.69 10.12 -30.47
C ASN D 324 -24.73 11.10 -30.96
N ILE D 325 -25.49 10.77 -32.02
CA ILE D 325 -26.60 11.62 -32.44
C ILE D 325 -27.89 11.20 -31.85
N TYR D 326 -28.16 9.89 -31.79
CA TYR D 326 -29.51 9.42 -31.56
C TYR D 326 -29.67 9.04 -30.16
N GLY D 327 -28.57 8.81 -29.45
CA GLY D 327 -28.76 8.28 -28.09
C GLY D 327 -28.67 6.75 -28.05
N ASN D 328 -28.39 6.24 -26.86
CA ASN D 328 -28.49 4.82 -26.53
C ASN D 328 -29.92 4.51 -26.19
N ILE D 329 -30.22 3.23 -25.92
CA ILE D 329 -31.59 2.83 -25.66
C ILE D 329 -32.21 3.61 -24.51
N GLU D 330 -31.44 3.95 -23.47
CA GLU D 330 -32.01 4.69 -22.32
C GLU D 330 -32.44 6.10 -22.67
N ASP D 331 -31.81 6.69 -23.67
CA ASP D 331 -32.15 7.95 -24.27
C ASP D 331 -33.33 7.87 -25.29
N LEU D 332 -33.52 6.72 -25.94
CA LEU D 332 -34.50 6.52 -26.97
C LEU D 332 -35.90 6.13 -26.48
N VAL D 333 -35.99 5.40 -25.37
CA VAL D 333 -37.25 4.99 -24.78
C VAL D 333 -37.97 6.06 -23.98
N VAL D 334 -39.20 6.40 -24.39
CA VAL D 334 -39.99 7.44 -23.79
C VAL D 334 -41.04 6.83 -22.88
N HIS D 335 -41.33 5.55 -23.06
CA HIS D 335 -42.43 4.86 -22.44
C HIS D 335 -42.36 3.37 -22.80
N MET D 336 -42.89 2.50 -21.95
CA MET D 336 -42.92 1.07 -22.19
C MET D 336 -44.00 0.42 -21.34
N LYS D 337 -44.37 -0.79 -21.77
CA LYS D 337 -45.36 -1.54 -21.09
C LYS D 337 -44.83 -2.90 -20.83
N VAL D 338 -45.00 -3.36 -19.62
CA VAL D 338 -44.45 -4.61 -19.19
C VAL D 338 -45.42 -5.50 -18.44
N VAL D 339 -45.40 -6.79 -18.80
CA VAL D 339 -46.19 -7.82 -18.13
C VAL D 339 -45.38 -8.62 -17.17
N THR D 340 -45.80 -8.60 -15.91
CA THR D 340 -45.21 -9.37 -14.84
C THR D 340 -46.25 -10.24 -14.17
N PRO D 341 -45.80 -11.25 -13.44
CA PRO D 341 -46.72 -12.03 -12.58
C PRO D 341 -47.62 -11.16 -11.71
N ARG D 342 -47.07 -10.07 -11.11
CA ARG D 342 -47.88 -9.12 -10.33
C ARG D 342 -48.87 -8.26 -11.05
N GLY D 343 -48.74 -8.11 -12.36
CA GLY D 343 -49.57 -7.24 -13.11
C GLY D 343 -48.73 -6.47 -14.08
N VAL D 344 -49.40 -5.56 -14.76
CA VAL D 344 -48.83 -4.79 -15.85
C VAL D 344 -48.24 -3.45 -15.36
N ILE D 345 -46.96 -3.25 -15.68
CA ILE D 345 -46.27 -2.02 -15.41
C ILE D 345 -46.36 -1.11 -16.60
N GLU D 346 -46.71 0.15 -16.33
CA GLU D 346 -46.93 1.17 -17.35
C GLU D 346 -47.08 2.54 -16.65
N LYS D 347 -46.43 3.61 -17.16
CA LYS D 347 -46.63 4.96 -16.65
C LYS D 347 -47.87 5.54 -17.28
N SER D 348 -48.54 6.49 -16.63
CA SER D 348 -49.72 7.08 -17.23
C SER D 348 -49.41 8.20 -18.23
N CYS D 349 -48.17 8.66 -18.30
CA CYS D 349 -47.88 9.84 -19.09
C CYS D 349 -46.69 9.56 -19.98
N GLN D 350 -46.62 10.31 -21.05
CA GLN D 350 -45.68 10.19 -22.14
C GLN D 350 -44.89 11.45 -22.27
N GLY D 351 -44.84 12.23 -21.20
CA GLY D 351 -44.03 13.44 -21.19
C GLY D 351 -42.55 13.11 -21.18
N PRO D 352 -41.74 14.04 -21.66
CA PRO D 352 -40.37 13.79 -22.00
C PRO D 352 -39.45 13.60 -20.79
N ARG D 353 -39.82 14.13 -19.63
CA ARG D 353 -38.87 14.11 -18.46
C ARG D 353 -39.65 14.43 -17.24
N MET D 354 -39.53 13.58 -16.24
CA MET D 354 -40.28 13.66 -15.01
C MET D 354 -39.44 13.49 -13.76
N SER D 355 -40.02 13.97 -12.66
CA SER D 355 -39.55 13.75 -11.30
C SER D 355 -40.70 13.19 -10.48
N THR D 356 -40.84 11.87 -10.50
CA THR D 356 -41.94 11.17 -9.78
C THR D 356 -41.35 9.98 -9.06
N GLY D 357 -40.23 10.20 -8.40
CA GLY D 357 -39.56 9.16 -7.68
C GLY D 357 -38.51 8.51 -8.52
N PRO D 358 -37.92 7.43 -8.04
CA PRO D 358 -36.99 6.58 -8.80
C PRO D 358 -37.63 6.17 -10.10
N ASP D 359 -36.94 6.30 -11.21
CA ASP D 359 -37.56 6.12 -12.53
C ASP D 359 -37.75 4.60 -12.75
N ILE D 360 -38.98 4.13 -12.78
CA ILE D 360 -39.25 2.66 -12.94
C ILE D 360 -38.86 2.07 -14.31
N HIS D 361 -38.81 2.88 -15.34
CA HIS D 361 -38.12 2.48 -16.58
C HIS D 361 -36.74 1.88 -16.34
N HIS D 362 -35.94 2.46 -15.44
CA HIS D 362 -34.63 1.91 -15.17
C HIS D 362 -34.62 0.67 -14.29
N PHE D 363 -35.77 0.34 -13.67
CA PHE D 363 -35.89 -0.96 -12.99
C PHE D 363 -36.02 -2.08 -14.06
N ILE D 364 -36.59 -1.73 -15.19
CA ILE D 364 -36.82 -2.68 -16.27
C ILE D 364 -35.72 -2.74 -17.33
N MET D 365 -35.13 -1.61 -17.70
CA MET D 365 -34.02 -1.60 -18.62
C MET D 365 -32.79 -2.27 -18.01
N GLY D 366 -32.25 -3.26 -18.73
CA GLY D 366 -31.18 -4.08 -18.20
C GLY D 366 -31.71 -5.19 -17.33
N SER D 367 -33.02 -5.35 -17.21
CA SER D 367 -33.57 -6.47 -16.38
C SER D 367 -33.39 -7.87 -17.04
N GLU D 368 -33.04 -7.90 -18.34
CA GLU D 368 -32.58 -9.15 -19.01
C GLU D 368 -33.54 -10.38 -18.85
N GLY D 369 -34.85 -10.19 -19.11
CA GLY D 369 -35.84 -11.24 -19.05
C GLY D 369 -36.23 -11.79 -17.66
N THR D 370 -35.79 -11.14 -16.57
CA THR D 370 -35.95 -11.68 -15.22
C THR D 370 -37.18 -11.24 -14.49
N LEU D 371 -37.89 -10.27 -15.05
CA LEU D 371 -38.98 -9.64 -14.36
C LEU D 371 -40.32 -9.76 -15.06
N GLY D 372 -40.32 -9.71 -16.37
CA GLY D 372 -41.55 -9.78 -17.09
C GLY D 372 -41.28 -9.73 -18.56
N VAL D 373 -42.33 -9.49 -19.33
CA VAL D 373 -42.19 -9.34 -20.75
C VAL D 373 -42.43 -7.89 -21.11
N ILE D 374 -41.48 -7.25 -21.79
CA ILE D 374 -41.70 -5.96 -22.43
C ILE D 374 -42.51 -6.20 -23.71
N THR D 375 -43.77 -5.72 -23.74
CA THR D 375 -44.67 -5.98 -24.87
C THR D 375 -44.73 -4.88 -25.88
N GLU D 376 -44.62 -3.65 -25.39
CA GLU D 376 -44.69 -2.46 -26.18
C GLU D 376 -43.74 -1.36 -25.67
N ALA D 377 -43.28 -0.49 -26.57
CA ALA D 377 -42.42 0.62 -26.18
C ALA D 377 -42.72 1.78 -27.09
N THR D 378 -42.52 2.98 -26.53
CA THR D 378 -42.50 4.21 -27.35
C THR D 378 -41.08 4.68 -27.42
N ILE D 379 -40.62 4.94 -28.63
CA ILE D 379 -39.27 5.23 -28.89
C ILE D 379 -39.17 6.44 -29.76
N LYS D 380 -38.13 7.25 -29.54
CA LYS D 380 -37.98 8.48 -30.33
C LYS D 380 -37.59 8.19 -31.75
N ILE D 381 -38.05 9.04 -32.65
CA ILE D 381 -37.67 9.00 -34.03
C ILE D 381 -37.25 10.35 -34.53
N ARG D 382 -36.63 10.34 -35.66
CA ARG D 382 -36.07 11.55 -36.23
C ARG D 382 -36.30 11.52 -37.70
N PRO D 383 -36.35 12.70 -38.36
CA PRO D 383 -36.27 12.72 -39.82
C PRO D 383 -35.03 12.00 -40.21
N THR D 384 -35.17 11.22 -41.24
CA THR D 384 -34.04 10.75 -42.03
C THR D 384 -33.02 11.89 -42.23
N PRO D 385 -31.71 11.58 -42.06
CA PRO D 385 -30.72 12.60 -42.24
C PRO D 385 -30.58 13.02 -43.72
N GLU D 386 -30.30 14.29 -43.91
CA GLU D 386 -30.20 14.88 -45.23
C GLU D 386 -28.94 14.40 -45.96
N TYR D 387 -27.87 14.14 -45.20
CA TYR D 387 -26.56 13.89 -45.81
C TYR D 387 -25.70 13.06 -44.95
N GLN D 388 -24.87 12.25 -45.57
CA GLN D 388 -23.80 11.61 -44.85
C GLN D 388 -22.52 11.52 -45.59
N LYS D 389 -21.43 11.52 -44.84
CA LYS D 389 -20.11 11.50 -45.36
C LYS D 389 -19.19 10.73 -44.46
N TYR D 390 -18.39 9.86 -45.08
CA TYR D 390 -17.37 9.11 -44.37
C TYR D 390 -16.08 9.89 -44.31
N GLY D 391 -15.20 9.41 -43.43
CA GLY D 391 -13.84 9.97 -43.34
C GLY D 391 -12.88 9.03 -42.66
N SER D 392 -11.61 9.41 -42.64
CA SER D 392 -10.64 8.55 -41.98
C SER D 392 -9.40 9.32 -41.60
N VAL D 393 -8.68 8.86 -40.58
CA VAL D 393 -7.47 9.54 -40.07
C VAL D 393 -6.42 8.51 -39.71
N ALA D 394 -5.19 8.72 -40.17
CA ALA D 394 -4.03 7.97 -39.68
C ALA D 394 -3.33 8.73 -38.57
N PHE D 395 -2.92 8.01 -37.53
CA PHE D 395 -2.16 8.52 -36.42
C PHE D 395 -0.79 7.80 -36.30
N PRO D 396 0.23 8.45 -35.71
CA PRO D 396 1.54 7.80 -35.50
C PRO D 396 1.45 6.51 -34.70
N ASN D 397 0.53 6.50 -33.72
CA ASN D 397 0.29 5.32 -32.94
C ASN D 397 -1.07 5.35 -32.25
N PHE D 398 -1.49 4.22 -31.70
CA PHE D 398 -2.75 4.09 -30.95
C PHE D 398 -2.96 5.22 -29.93
N GLU D 399 -1.91 5.50 -29.16
CA GLU D 399 -1.95 6.41 -27.99
C GLU D 399 -2.30 7.84 -28.36
N GLN D 400 -1.78 8.30 -29.49
CA GLN D 400 -2.12 9.55 -30.10
C GLN D 400 -3.58 9.61 -30.59
N GLY D 401 -4.06 8.50 -31.17
CA GLY D 401 -5.45 8.40 -31.59
C GLY D 401 -6.38 8.53 -30.39
N VAL D 402 -6.03 7.88 -29.31
CA VAL D 402 -6.84 7.91 -28.11
C VAL D 402 -6.82 9.35 -27.58
N ALA D 403 -5.66 10.00 -27.61
CA ALA D 403 -5.62 11.37 -27.11
C ALA D 403 -6.41 12.28 -28.01
N CYS D 404 -6.40 12.02 -29.32
CA CYS D 404 -7.27 12.74 -30.24
C CYS D 404 -8.79 12.47 -29.98
N LEU D 405 -9.16 11.22 -29.81
CA LEU D 405 -10.56 10.86 -29.45
C LEU D 405 -11.00 11.57 -28.17
N ARG D 406 -10.11 11.57 -27.17
CA ARG D 406 -10.32 12.29 -25.92
C ARG D 406 -10.55 13.76 -26.17
N GLU D 407 -9.70 14.38 -26.98
CA GLU D 407 -9.93 15.81 -27.31
C GLU D 407 -11.25 16.03 -28.03
N ILE D 408 -11.63 15.14 -28.91
CA ILE D 408 -12.91 15.28 -29.66
C ILE D 408 -14.09 15.28 -28.69
N ALA D 409 -14.08 14.36 -27.74
CA ALA D 409 -15.05 14.31 -26.68
C ALA D 409 -15.05 15.57 -25.80
N LYS D 410 -13.88 16.08 -25.51
CA LYS D 410 -13.78 17.26 -24.71
C LYS D 410 -14.42 18.47 -25.37
N GLN D 411 -14.29 18.58 -26.69
CA GLN D 411 -14.94 19.66 -27.43
C GLN D 411 -16.40 19.30 -27.79
N ARG D 412 -16.88 18.13 -27.34
CA ARG D 412 -18.21 17.61 -27.65
C ARG D 412 -18.53 17.73 -29.14
N CYS D 413 -17.66 17.18 -29.98
CA CYS D 413 -17.86 17.26 -31.45
C CYS D 413 -17.61 15.91 -32.11
N ALA D 414 -17.96 14.85 -31.38
CA ALA D 414 -17.85 13.51 -31.90
C ALA D 414 -18.78 13.39 -33.11
N PRO D 415 -18.31 12.83 -34.24
CA PRO D 415 -19.23 12.56 -35.35
C PRO D 415 -20.25 11.48 -34.98
N ALA D 416 -21.17 11.19 -35.90
CA ALA D 416 -22.14 10.11 -35.74
C ALA D 416 -21.44 8.81 -35.31
N SER D 417 -20.34 8.48 -35.94
CA SER D 417 -19.56 7.36 -35.50
C SER D 417 -18.11 7.70 -35.59
N ILE D 418 -17.34 7.22 -34.62
CA ILE D 418 -15.89 7.30 -34.69
C ILE D 418 -15.27 6.09 -33.96
N ARG D 419 -14.40 5.37 -34.66
CA ARG D 419 -13.78 4.14 -34.17
C ARG D 419 -12.31 4.34 -34.31
N LEU D 420 -11.54 3.98 -33.31
CA LEU D 420 -10.08 4.00 -33.43
C LEU D 420 -9.58 2.57 -33.43
N MET D 421 -8.93 2.21 -34.50
CA MET D 421 -8.46 0.83 -34.71
C MET D 421 -6.96 0.69 -34.41
N ASP D 422 -6.54 -0.33 -33.67
CA ASP D 422 -5.07 -0.53 -33.45
C ASP D 422 -4.30 -0.99 -34.71
N ASN D 423 -2.97 -0.99 -34.61
CA ASN D 423 -2.12 -1.31 -35.77
C ASN D 423 -2.50 -2.61 -36.51
N GLN D 424 -2.64 -3.69 -35.73
CA GLN D 424 -2.99 -5.00 -36.29
C GLN D 424 -4.23 -4.92 -37.16
N GLN D 425 -5.25 -4.20 -36.68
CA GLN D 425 -6.48 -4.05 -37.46
C GLN D 425 -6.17 -3.19 -38.67
N PHE D 426 -5.40 -2.10 -38.54
CA PHE D 426 -5.04 -1.36 -39.74
C PHE D 426 -4.35 -2.28 -40.78
N GLN D 427 -3.48 -3.17 -40.30
CA GLN D 427 -2.83 -4.14 -41.19
C GLN D 427 -3.86 -5.02 -41.86
N PHE D 428 -4.77 -5.60 -41.09
CA PHE D 428 -5.80 -6.42 -41.68
C PHE D 428 -6.60 -5.69 -42.78
N GLY D 429 -7.07 -4.49 -42.45
CA GLY D 429 -7.72 -3.62 -43.44
C GLY D 429 -6.86 -3.24 -44.65
N HIS D 430 -5.54 -3.13 -44.47
CA HIS D 430 -4.64 -2.84 -45.62
C HIS D 430 -4.60 -3.96 -46.69
N ALA D 431 -4.89 -5.20 -46.29
CA ALA D 431 -5.19 -6.30 -47.22
C ALA D 431 -6.67 -6.70 -47.18
N PRO D 460 4.40 2.62 -38.83
CA PRO D 460 4.11 1.58 -39.85
C PRO D 460 3.60 0.26 -39.20
N ASN D 461 4.38 -0.26 -38.25
CA ASN D 461 3.95 -1.28 -37.32
C ASN D 461 3.37 -0.67 -36.05
N GLN D 462 3.34 0.65 -35.97
CA GLN D 462 2.84 1.37 -34.80
C GLN D 462 1.52 2.15 -35.06
N LEU D 463 1.33 2.63 -36.27
CA LEU D 463 0.19 3.49 -36.58
C LEU D 463 -1.17 2.80 -36.44
N SER D 464 -2.16 3.65 -36.17
CA SER D 464 -3.54 3.27 -35.94
C SER D 464 -4.34 4.13 -36.89
N VAL D 465 -5.60 3.74 -37.12
CA VAL D 465 -6.51 4.48 -37.99
C VAL D 465 -7.88 4.67 -37.33
N ALA D 466 -8.39 5.90 -37.42
CA ALA D 466 -9.73 6.19 -37.02
C ALA D 466 -10.62 6.25 -38.26
N THR D 467 -11.76 5.59 -38.19
CA THR D 467 -12.82 5.71 -39.23
C THR D 467 -13.92 6.62 -38.72
N LEU D 468 -14.57 7.34 -39.61
CA LEU D 468 -15.56 8.37 -39.24
C LEU D 468 -16.77 8.30 -40.16
N LEU D 469 -17.93 8.65 -39.59
CA LEU D 469 -19.17 8.81 -40.31
C LEU D 469 -19.83 10.06 -39.77
N PHE D 470 -20.11 11.02 -40.64
CA PHE D 470 -20.80 12.29 -40.27
C PHE D 470 -22.19 12.17 -40.86
N GLU D 471 -23.23 12.60 -40.15
CA GLU D 471 -24.55 12.68 -40.80
C GLU D 471 -25.42 13.74 -40.18
N GLY D 472 -26.39 14.22 -40.93
CA GLY D 472 -27.22 15.37 -40.51
C GLY D 472 -27.32 16.29 -41.70
N ASP D 473 -27.36 17.59 -41.46
CA ASP D 473 -27.52 18.57 -42.52
C ASP D 473 -26.22 18.74 -43.27
N ARG D 474 -26.33 18.82 -44.58
CA ARG D 474 -25.12 18.99 -45.44
C ARG D 474 -24.14 20.07 -44.91
N GLU D 475 -24.63 21.29 -44.76
CA GLU D 475 -23.80 22.40 -44.27
C GLU D 475 -23.15 22.03 -42.90
N LYS D 476 -23.98 21.58 -41.96
CA LYS D 476 -23.47 21.17 -40.64
C LYS D 476 -22.47 20.00 -40.63
N VAL D 477 -22.68 18.99 -41.49
CA VAL D 477 -21.69 17.95 -41.73
C VAL D 477 -20.32 18.48 -42.15
N LEU D 478 -20.32 19.40 -43.10
CA LEU D 478 -19.06 19.93 -43.62
C LEU D 478 -18.33 20.75 -42.56
N GLN D 479 -19.03 21.57 -41.76
CA GLN D 479 -18.41 22.33 -40.63
C GLN D 479 -17.80 21.37 -39.66
N HIS D 480 -18.63 20.43 -39.20
CA HIS D 480 -18.25 19.35 -38.29
C HIS D 480 -17.01 18.58 -38.77
N GLU D 481 -17.00 18.24 -40.01
CA GLU D 481 -15.84 17.62 -40.62
C GLU D 481 -14.55 18.49 -40.53
N LYS D 482 -14.64 19.79 -40.83
CA LYS D 482 -13.42 20.63 -40.70
C LYS D 482 -12.94 20.65 -39.25
N GLN D 483 -13.88 20.77 -38.30
CA GLN D 483 -13.51 20.81 -36.90
C GLN D 483 -12.75 19.55 -36.50
N VAL D 484 -13.26 18.40 -36.87
CA VAL D 484 -12.66 17.18 -36.41
C VAL D 484 -11.24 17.01 -37.01
N TYR D 485 -11.08 17.34 -38.31
CA TYR D 485 -9.77 17.14 -38.98
C TYR D 485 -8.72 18.08 -38.35
N ASP D 486 -9.14 19.31 -38.06
CA ASP D 486 -8.29 20.30 -37.40
C ASP D 486 -7.88 19.84 -36.02
N ILE D 487 -8.82 19.33 -35.22
CA ILE D 487 -8.42 18.71 -33.95
C ILE D 487 -7.35 17.62 -34.19
N ALA D 488 -7.64 16.70 -35.11
CA ALA D 488 -6.81 15.50 -35.22
C ALA D 488 -5.38 15.80 -35.72
N ALA D 489 -5.24 16.82 -36.58
CA ALA D 489 -3.92 17.40 -37.00
C ALA D 489 -2.99 17.61 -35.81
N LYS D 490 -3.56 18.11 -34.71
CA LYS D 490 -2.76 18.42 -33.52
C LYS D 490 -2.22 17.20 -32.77
N PHE D 491 -2.66 15.99 -33.13
CA PHE D 491 -2.10 14.74 -32.57
C PHE D 491 -1.38 13.91 -33.66
N GLY D 492 -0.86 14.61 -34.67
CA GLY D 492 -0.18 13.93 -35.78
C GLY D 492 -1.09 13.16 -36.73
N GLY D 493 -2.39 13.43 -36.65
CA GLY D 493 -3.39 12.63 -37.37
C GLY D 493 -3.50 13.24 -38.74
N LEU D 494 -3.55 12.43 -39.79
CA LEU D 494 -3.73 12.93 -41.18
C LEU D 494 -4.94 12.30 -41.91
N ALA D 495 -5.80 13.14 -42.46
CA ALA D 495 -6.91 12.68 -43.29
C ALA D 495 -6.43 11.64 -44.26
N ALA D 496 -7.01 10.46 -44.18
CA ALA D 496 -6.68 9.35 -45.04
C ALA D 496 -7.76 9.04 -46.09
N GLY D 497 -8.82 9.85 -46.16
CA GLY D 497 -9.73 9.77 -47.28
C GLY D 497 -11.12 9.30 -46.93
N GLU D 498 -12.08 9.86 -47.66
CA GLU D 498 -13.51 9.61 -47.50
C GLU D 498 -13.89 8.20 -47.90
N ASP D 499 -13.44 7.71 -49.06
CA ASP D 499 -13.78 6.32 -49.49
C ASP D 499 -13.09 5.23 -48.64
N ASN D 500 -11.94 5.57 -48.09
CA ASN D 500 -11.30 4.67 -47.14
C ASN D 500 -12.16 4.45 -45.91
N GLY D 501 -12.72 5.55 -45.38
CA GLY D 501 -13.58 5.50 -44.17
C GLY D 501 -14.79 4.65 -44.44
N GLN D 502 -15.42 4.88 -45.61
CA GLN D 502 -16.50 4.01 -46.08
C GLN D 502 -16.07 2.54 -46.18
N ARG D 503 -14.90 2.31 -46.78
CA ARG D 503 -14.38 0.95 -46.84
C ARG D 503 -14.32 0.36 -45.45
N GLY D 504 -13.87 1.15 -44.49
CA GLY D 504 -13.81 0.75 -43.10
C GLY D 504 -15.12 0.60 -42.32
N TYR D 505 -16.27 0.79 -42.95
CA TYR D 505 -17.55 0.36 -42.39
C TYR D 505 -18.18 -0.69 -43.25
N LEU D 506 -17.47 -1.20 -44.26
CA LEU D 506 -18.04 -2.24 -45.13
C LEU D 506 -18.16 -3.59 -44.44
N LEU D 507 -17.27 -3.88 -43.51
CA LEU D 507 -17.26 -5.14 -42.77
C LEU D 507 -18.25 -5.27 -41.65
N THR D 508 -19.09 -4.26 -41.38
CA THR D 508 -19.81 -4.19 -40.08
C THR D 508 -20.69 -5.41 -39.86
N TYR D 509 -21.46 -5.78 -40.91
CA TYR D 509 -22.47 -6.85 -40.84
C TYR D 509 -21.94 -8.25 -41.35
N VAL D 510 -20.65 -8.35 -41.71
CA VAL D 510 -20.06 -9.62 -42.17
C VAL D 510 -19.16 -10.26 -41.15
N ILE D 511 -18.75 -9.51 -40.13
CA ILE D 511 -17.80 -9.98 -39.12
C ILE D 511 -18.28 -11.18 -38.41
N ALA D 512 -19.56 -11.23 -38.07
CA ALA D 512 -20.04 -12.40 -37.33
C ALA D 512 -20.08 -13.69 -38.21
N TYR D 513 -20.17 -13.53 -39.55
CA TYR D 513 -20.05 -14.66 -40.48
C TYR D 513 -18.57 -15.11 -40.53
N MET D 514 -17.61 -14.20 -40.25
CA MET D 514 -16.17 -14.61 -40.18
C MET D 514 -15.88 -15.53 -39.03
N ARG D 515 -16.64 -15.40 -37.95
CA ARG D 515 -16.46 -16.26 -36.79
C ARG D 515 -16.83 -17.71 -37.08
N ASP D 516 -17.92 -17.91 -37.81
CA ASP D 516 -18.27 -19.22 -38.34
C ASP D 516 -17.18 -19.81 -39.24
N LEU D 517 -16.64 -18.98 -40.17
CA LEU D 517 -15.55 -19.36 -41.05
C LEU D 517 -14.38 -19.92 -40.28
N GLY D 518 -14.02 -19.25 -39.19
CA GLY D 518 -12.95 -19.68 -38.33
C GLY D 518 -13.24 -20.96 -37.58
N LEU D 519 -14.47 -21.11 -37.07
CA LEU D 519 -14.79 -22.41 -36.51
C LEU D 519 -14.63 -23.56 -37.56
N GLU D 520 -14.89 -23.29 -38.85
CA GLU D 520 -14.62 -24.32 -39.88
C GLU D 520 -13.14 -24.77 -39.98
N TYR D 521 -12.17 -24.05 -39.40
CA TYR D 521 -10.74 -24.32 -39.63
C TYR D 521 -9.99 -24.30 -38.35
N TYR D 522 -10.57 -24.83 -37.29
CA TYR D 522 -9.95 -24.85 -35.93
C TYR D 522 -9.59 -23.47 -35.27
N ILE D 523 -10.28 -22.38 -35.61
CA ILE D 523 -9.97 -21.05 -34.99
C ILE D 523 -11.17 -20.64 -34.14
N ILE D 524 -11.03 -20.56 -32.81
CA ILE D 524 -12.07 -19.97 -31.94
C ILE D 524 -11.79 -18.49 -31.73
N GLY D 525 -12.78 -17.67 -32.09
CA GLY D 525 -12.71 -16.21 -31.93
C GLY D 525 -13.91 -15.59 -31.22
N GLU D 526 -13.68 -14.44 -30.56
CA GLU D 526 -14.72 -13.77 -29.80
C GLU D 526 -14.33 -12.33 -29.49
N SER D 527 -15.34 -11.48 -29.44
CA SER D 527 -15.15 -10.09 -29.06
C SER D 527 -15.75 -9.85 -27.70
N PHE D 528 -15.17 -8.92 -26.99
CA PHE D 528 -15.77 -8.48 -25.74
C PHE D 528 -15.41 -7.08 -25.49
N GLU D 529 -16.10 -6.51 -24.53
CA GLU D 529 -16.18 -5.07 -24.45
C GLU D 529 -16.38 -4.56 -23.06
N THR D 530 -16.03 -3.29 -22.91
CA THR D 530 -16.07 -2.62 -21.60
C THR D 530 -16.11 -1.13 -21.90
N SER D 531 -16.45 -0.36 -20.86
CA SER D 531 -16.25 1.06 -20.83
C SER D 531 -15.33 1.39 -19.70
N ALA D 532 -14.55 2.46 -19.85
CA ALA D 532 -13.62 2.87 -18.82
C ALA D 532 -13.45 4.36 -18.82
N PRO D 533 -13.01 4.94 -17.66
CA PRO D 533 -12.67 6.35 -17.62
C PRO D 533 -11.60 6.70 -18.62
N TRP D 534 -11.58 7.92 -19.11
CA TRP D 534 -10.56 8.29 -20.09
C TRP D 534 -9.09 8.04 -19.64
N ASP D 535 -8.82 8.19 -18.35
CA ASP D 535 -7.46 8.04 -17.84
C ASP D 535 -7.05 6.55 -17.63
N ARG D 536 -7.94 5.59 -17.89
CA ARG D 536 -7.60 4.18 -17.81
C ARG D 536 -7.48 3.48 -19.14
N VAL D 537 -7.85 4.17 -20.22
CA VAL D 537 -8.00 3.52 -21.53
C VAL D 537 -6.67 2.96 -22.10
N VAL D 538 -5.63 3.76 -22.06
CA VAL D 538 -4.33 3.35 -22.58
C VAL D 538 -3.83 2.12 -21.83
N ASP D 539 -3.75 2.21 -20.52
CA ASP D 539 -3.32 1.03 -19.74
C ASP D 539 -4.21 -0.20 -19.89
N LEU D 540 -5.51 0.04 -19.97
CA LEU D 540 -6.46 -1.07 -20.01
C LEU D 540 -6.27 -1.82 -21.33
N CYS D 541 -6.13 -1.10 -22.43
CA CYS D 541 -5.90 -1.72 -23.75
C CYS D 541 -4.63 -2.56 -23.76
N ARG D 542 -3.55 -2.03 -23.20
CA ARG D 542 -2.24 -2.73 -23.21
C ARG D 542 -2.30 -3.94 -22.31
N ASN D 543 -2.77 -3.78 -21.07
CA ASN D 543 -2.72 -4.87 -20.13
C ASN D 543 -3.70 -5.99 -20.39
N VAL D 544 -4.77 -5.71 -21.13
CA VAL D 544 -5.78 -6.74 -21.36
C VAL D 544 -5.27 -7.62 -22.46
N LYS D 545 -4.78 -6.98 -23.52
CA LYS D 545 -4.09 -7.63 -24.62
C LYS D 545 -2.92 -8.50 -24.15
N GLU D 546 -2.10 -7.99 -23.23
CA GLU D 546 -1.02 -8.80 -22.67
C GLU D 546 -1.57 -9.98 -21.84
N ARG D 547 -2.60 -9.76 -21.03
CA ARG D 547 -3.15 -10.87 -20.25
C ARG D 547 -3.73 -11.98 -21.15
N ILE D 548 -4.22 -11.61 -22.33
CA ILE D 548 -4.76 -12.59 -23.28
C ILE D 548 -3.65 -13.51 -23.81
N ARG D 549 -2.51 -12.92 -24.18
CA ARG D 549 -1.35 -13.65 -24.74
C ARG D 549 -0.66 -14.52 -23.69
N ARG D 550 -0.34 -13.90 -22.57
CA ARG D 550 0.18 -14.61 -21.40
C ARG D 550 -0.66 -15.84 -21.03
N GLU D 551 -1.98 -15.70 -21.01
CA GLU D 551 -2.87 -16.82 -20.69
C GLU D 551 -2.86 -17.90 -21.77
N CYS D 552 -2.70 -17.49 -23.01
CA CYS D 552 -2.74 -18.46 -24.11
C CYS D 552 -1.43 -19.25 -24.13
N LYS D 553 -0.30 -18.55 -24.02
CA LYS D 553 1.03 -19.18 -23.82
C LYS D 553 1.01 -20.19 -22.65
N GLU D 554 0.60 -19.72 -21.47
CA GLU D 554 0.46 -20.58 -20.30
C GLU D 554 -0.55 -21.74 -20.37
N LYS D 555 -1.46 -21.74 -21.34
CA LYS D 555 -2.44 -22.85 -21.49
C LYS D 555 -2.09 -23.84 -22.64
N GLY D 556 -0.97 -23.61 -23.30
CA GLY D 556 -0.40 -24.59 -24.23
C GLY D 556 -0.71 -24.31 -25.67
N VAL D 557 -0.92 -23.04 -25.99
CA VAL D 557 -1.35 -22.63 -27.31
C VAL D 557 -0.09 -22.34 -28.06
N GLN D 558 -0.01 -22.85 -29.29
CA GLN D 558 1.21 -22.83 -30.12
C GLN D 558 1.56 -21.42 -30.52
N PHE D 559 0.77 -20.82 -31.40
CA PHE D 559 1.06 -19.48 -31.90
C PHE D 559 0.48 -18.45 -30.92
N PRO D 560 1.03 -17.22 -30.91
CA PRO D 560 0.34 -16.19 -30.11
C PRO D 560 -1.01 -15.82 -30.73
N PRO D 561 -2.07 -15.69 -29.91
CA PRO D 561 -3.41 -15.37 -30.44
C PRO D 561 -3.50 -14.05 -31.19
N LEU D 562 -4.43 -13.96 -32.13
CA LEU D 562 -4.95 -12.66 -32.54
C LEU D 562 -5.47 -12.01 -31.25
N SER D 563 -4.96 -10.81 -30.94
CA SER D 563 -5.49 -10.04 -29.80
C SER D 563 -5.33 -8.56 -30.13
N THR D 564 -6.45 -7.97 -30.54
CA THR D 564 -6.54 -6.57 -30.91
C THR D 564 -7.57 -5.79 -30.07
N CYS D 565 -7.55 -4.50 -30.26
CA CYS D 565 -8.48 -3.65 -29.59
C CYS D 565 -8.81 -2.47 -30.45
N ARG D 566 -9.94 -1.90 -30.07
CA ARG D 566 -10.47 -0.78 -30.76
C ARG D 566 -11.32 0.13 -29.84
N VAL D 567 -11.23 1.43 -30.02
CA VAL D 567 -12.13 2.33 -29.28
C VAL D 567 -13.37 2.62 -30.15
N THR D 568 -14.55 2.24 -29.65
CA THR D 568 -15.82 2.29 -30.51
C THR D 568 -16.85 3.37 -30.13
N GLN D 569 -16.75 3.97 -28.93
CA GLN D 569 -17.64 5.07 -28.53
C GLN D 569 -16.86 5.96 -27.57
N THR D 570 -17.17 7.26 -27.64
CA THR D 570 -16.67 8.27 -26.78
C THR D 570 -17.80 8.87 -26.00
N TYR D 571 -17.48 9.29 -24.80
CA TYR D 571 -18.44 9.87 -23.89
C TYR D 571 -17.71 10.98 -23.18
N ASP D 572 -18.45 11.82 -22.47
CA ASP D 572 -17.78 12.78 -21.59
C ASP D 572 -16.78 12.10 -20.64
N ALA D 573 -17.18 10.99 -19.95
CA ALA D 573 -16.39 10.47 -18.84
C ALA D 573 -15.43 9.29 -19.18
N GLY D 574 -15.41 8.88 -20.44
CA GLY D 574 -14.56 7.83 -20.91
C GLY D 574 -15.00 7.26 -22.25
N ALA D 575 -14.65 6.01 -22.54
CA ALA D 575 -14.83 5.42 -23.86
C ALA D 575 -15.23 3.96 -23.77
N CYS D 576 -15.80 3.45 -24.86
CA CYS D 576 -16.10 2.03 -24.96
C CYS D 576 -14.97 1.36 -25.73
N ILE D 577 -14.50 0.23 -25.25
CA ILE D 577 -13.37 -0.46 -25.88
C ILE D 577 -13.75 -1.88 -26.20
N TYR D 578 -13.46 -2.26 -27.43
CA TYR D 578 -13.71 -3.63 -27.92
C TYR D 578 -12.42 -4.40 -28.00
N PHE D 579 -12.44 -5.63 -27.52
CA PHE D 579 -11.34 -6.54 -27.74
C PHE D 579 -11.79 -7.68 -28.67
N TYR D 580 -10.85 -8.11 -29.50
CA TYR D 580 -11.05 -9.26 -30.33
C TYR D 580 -9.93 -10.26 -30.01
N PHE D 581 -10.33 -11.50 -29.83
CA PHE D 581 -9.48 -12.55 -29.38
C PHE D 581 -9.78 -13.77 -30.26
N ALA D 582 -8.75 -14.32 -30.92
CA ALA D 582 -8.87 -15.61 -31.61
C ALA D 582 -7.57 -16.40 -31.58
N PHE D 583 -7.70 -17.72 -31.69
CA PHE D 583 -6.55 -18.60 -31.68
C PHE D 583 -6.86 -19.92 -32.40
N ASN D 584 -5.85 -20.43 -33.11
CA ASN D 584 -5.84 -21.82 -33.61
C ASN D 584 -5.81 -22.74 -32.40
N TYR D 585 -6.83 -23.58 -32.25
CA TYR D 585 -6.88 -24.53 -31.13
C TYR D 585 -6.50 -25.97 -31.52
N ARG D 586 -5.95 -26.18 -32.72
CA ARG D 586 -5.83 -27.56 -33.24
C ARG D 586 -4.93 -28.41 -32.35
N GLY D 587 -5.43 -29.55 -31.91
CA GLY D 587 -4.75 -30.34 -30.88
C GLY D 587 -4.43 -29.58 -29.59
N ILE D 588 -5.45 -28.92 -29.02
CA ILE D 588 -5.49 -28.57 -27.60
C ILE D 588 -6.53 -29.51 -27.02
N SER D 589 -6.24 -30.11 -25.86
CA SER D 589 -7.14 -31.09 -25.22
C SER D 589 -8.58 -30.64 -25.12
N ASP D 590 -8.85 -29.67 -24.25
CA ASP D 590 -10.20 -29.17 -24.02
C ASP D 590 -10.26 -27.73 -24.58
N PRO D 591 -10.61 -27.56 -25.88
CA PRO D 591 -10.41 -26.21 -26.41
C PRO D 591 -11.42 -25.18 -25.88
N LEU D 592 -12.55 -25.64 -25.34
CA LEU D 592 -13.55 -24.76 -24.72
C LEU D 592 -13.18 -24.32 -23.31
N ALA D 593 -12.55 -25.18 -22.52
CA ALA D 593 -12.10 -24.75 -21.20
C ALA D 593 -11.03 -23.65 -21.36
N VAL D 594 -10.13 -23.82 -22.32
CA VAL D 594 -9.08 -22.84 -22.53
C VAL D 594 -9.64 -21.46 -22.95
N PHE D 595 -10.58 -21.45 -23.90
CA PHE D 595 -11.29 -20.23 -24.25
C PHE D 595 -11.95 -19.59 -23.03
N GLU D 596 -12.79 -20.37 -22.34
CA GLU D 596 -13.53 -19.92 -21.17
C GLU D 596 -12.57 -19.28 -20.15
N GLN D 597 -11.54 -20.03 -19.75
CA GLN D 597 -10.55 -19.58 -18.75
C GLN D 597 -9.88 -18.29 -19.16
N THR D 598 -9.45 -18.23 -20.41
CA THR D 598 -8.81 -17.03 -20.90
C THR D 598 -9.79 -15.83 -20.94
N GLU D 599 -10.99 -16.05 -21.46
CA GLU D 599 -12.04 -14.99 -21.46
C GLU D 599 -12.32 -14.43 -20.07
N ALA D 600 -12.51 -15.33 -19.10
CA ALA D 600 -12.73 -14.92 -17.71
C ALA D 600 -11.49 -14.21 -17.14
N ALA D 601 -10.28 -14.60 -17.55
CA ALA D 601 -9.06 -13.89 -17.15
C ALA D 601 -8.97 -12.51 -17.77
N ALA D 602 -9.25 -12.41 -19.07
CA ALA D 602 -9.41 -11.10 -19.73
C ALA D 602 -10.42 -10.21 -18.99
N ARG D 603 -11.53 -10.78 -18.55
CA ARG D 603 -12.52 -10.02 -17.78
C ARG D 603 -11.94 -9.48 -16.47
N GLU D 604 -11.22 -10.33 -15.74
CA GLU D 604 -10.60 -9.91 -14.44
C GLU D 604 -9.62 -8.75 -14.61
N GLU D 605 -8.78 -8.90 -15.59
CA GLU D 605 -7.90 -7.86 -16.04
C GLU D 605 -8.69 -6.59 -16.34
N ILE D 606 -9.72 -6.67 -17.18
CA ILE D 606 -10.54 -5.46 -17.46
C ILE D 606 -10.93 -4.75 -16.18
N LEU D 607 -11.52 -5.47 -15.21
CA LEU D 607 -12.00 -4.93 -13.96
C LEU D 607 -10.91 -4.32 -13.12
N ALA D 608 -9.74 -4.96 -13.09
CA ALA D 608 -8.61 -4.47 -12.31
C ALA D 608 -7.99 -3.24 -12.95
N ASN D 609 -8.24 -3.00 -14.24
CA ASN D 609 -7.78 -1.75 -14.88
C ASN D 609 -8.80 -0.64 -14.94
N GLY D 610 -9.81 -0.71 -14.09
CA GLY D 610 -10.86 0.30 -14.02
C GLY D 610 -11.95 0.18 -15.06
N GLY D 611 -12.04 -0.97 -15.76
CA GLY D 611 -13.14 -1.22 -16.69
C GLY D 611 -14.43 -1.72 -16.07
N SER D 612 -15.53 -1.46 -16.78
CA SER D 612 -16.78 -1.97 -16.38
C SER D 612 -16.89 -3.49 -16.73
N LEU D 613 -17.86 -4.14 -16.09
CA LEU D 613 -18.19 -5.49 -16.38
C LEU D 613 -18.77 -5.59 -17.80
N SER D 614 -19.54 -4.60 -18.23
CA SER D 614 -20.03 -4.52 -19.62
C SER D 614 -20.44 -3.11 -19.91
N HIS D 615 -20.09 -2.61 -21.10
CA HIS D 615 -20.66 -1.45 -21.64
C HIS D 615 -22.09 -1.65 -22.22
N HIS D 616 -22.30 -2.66 -23.06
CA HIS D 616 -23.64 -2.91 -23.69
C HIS D 616 -24.09 -4.35 -23.78
N HIS D 617 -23.19 -5.35 -23.78
CA HIS D 617 -23.60 -6.76 -23.92
C HIS D 617 -24.40 -7.26 -22.72
N GLY D 618 -24.21 -6.65 -21.55
CA GLY D 618 -24.94 -7.09 -20.37
C GLY D 618 -24.25 -8.19 -19.63
N VAL D 619 -24.98 -8.76 -18.69
CA VAL D 619 -24.43 -9.65 -17.67
C VAL D 619 -24.89 -11.09 -17.89
N GLY D 620 -26.17 -11.27 -18.17
CA GLY D 620 -26.79 -12.61 -18.32
C GLY D 620 -26.38 -13.60 -17.22
N LYS D 621 -25.93 -14.81 -17.63
CA LYS D 621 -25.21 -15.71 -16.70
C LYS D 621 -23.75 -15.80 -16.90
N LEU D 622 -23.22 -15.25 -17.99
CA LEU D 622 -21.80 -15.25 -18.25
C LEU D 622 -20.98 -14.38 -17.30
N ARG D 623 -21.54 -13.24 -16.86
CA ARG D 623 -20.83 -12.33 -15.96
C ARG D 623 -21.44 -12.19 -14.59
N LYS D 624 -22.38 -13.05 -14.26
CA LYS D 624 -23.09 -13.06 -12.96
C LYS D 624 -22.17 -12.88 -11.77
N GLN D 625 -21.14 -13.71 -11.76
CA GLN D 625 -20.24 -13.82 -10.65
C GLN D 625 -19.63 -12.50 -10.23
N TRP D 626 -19.48 -11.55 -11.13
CA TRP D 626 -18.90 -10.24 -10.82
C TRP D 626 -19.92 -9.12 -10.49
N LEU D 627 -21.20 -9.36 -10.71
CA LEU D 627 -22.20 -8.32 -10.50
C LEU D 627 -22.20 -7.69 -9.09
N LYS D 628 -22.30 -8.51 -8.05
CA LYS D 628 -22.38 -7.99 -6.66
C LYS D 628 -21.21 -7.03 -6.30
N GLU D 629 -20.02 -7.39 -6.76
CA GLU D 629 -18.89 -6.50 -6.60
C GLU D 629 -19.05 -5.26 -7.43
N SER D 630 -19.58 -5.39 -8.65
CA SER D 630 -19.83 -4.22 -9.50
C SER D 630 -20.76 -3.16 -8.94
N ILE D 631 -21.82 -3.58 -8.27
CA ILE D 631 -22.92 -2.68 -7.89
C ILE D 631 -23.14 -2.62 -6.39
N SER D 632 -22.22 -3.26 -5.64
CA SER D 632 -22.26 -3.38 -4.17
C SER D 632 -23.32 -4.37 -3.71
N ASP D 633 -23.09 -4.88 -2.49
CA ASP D 633 -24.00 -5.88 -1.90
C ASP D 633 -25.38 -5.27 -1.77
N VAL D 634 -25.50 -4.01 -1.28
CA VAL D 634 -26.83 -3.41 -1.11
C VAL D 634 -27.58 -3.24 -2.44
N GLY D 635 -26.85 -2.74 -3.46
CA GLY D 635 -27.32 -2.68 -4.86
C GLY D 635 -27.92 -3.98 -5.35
N PHE D 636 -27.14 -5.02 -5.19
CA PHE D 636 -27.56 -6.41 -5.44
C PHE D 636 -28.80 -6.73 -4.68
N GLY D 637 -28.82 -6.44 -3.38
CA GLY D 637 -30.04 -6.75 -2.59
C GLY D 637 -31.27 -5.95 -3.03
N MET D 638 -31.05 -4.76 -3.61
CA MET D 638 -32.19 -3.99 -4.07
C MET D 638 -32.76 -4.61 -5.31
N LEU D 639 -31.90 -5.16 -6.18
CA LEU D 639 -32.37 -5.91 -7.38
C LEU D 639 -33.18 -7.15 -6.97
N LYS D 640 -32.67 -7.83 -5.97
CA LYS D 640 -33.38 -9.02 -5.44
C LYS D 640 -34.75 -8.66 -4.91
N SER D 641 -34.87 -7.55 -4.23
CA SER D 641 -36.16 -7.14 -3.64
C SER D 641 -37.22 -6.88 -4.68
N VAL D 642 -36.82 -6.25 -5.79
CA VAL D 642 -37.73 -5.98 -6.88
C VAL D 642 -38.11 -7.28 -7.58
N LYS D 643 -37.16 -8.20 -7.76
CA LYS D 643 -37.47 -9.56 -8.32
C LYS D 643 -38.48 -10.33 -7.47
N ASP D 644 -38.23 -10.35 -6.17
CA ASP D 644 -39.06 -11.14 -5.29
C ASP D 644 -40.41 -10.48 -5.13
N TYR D 645 -40.57 -9.16 -5.32
CA TYR D 645 -41.92 -8.58 -5.29
C TYR D 645 -42.67 -8.86 -6.62
N VAL D 646 -42.03 -8.51 -7.71
CA VAL D 646 -42.58 -8.66 -9.05
C VAL D 646 -42.76 -10.14 -9.48
N ASP D 647 -41.82 -11.00 -9.11
CA ASP D 647 -41.83 -12.41 -9.57
C ASP D 647 -41.57 -13.35 -8.39
N PRO D 648 -42.51 -13.36 -7.46
CA PRO D 648 -42.19 -14.01 -6.17
C PRO D 648 -41.84 -15.53 -6.26
N THR D 649 -42.43 -16.26 -7.22
CA THR D 649 -42.10 -17.70 -7.40
C THR D 649 -41.09 -17.96 -8.50
N ASN D 650 -40.40 -16.92 -8.98
CA ASN D 650 -39.37 -17.07 -10.00
C ASN D 650 -39.86 -17.71 -11.29
N ILE D 651 -41.02 -17.31 -11.77
CA ILE D 651 -41.50 -17.71 -13.07
C ILE D 651 -40.62 -17.23 -14.24
N PHE D 652 -40.11 -16.00 -14.17
CA PHE D 652 -39.10 -15.56 -15.16
C PHE D 652 -37.75 -16.05 -14.71
N GLY D 653 -37.49 -17.32 -15.07
CA GLY D 653 -36.50 -18.16 -14.41
C GLY D 653 -35.23 -18.35 -15.13
N ASN D 654 -34.89 -17.44 -16.05
CA ASN D 654 -33.62 -17.59 -16.76
C ASN D 654 -32.41 -17.54 -15.84
N ARG D 655 -32.62 -17.07 -14.61
CA ARG D 655 -31.60 -16.83 -13.62
C ARG D 655 -30.51 -15.92 -14.07
N ASN D 656 -30.82 -14.95 -14.94
CA ASN D 656 -29.81 -13.94 -15.29
C ASN D 656 -29.57 -13.01 -14.08
N LEU D 657 -28.34 -12.51 -13.91
CA LEU D 657 -28.07 -11.39 -12.99
C LEU D 657 -27.88 -11.84 -11.55
N LEU D 658 -28.97 -12.27 -10.92
CA LEU D 658 -28.95 -12.71 -9.53
C LEU D 658 -29.02 -14.22 -9.46
C AWB E . 7.28 -1.99 6.12
N AWB E . 11.19 1.02 -2.92
O AWB E . 7.69 0.45 -2.83
C1 AWB E . 6.69 -2.80 4.99
N1 AWB E . 15.43 4.07 -2.77
O1 AWB E . 8.95 2.36 -2.27
C2 AWB E . 7.16 -2.43 3.56
O2 AWB E . 9.04 -0.70 -0.41
C3 AWB E . 6.01 -2.38 2.55
O3 AWB E . 8.11 -2.24 -1.86
C4 AWB E . 6.38 -3.02 1.21
O4 AWB E . 10.90 0.78 -5.15
C5 AWB E . 5.76 -2.22 0.04
O5 AWB E . 17.52 4.63 -2.02
C6 AWB E . 6.57 -1.01 -0.48
O6 AWB E . 13.12 2.63 -2.09
C7 AWB E . 5.81 -0.22 -1.56
O7 AWB E . 4.59 0.27 -0.98
C8 AWB E . 6.58 0.98 -2.11
O8 AWB E . 3.50 -0.95 -2.63
C9 AWB E . 8.92 1.12 -2.51
C10 AWB E . 10.10 0.20 -2.50
C11 AWB E . 10.27 -0.49 -1.10
C12 AWB E . 7.93 -1.40 -0.99
C13 AWB E . 11.11 0.29 -0.06
C14 AWB E . 11.47 1.32 -4.22
C15 AWB E . 12.64 2.20 -4.52
C16 AWB E . 13.45 2.80 -3.42
C17 AWB E . 14.63 3.62 -3.80
C18 AWB E . 14.92 3.76 -5.20
C19 AWB E . 14.13 3.17 -6.19
C20 AWB E . 13.01 2.40 -5.85
C21 AWB E . 16.76 4.36 -2.94
C22 AWB E . 5.89 1.95 -3.07
C23 AWB E . 3.43 -0.38 -1.55
C24 AWB E . 2.09 -0.36 -0.84
C25 AWB E . 1.36 0.93 -1.21
C26 AWB E . 2.02 1.79 -2.30
C27 AWB E . -0.11 0.67 -1.56
PA FAD F . 10.43 -2.36 21.16
O1A FAD F . 9.86 -1.45 22.17
O2A FAD F . 9.81 -2.72 19.87
O5B FAD F . 10.96 -3.71 21.85
C5B FAD F . 11.65 -4.74 21.14
C4B FAD F . 12.06 -5.85 22.08
O4B FAD F . 12.95 -5.27 23.04
C3B FAD F . 10.88 -6.42 22.84
O3B FAD F . 11.01 -7.81 23.09
C2B FAD F . 10.93 -5.69 24.17
O2B FAD F . 10.38 -6.44 25.24
C1B FAD F . 12.43 -5.50 24.35
N9A FAD F . 12.89 -4.28 25.05
C8A FAD F . 12.61 -3.02 24.70
N7A FAD F . 13.25 -2.12 25.49
C5A FAD F . 13.96 -2.85 26.36
C6A FAD F . 14.86 -2.57 27.46
N6A FAD F . 15.14 -1.30 27.82
N1A FAD F . 15.40 -3.61 28.10
C2A FAD F . 15.14 -4.88 27.76
N3A FAD F . 14.31 -5.20 26.81
C4A FAD F . 13.72 -4.25 26.07
N1 FAD F . 15.50 -2.75 12.99
C2 FAD F . 16.80 -2.60 12.64
O2 FAD F . 17.69 -3.22 13.24
N3 FAD F . 17.18 -1.78 11.60
C4 FAD F . 16.32 -1.08 10.84
O4 FAD F . 16.72 -0.35 9.88
C4X FAD F . 14.91 -1.18 11.17
N5 FAD F . 14.00 -0.46 10.48
C5X FAD F . 12.67 -0.55 10.81
C6 FAD F . 11.71 0.13 10.10
C7 FAD F . 10.35 0.05 10.45
C7M FAD F . 9.26 0.76 9.70
C8 FAD F . 9.91 -0.84 11.60
C8M FAD F . 8.47 -1.00 11.99
C9 FAD F . 10.87 -1.52 12.29
C9A FAD F . 12.22 -1.46 11.97
N10 FAD F . 13.16 -2.19 12.72
C10 FAD F . 14.53 -2.08 12.34
C1' FAD F . 12.76 -3.11 13.85
C2' FAD F . 12.81 -2.43 15.22
O2' FAD F . 12.68 -1.00 15.12
C3' FAD F . 14.15 -2.70 15.88
O3' FAD F . 14.28 -4.15 16.02
C4' FAD F . 14.38 -1.88 17.14
O4' FAD F . 15.62 -2.19 17.75
C5' FAD F . 13.32 -1.98 18.25
O5' FAD F . 13.46 -0.84 19.10
P FAD F . 12.25 -0.37 19.97
O1P FAD F . 11.03 -0.22 19.16
O2P FAD F . 12.77 0.69 20.93
O3P FAD F . 11.92 -1.74 20.83
S SO4 G . 32.72 -6.24 8.00
O1 SO4 G . 34.09 -5.65 7.95
O2 SO4 G . 32.69 -7.71 7.84
O3 SO4 G . 31.99 -5.55 6.91
O4 SO4 G . 32.13 -5.94 9.33
C AWB H . 58.95 -12.01 27.45
N AWB H . 61.95 -3.55 24.11
O AWB H . 63.85 -5.39 26.45
C1 AWB H . 59.72 -11.40 28.61
N1 AWB H . 60.60 -2.41 19.37
O1 AWB H . 63.46 -5.79 24.20
C2 AWB H . 59.83 -9.89 28.61
O2 AWB H . 60.94 -6.29 26.47
C3 AWB H . 60.27 -9.46 30.01
O3 AWB H . 61.53 -5.08 28.32
C4 AWB H . 60.60 -7.98 30.01
O4 AWB H . 62.58 -1.52 24.87
C5 AWB H . 62.07 -7.74 29.64
O5 AWB H . 58.82 -2.03 18.09
C6 AWB H . 62.37 -7.35 28.19
O6 AWB H . 60.87 -3.59 21.83
C7 AWB H . 63.87 -7.10 28.01
O7 AWB H . 64.56 -8.32 28.24
C8 AWB H . 64.32 -6.69 26.63
O8 AWB H . 65.70 -7.15 29.87
C9 AWB H . 63.12 -5.22 25.24
C10 AWB H . 61.95 -4.29 25.34
C11 AWB H . 60.69 -5.12 25.66
C12 AWB H . 61.59 -6.14 27.73
C13 AWB H . 59.92 -5.65 24.44
C14 AWB H . 62.32 -2.30 23.95
C15 AWB H . 62.28 -1.72 22.58
C16 AWB H . 61.50 -2.40 21.56
C17 AWB H . 61.46 -1.81 20.23
C18 AWB H . 62.09 -0.57 20.01
C19 AWB H . 62.80 0.05 21.01
C20 AWB H . 62.88 -0.52 22.28
C21 AWB H . 59.83 -1.60 18.61
C22 AWB H . 65.82 -6.53 26.43
C23 AWB H . 65.34 -8.22 29.46
C24 AWB H . 65.75 -9.43 30.23
C25 AWB H . 66.90 -10.08 29.48
C26 AWB H . 67.70 -9.26 28.48
C27 AWB H . 67.87 -10.70 30.47
PA FAD I . 47.02 -22.90 25.05
O1A FAD I . 47.36 -24.29 24.58
O2A FAD I . 47.95 -22.13 25.89
O5B FAD I . 45.55 -22.93 25.68
C5B FAD I . 45.04 -21.73 26.28
C4B FAD I . 43.71 -22.01 26.92
O4B FAD I . 42.77 -22.49 25.94
C3B FAD I . 43.80 -23.12 27.93
O3B FAD I . 42.80 -22.87 28.89
C2B FAD I . 43.37 -24.34 27.18
O2B FAD I . 42.79 -25.20 28.13
C1B FAD I . 42.37 -23.87 26.13
N9A FAD I . 42.36 -24.48 24.76
C8A FAD I . 43.40 -24.58 23.90
N7A FAD I . 43.05 -25.15 22.74
C5A FAD I . 41.73 -25.37 22.82
C6A FAD I . 40.67 -25.89 21.93
N6A FAD I . 40.88 -26.33 20.70
N1A FAD I . 39.44 -25.96 22.45
C2A FAD I . 39.09 -25.54 23.71
N3A FAD I . 39.98 -25.03 24.53
C4A FAD I . 41.30 -24.93 24.16
N1 FAD I . 48.15 -13.54 23.24
C2 FAD I . 47.55 -12.66 22.46
O2 FAD I . 46.29 -12.61 22.47
N3 FAD I . 48.27 -11.84 21.70
C4 FAD I . 49.59 -11.86 21.64
O4 FAD I . 50.17 -11.03 20.84
C4X FAD I . 50.31 -12.81 22.50
N5 FAD I . 51.64 -12.95 22.51
C5X FAD I . 52.26 -13.81 23.32
C6 FAD I . 53.65 -13.93 23.29
C7 FAD I . 54.31 -14.85 24.10
C7M FAD I . 55.82 -14.94 24.11
C8 FAD I . 53.51 -15.75 24.97
C8M FAD I . 54.13 -16.76 25.85
C9 FAD I . 52.15 -15.67 24.96
C9A FAD I . 51.47 -14.74 24.18
N10 FAD I . 50.07 -14.66 24.18
C10 FAD I . 49.49 -13.70 23.34
C1' FAD I . 49.22 -15.56 25.02
C2' FAD I . 48.88 -16.84 24.22
O2' FAD I . 49.80 -17.01 23.13
C3' FAD I . 47.44 -16.75 23.63
O3' FAD I . 46.50 -16.57 24.69
C4' FAD I . 47.06 -17.89 22.69
O4' FAD I . 45.80 -17.59 22.15
C5' FAD I . 46.99 -19.25 23.35
O5' FAD I . 46.95 -20.25 22.37
P FAD I . 47.60 -21.68 22.44
O1P FAD I . 49.00 -21.48 22.83
O2P FAD I . 47.15 -22.48 21.23
O3P FAD I . 46.70 -22.07 23.71
S SO4 J . 38.06 0.16 17.06
O1 SO4 J . 37.86 -1.30 17.22
O2 SO4 J . 37.35 0.81 18.21
O3 SO4 J . 37.56 0.65 15.72
O4 SO4 J . 39.51 0.44 17.01
C AWB K . -42.07 31.98 -6.32
N AWB K . -42.54 36.95 -14.28
O AWB K . -44.46 37.95 -11.44
C1 AWB K . -43.39 31.80 -7.05
N1 AWB K . -38.13 37.61 -16.93
O1 AWB K . -42.18 38.18 -11.89
C2 AWB K . -44.07 33.14 -7.42
O2 AWB K . -43.50 35.15 -11.19
C3 AWB K . -45.58 32.99 -7.50
O3 AWB K . -45.86 35.33 -11.41
C4 AWB K . -46.18 33.70 -8.67
O4 AWB K . -44.09 37.85 -15.58
C5 AWB K . -46.09 35.20 -8.49
O5 AWB K . -36.22 37.74 -15.77
C6 AWB K . -44.97 35.89 -9.28
O6 AWB K . -40.15 36.78 -15.01
C7 AWB K . -45.22 37.40 -9.27
O7 AWB K . -45.18 37.88 -7.93
C8 AWB K . -44.25 38.25 -10.08
O8 AWB K . -47.35 38.62 -8.07
C9 AWB K . -43.26 37.64 -12.14
C10 AWB K . -43.44 36.59 -13.19
C11 AWB K . -43.22 35.20 -12.60
C12 AWB K . -44.86 35.44 -10.70
C13 AWB K . -41.81 34.69 -12.77
C14 AWB K . -42.92 37.59 -15.35
C15 AWB K . -41.86 37.96 -16.28
C16 AWB K . -40.47 37.51 -16.08
C17 AWB K . -39.46 37.86 -17.07
C18 AWB K . -39.84 38.68 -18.14
C19 AWB K . -41.16 39.08 -18.32
C20 AWB K . -42.14 38.71 -17.41
C21 AWB K . -37.45 37.47 -15.80
C22 AWB K . -44.48 39.74 -9.90
C23 AWB K . -46.46 38.21 -7.36
C24 AWB K . -46.62 38.02 -5.86
C25 AWB K . -46.41 39.37 -5.15
C26 AWB K . -47.73 40.11 -5.01
C27 AWB K . -45.42 40.34 -5.79
PA FAD L . -33.73 19.86 0.56
O1A FAD L . -32.84 20.01 1.73
O2A FAD L . -35.00 20.61 0.36
O5B FAD L . -34.09 18.31 0.50
C5B FAD L . -34.89 17.83 -0.63
C4B FAD L . -35.30 16.38 -0.45
O4B FAD L . -34.13 15.63 -0.53
C3B FAD L . -35.80 16.02 0.94
O3B FAD L . -36.65 14.92 0.96
C2B FAD L . -34.63 15.55 1.78
O2B FAD L . -34.90 14.61 2.84
C1B FAD L . -33.80 14.92 0.69
N9A FAD L . -32.36 15.11 0.82
C8A FAD L . -31.70 16.28 0.87
N7A FAD L . -30.37 16.05 0.94
C5A FAD L . -30.22 14.71 0.90
C6A FAD L . -29.12 13.78 0.87
N6A FAD L . -27.87 14.25 0.97
N1A FAD L . -29.34 12.44 0.86
C2A FAD L . -30.58 11.96 0.78
N3A FAD L . -31.64 12.77 0.76
C4A FAD L . -31.52 14.11 0.81
N1 FAD L . -35.74 22.56 -8.52
C2 FAD L . -35.25 22.31 -9.75
O2 FAD L . -35.05 21.11 -10.10
N3 FAD L . -34.94 23.32 -10.57
C4 FAD L . -35.12 24.58 -10.28
O4 FAD L . -34.74 25.38 -11.12
C4X FAD L . -35.63 24.96 -8.96
N5 FAD L . -35.86 26.22 -8.59
C5X FAD L . -36.33 26.50 -7.39
C6 FAD L . -36.47 27.83 -7.01
C7 FAD L . -37.02 28.12 -5.78
C7M FAD L . -37.22 29.55 -5.33
C8 FAD L . -37.35 27.04 -4.83
C8M FAD L . -37.90 27.34 -3.45
C9 FAD L . -37.14 25.73 -5.18
C9A FAD L . -36.67 25.42 -6.42
N10 FAD L . -36.49 24.07 -6.81
C10 FAD L . -35.96 23.83 -8.08
C1' FAD L . -36.74 22.95 -5.91
C2' FAD L . -35.52 22.62 -5.04
O2' FAD L . -34.48 23.60 -4.89
C3' FAD L . -34.82 21.43 -5.59
O3' FAD L . -35.65 20.30 -5.48
C4' FAD L . -33.52 21.09 -4.89
O4' FAD L . -33.08 19.92 -5.49
C5' FAD L . -33.61 20.80 -3.41
O5' FAD L . -32.24 20.77 -2.96
P FAD L . -31.96 21.06 -1.45
O1P FAD L . -32.58 22.36 -1.08
O2P FAD L . -30.43 20.78 -1.17
O3P FAD L . -32.76 19.90 -0.71
C AWB M . -17.65 -12.00 -32.30
N AWB M . -11.65 -6.05 -38.02
O AWB M . -10.88 -9.53 -38.04
C1 AWB M . -17.09 -11.74 -33.69
N1 AWB M . -13.64 -2.09 -40.89
O1 AWB M . -12.29 -8.28 -39.37
C2 AWB M . -15.61 -11.26 -33.69
O2 AWB M . -12.97 -8.91 -36.06
C3 AWB M . -14.58 -12.36 -34.06
O3 AWB M . -10.95 -9.63 -35.11
C4 AWB M . -13.14 -11.95 -33.74
O4 AWB M . -9.42 -5.58 -38.08
C5 AWB M . -12.21 -12.25 -34.91
O5 AWB M . -15.81 -2.17 -41.34
C6 AWB M . -12.35 -11.29 -36.11
O6 AWB M . -13.22 -4.40 -39.05
C7 AWB M . -11.45 -11.65 -37.30
O7 AWB M . -11.80 -12.93 -37.75
C8 AWB M . -11.52 -10.71 -38.50
O8 AWB M . -9.52 -13.60 -38.02
C9 AWB M . -11.64 -8.37 -38.32
C10 AWB M . -11.56 -7.31 -37.28
C11 AWB M . -12.59 -7.55 -36.14
C12 AWB M . -12.00 -9.91 -35.68
C13 AWB M . -13.92 -6.85 -36.33
C14 AWB M . -10.59 -5.31 -38.40
C15 AWB M . -10.83 -4.13 -39.28
C16 AWB M . -12.21 -3.70 -39.60
C17 AWB M . -12.42 -2.56 -40.48
C18 AWB M . -11.27 -1.90 -40.97
C19 AWB M . -9.98 -2.31 -40.63
C20 AWB M . -9.77 -3.41 -39.81
C21 AWB M . -14.84 -2.66 -40.78
C22 AWB M . -10.79 -11.09 -39.80
C23 AWB M . -10.64 -13.81 -37.59
C24 AWB M . -10.84 -15.08 -36.88
C25 AWB M . -12.02 -15.64 -37.61
C26 AWB M . -11.68 -15.79 -39.11
C27 AWB M . -12.33 -16.86 -36.78
PA FAD N . -32.51 -11.85 -27.10
O1A FAD N . -33.70 -12.52 -27.66
O2A FAD N . -31.14 -12.42 -27.26
O5B FAD N . -32.75 -11.72 -25.54
C5B FAD N . -31.83 -10.96 -24.77
C4B FAD N . -32.32 -11.01 -23.31
O4B FAD N . -33.52 -10.24 -23.12
C3B FAD N . -32.65 -12.36 -22.83
O3B FAD N . -32.34 -12.49 -21.47
C2B FAD N . -34.14 -12.48 -22.97
O2B FAD N . -34.67 -13.42 -22.01
C1B FAD N . -34.60 -11.06 -22.71
N9A FAD N . -35.70 -10.55 -23.56
C8A FAD N . -35.77 -10.50 -24.92
N7A FAD N . -36.93 -9.98 -25.31
C5A FAD N . -37.61 -9.63 -24.19
C6A FAD N . -38.86 -8.97 -23.86
N6A FAD N . -39.68 -8.58 -24.86
N1A FAD N . -39.19 -8.85 -22.54
C2A FAD N . -38.34 -9.21 -21.58
N3A FAD N . -37.18 -9.79 -21.78
C4A FAD N . -36.78 -10.00 -23.05
N1 FAD N . -25.47 -5.39 -28.64
C2 FAD N . -25.44 -4.07 -28.61
O2 FAD N . -25.98 -3.49 -27.61
N3 FAD N . -24.85 -3.41 -29.62
C4 FAD N . -24.31 -3.97 -30.67
O4 FAD N . -23.79 -3.24 -31.59
C4X FAD N . -24.37 -5.41 -30.75
N5 FAD N . -23.88 -6.12 -31.81
C5X FAD N . -23.91 -7.46 -31.83
C6 FAD N . -23.36 -8.18 -32.93
C7 FAD N . -23.44 -9.58 -32.96
C7M FAD N . -22.87 -10.36 -34.09
C8 FAD N . -24.11 -10.32 -31.86
C8M FAD N . -24.20 -11.83 -31.84
C9 FAD N . -24.66 -9.59 -30.81
C9A FAD N . -24.58 -8.21 -30.72
N10 FAD N . -25.14 -7.53 -29.64
C10 FAD N . -25.01 -6.11 -29.65
C1' FAD N . -25.80 -8.21 -28.46
C2' FAD N . -27.33 -8.34 -28.71
O2' FAD N . -27.71 -8.16 -30.10
C3' FAD N . -28.05 -7.31 -27.87
O3' FAD N . -27.76 -7.57 -26.50
C4' FAD N . -29.57 -7.24 -28.16
O4' FAD N . -30.07 -6.12 -27.42
C5' FAD N . -30.41 -8.47 -27.86
O5' FAD N . -31.62 -8.39 -28.67
P FAD N . -32.46 -9.66 -29.00
O1P FAD N . -31.62 -10.59 -29.72
O2P FAD N . -33.86 -9.17 -29.44
O3P FAD N . -32.63 -10.31 -27.56
S SO4 O . -21.94 11.71 -23.31
O1 SO4 O . -22.65 13.02 -23.45
O2 SO4 O . -22.88 10.71 -22.78
O3 SO4 O . -20.93 11.83 -22.26
O4 SO4 O . -21.39 11.36 -24.64
#